data_9DXT
#
_entry.id   9DXT
#
_cell.length_a   1.00
_cell.length_b   1.00
_cell.length_c   1.00
_cell.angle_alpha   90.00
_cell.angle_beta   90.00
_cell.angle_gamma   90.00
#
_symmetry.space_group_name_H-M   'P 1'
#
loop_
_entity.id
_entity.type
_entity.pdbx_description
1 polymer 'Glutamate receptor ionotropic, kainate 2'
2 non-polymer '4-cyclopropyl-7-fluoro-3,4-dihydro-2H-1,2,4-benzothiadiazine 1,1-dioxide'
3 non-polymer '(2S)-3-(hexadecanoyloxy)-2-[(9Z)-octadec-9-enoyloxy]propyl 2-(trimethylammonio)ethyl phosphate'
4 non-polymer 2-acetamido-2-deoxy-beta-D-glucopyranose
5 non-polymer CHOLESTEROL
6 non-polymer 1-deoxy-alpha-D-mannopyranose
7 non-polymer "N,N'-[butane-1,4-diylbis(azanediylpropane-3,1-diyl)]bis[3-(3,4-dihydroxyphenyl)propanamide]"
#
_entity_poly.entity_id   1
_entity_poly.type   'polypeptide(L)'
_entity_poly.pdbx_seq_one_letter_code
;MKIISPVLSNLVFSRSIKVLLCLLWIGYSQGTTHVLRFGGIFEYVESGPMGAEELAFRFAVNTINRNRTLLPNTTLTYDT
QKINLYDSFEASKKACDQLSLGVAAIFGPSHSSSANAVQSICNALGVPHIQTRWKHQVSDNKDSFYVSLYPDFSSLSRAI
LDLVQFFKWKTVTVVYDDSTGLIRLQELIKAPSRYNLRLKIRQLPADTKDAKPLLKEMKRGKEFHVIFDCSHEMAAGILK
QALAMGMMTEYYHYIFTTLDLFALDVEPYRYSGVNMTGFRILNTENTQVSSIIEKWSMERLQAPPKPDSGLLDGFMTTDA
ALMYDAVHVVSVAVQQFPQMTVSSLQCNRHKPWRFGTRFMSLIKEAHWEGLTGRITFNKTNGLRTDFDLDVISLKEEGLE
KIGTWDPASGLNMTESQKGKPANITDSLSNRSLIVTTILEEPYVLFKKSDKPLYGNDRFEGYCIDLLRELSTILGFTYEI
RLVEDGKYGAQDDVNGQWNGMVRELIDHKADLAVAPLAITYVREKVIDFSKPFMTLGISILYRKPNGTNPGVFSFLNPLS
PDIWMYVLLACLGVSCVLFVIARFSPYEWYNPHPCNPDSDVVENNFTLLNSFWFGVGALMQQGSELMPKALSTRIVGGIW
WFFTLIIISSYTANLAAFLTVERMESPIDSADDLAKQTKIEYGAVEDGATMTFFKKSKISTYDKMWAFMSSRRQSVLVKS
NEEGIQRVLTSDYAFLMESTTIEFVTQRNCNLTQIGGLIDSKGYGVGTPMGSPYRDKITIAILQLQEEGKLHMMKEKWWR
GNGCPEEESKEASALGVQNIGGIFIVLAAGLVLSVFVAVGEFLYKSKKNAQLEKRSFCSAMVEELRMSLKCQRRLKHKPQ
APVIVKTEEVINMHTFNDRRLPGKETMA
;
_entity_poly.pdbx_strand_id   A,B,C,D
#
# COMPACT_ATOMS: atom_id res chain seq x y z
N SER A 429 -61.43 -25.32 25.74
CA SER A 429 -61.15 -23.94 26.23
C SER A 429 -60.54 -23.12 25.12
N ASN A 430 -60.66 -21.79 25.21
CA ASN A 430 -59.99 -20.89 24.27
C ASN A 430 -58.93 -20.03 24.93
N ARG A 431 -59.32 -19.20 25.90
CA ARG A 431 -58.50 -18.20 26.59
C ARG A 431 -57.99 -17.07 25.69
N SER A 432 -58.14 -17.20 24.37
CA SER A 432 -57.49 -16.40 23.34
C SER A 432 -55.97 -16.41 23.37
N LEU A 433 -55.35 -17.11 24.33
CA LEU A 433 -53.91 -17.04 24.60
C LEU A 433 -53.39 -15.63 24.42
N ILE A 434 -53.76 -14.74 25.36
CA ILE A 434 -53.65 -13.29 25.22
C ILE A 434 -52.25 -12.93 24.76
N VAL A 435 -52.16 -12.44 23.53
CA VAL A 435 -50.90 -12.37 22.81
C VAL A 435 -50.49 -10.91 22.72
N THR A 436 -49.33 -10.60 23.29
CA THR A 436 -48.83 -9.24 23.27
C THR A 436 -48.11 -8.97 21.97
N THR A 437 -48.01 -7.69 21.61
CA THR A 437 -47.45 -7.27 20.34
C THR A 437 -46.84 -5.89 20.49
N ILE A 438 -46.06 -5.45 19.51
CA ILE A 438 -45.48 -4.12 19.54
C ILE A 438 -45.23 -3.63 18.11
N LEU A 439 -45.83 -2.50 17.78
CA LEU A 439 -45.67 -1.84 16.48
C LEU A 439 -44.21 -1.52 16.19
N GLU A 440 -43.64 -2.14 15.15
CA GLU A 440 -42.25 -1.88 14.79
C GLU A 440 -42.06 -1.65 13.29
N GLU A 441 -42.87 -2.27 12.44
CA GLU A 441 -42.69 -2.16 10.99
C GLU A 441 -41.29 -2.64 10.58
N PRO A 442 -41.08 -3.93 10.25
CA PRO A 442 -42.05 -4.81 9.56
C PRO A 442 -42.88 -5.76 10.40
N TYR A 443 -42.40 -6.12 11.59
CA TYR A 443 -42.89 -7.28 12.32
C TYR A 443 -44.40 -7.29 12.50
N VAL A 444 -44.97 -6.17 12.93
CA VAL A 444 -46.42 -6.01 12.95
C VAL A 444 -46.78 -4.61 12.47
N LEU A 445 -47.93 -4.49 11.79
CA LEU A 445 -48.37 -3.24 11.20
C LEU A 445 -49.86 -3.06 11.43
N PHE A 446 -50.31 -1.82 11.64
CA PHE A 446 -51.70 -1.51 11.38
C PHE A 446 -52.00 -1.89 9.93
N LYS A 447 -53.16 -2.49 9.66
CA LYS A 447 -53.56 -2.69 8.28
C LYS A 447 -53.68 -1.34 7.59
N LYS A 448 -53.27 -1.30 6.34
CA LYS A 448 -53.29 -0.07 5.55
C LYS A 448 -54.56 -0.01 4.73
N SER A 449 -55.64 0.51 5.32
CA SER A 449 -56.91 0.57 4.62
C SER A 449 -57.97 1.41 5.29
N ASP A 450 -59.13 1.43 4.64
CA ASP A 450 -60.43 1.90 5.11
C ASP A 450 -61.00 0.86 6.09
N LYS A 451 -62.30 0.55 5.98
CA LYS A 451 -63.34 0.13 6.91
C LYS A 451 -63.00 -0.49 8.26
N PRO A 452 -63.95 -0.42 9.25
CA PRO A 452 -63.68 -0.82 10.65
C PRO A 452 -63.46 -2.32 10.86
N LEU A 453 -63.95 -2.86 11.98
CA LEU A 453 -63.26 -3.61 13.03
C LEU A 453 -61.95 -4.29 12.69
N TYR A 454 -61.93 -5.21 11.74
CA TYR A 454 -60.74 -6.01 11.47
C TYR A 454 -60.24 -6.74 12.71
N GLY A 455 -61.13 -7.11 13.64
CA GLY A 455 -60.82 -7.29 15.05
C GLY A 455 -59.47 -7.87 15.46
N ASN A 456 -59.21 -9.14 15.17
CA ASN A 456 -57.86 -9.69 15.22
C ASN A 456 -57.28 -9.81 13.81
N ASP A 457 -57.94 -9.18 12.83
CA ASP A 457 -57.45 -9.09 11.47
C ASP A 457 -56.73 -7.77 11.25
N ARG A 458 -56.89 -6.82 12.18
CA ARG A 458 -56.25 -5.50 12.12
C ARG A 458 -54.77 -5.64 11.81
N PHE A 459 -54.07 -6.37 12.64
CA PHE A 459 -52.63 -6.40 12.54
C PHE A 459 -52.20 -7.42 11.50
N GLU A 460 -51.23 -7.03 10.67
CA GLU A 460 -50.74 -7.86 9.58
C GLU A 460 -49.23 -7.65 9.47
N GLY A 461 -48.48 -8.73 9.45
CA GLY A 461 -47.03 -8.61 9.55
C GLY A 461 -46.38 -9.98 9.62
N TYR A 462 -45.07 -9.95 9.88
CA TYR A 462 -44.32 -11.18 10.04
C TYR A 462 -44.84 -11.98 11.22
N CYS A 463 -44.72 -11.42 12.42
CA CYS A 463 -45.23 -12.01 13.64
C CYS A 463 -46.67 -12.45 13.53
N ILE A 464 -47.49 -11.70 12.79
CA ILE A 464 -48.85 -12.12 12.53
C ILE A 464 -48.85 -13.40 11.72
N ASP A 465 -48.08 -13.43 10.63
CA ASP A 465 -48.07 -14.60 9.77
C ASP A 465 -47.34 -15.75 10.43
N LEU A 466 -46.39 -15.44 11.31
CA LEU A 466 -45.82 -16.48 12.14
C LEU A 466 -46.88 -17.08 13.05
N LEU A 467 -47.54 -16.24 13.86
CA LEU A 467 -48.60 -16.62 14.77
C LEU A 467 -49.64 -17.49 14.08
N ARG A 468 -50.00 -17.10 12.86
CA ARG A 468 -50.92 -17.85 12.02
C ARG A 468 -50.52 -19.31 11.97
N GLU A 469 -49.26 -19.55 11.60
CA GLU A 469 -48.77 -20.91 11.41
C GLU A 469 -48.63 -21.64 12.74
N LEU A 470 -48.33 -20.91 13.82
CA LEU A 470 -48.34 -21.48 15.14
C LEU A 470 -49.73 -22.01 15.46
N SER A 471 -50.75 -21.30 14.99
CA SER A 471 -52.14 -21.67 15.25
C SER A 471 -52.54 -22.91 14.46
N THR A 472 -52.02 -23.04 13.24
CA THR A 472 -52.44 -24.12 12.37
C THR A 472 -52.08 -25.50 12.92
N ILE A 473 -50.98 -25.59 13.66
CA ILE A 473 -50.38 -26.89 13.98
C ILE A 473 -50.65 -27.30 15.42
N LEU A 474 -50.60 -26.35 16.34
CA LEU A 474 -50.95 -26.62 17.73
C LEU A 474 -52.44 -26.43 17.98
N GLY A 475 -53.03 -25.43 17.34
CA GLY A 475 -54.44 -25.17 17.45
C GLY A 475 -54.75 -24.27 18.62
N PHE A 476 -55.25 -23.07 18.36
CA PHE A 476 -55.72 -22.19 19.42
C PHE A 476 -56.48 -21.00 18.83
N THR A 477 -56.97 -20.14 19.71
CA THR A 477 -57.66 -18.91 19.35
C THR A 477 -56.75 -17.75 19.69
N TYR A 478 -56.66 -16.77 18.80
CA TYR A 478 -55.75 -15.64 18.96
C TYR A 478 -56.53 -14.33 18.99
N GLU A 479 -56.43 -13.62 20.12
CA GLU A 479 -56.91 -12.25 20.24
C GLU A 479 -55.71 -11.35 20.44
N ILE A 480 -55.39 -10.56 19.42
CA ILE A 480 -54.27 -9.63 19.49
C ILE A 480 -54.56 -8.62 20.60
N ARG A 481 -53.51 -8.15 21.26
CA ARG A 481 -53.64 -7.02 22.17
C ARG A 481 -52.33 -6.26 22.23
N LEU A 482 -52.29 -5.07 21.64
CA LEU A 482 -51.15 -4.19 21.78
C LEU A 482 -50.87 -3.93 23.24
N VAL A 483 -49.60 -3.94 23.63
CA VAL A 483 -49.24 -3.61 24.99
C VAL A 483 -49.53 -2.13 25.17
N GLU A 484 -49.63 -1.70 26.43
CA GLU A 484 -49.85 -0.29 26.75
C GLU A 484 -48.51 0.30 27.17
N ASP A 485 -48.25 1.53 26.72
CA ASP A 485 -46.98 2.25 26.83
C ASP A 485 -45.97 1.79 25.77
N GLY A 486 -46.26 0.71 25.05
CA GLY A 486 -45.46 0.31 23.91
C GLY A 486 -44.00 0.08 24.18
N LYS A 487 -43.66 -1.00 24.89
CA LYS A 487 -42.28 -1.18 25.38
C LYS A 487 -41.88 -2.65 25.26
N TYR A 488 -40.66 -2.87 24.78
CA TYR A 488 -39.99 -4.15 24.96
C TYR A 488 -39.86 -4.41 26.46
N GLY A 489 -39.44 -3.38 27.18
CA GLY A 489 -39.41 -3.43 28.63
C GLY A 489 -38.11 -3.89 29.25
N ALA A 490 -37.91 -3.51 30.52
CA ALA A 490 -36.67 -3.80 31.22
C ALA A 490 -36.88 -3.55 32.71
N GLN A 491 -36.03 -4.18 33.50
CA GLN A 491 -36.06 -4.03 34.95
C GLN A 491 -35.45 -2.69 35.34
N ASP A 492 -36.30 -1.68 35.49
CA ASP A 492 -35.85 -0.33 35.81
C ASP A 492 -35.44 -0.27 37.27
N ASP A 493 -34.18 0.10 37.52
CA ASP A 493 -33.56 0.08 38.84
C ASP A 493 -34.37 0.78 39.94
N VAL A 494 -35.19 1.74 39.56
CA VAL A 494 -36.06 2.49 40.47
C VAL A 494 -36.85 1.54 41.35
N ASN A 495 -37.62 0.64 40.71
CA ASN A 495 -38.48 -0.32 41.39
C ASN A 495 -38.41 -1.71 40.77
N GLY A 496 -37.68 -1.87 39.67
CA GLY A 496 -37.69 -3.07 38.88
C GLY A 496 -38.89 -3.11 37.98
N GLN A 497 -40.03 -3.59 38.52
CA GLN A 497 -41.39 -3.39 38.00
C GLN A 497 -41.45 -3.27 36.48
N TRP A 498 -41.04 -4.34 35.79
CA TRP A 498 -40.74 -4.39 34.36
C TRP A 498 -41.67 -3.49 33.56
N ASN A 499 -41.12 -2.68 32.65
CA ASN A 499 -41.89 -1.66 31.94
C ASN A 499 -42.18 -2.07 30.50
N GLY A 500 -43.09 -3.02 30.33
CA GLY A 500 -43.52 -3.36 28.98
C GLY A 500 -44.24 -4.67 28.79
N MET A 501 -43.92 -5.37 27.70
CA MET A 501 -44.55 -6.66 27.43
C MET A 501 -44.10 -7.71 28.43
N VAL A 502 -42.90 -7.54 28.99
CA VAL A 502 -42.44 -8.38 30.08
C VAL A 502 -43.39 -8.25 31.28
N ARG A 503 -44.03 -7.09 31.42
CA ARG A 503 -44.83 -6.78 32.59
C ARG A 503 -46.21 -7.41 32.51
N GLU A 504 -46.87 -7.27 31.36
CA GLU A 504 -48.16 -7.93 31.13
C GLU A 504 -48.02 -9.43 31.31
N LEU A 505 -46.83 -9.96 31.09
CA LEU A 505 -46.54 -11.38 31.16
C LEU A 505 -46.26 -11.85 32.58
N ILE A 506 -45.33 -11.19 33.27
CA ILE A 506 -44.87 -11.64 34.58
C ILE A 506 -46.03 -11.66 35.57
N ASP A 507 -46.98 -10.74 35.41
CA ASP A 507 -48.18 -10.72 36.22
C ASP A 507 -49.23 -11.73 35.74
N HIS A 508 -48.91 -12.49 34.69
CA HIS A 508 -49.81 -13.49 34.12
C HIS A 508 -51.11 -12.91 33.60
N LYS A 509 -51.20 -11.59 33.43
CA LYS A 509 -52.27 -11.04 32.63
C LYS A 509 -52.16 -11.54 31.20
N ALA A 510 -50.95 -11.49 30.66
CA ALA A 510 -50.70 -11.91 29.30
C ALA A 510 -50.52 -13.42 29.25
N ASP A 511 -50.08 -13.87 28.08
CA ASP A 511 -49.91 -15.26 27.69
C ASP A 511 -48.72 -15.19 26.75
N LEU A 512 -48.66 -16.04 25.73
CA LEU A 512 -47.63 -15.95 24.69
C LEU A 512 -47.38 -14.51 24.28
N ALA A 513 -46.15 -14.24 23.86
CA ALA A 513 -45.76 -12.90 23.45
C ALA A 513 -44.94 -13.00 22.17
N VAL A 514 -45.55 -12.60 21.06
CA VAL A 514 -44.99 -12.83 19.73
C VAL A 514 -44.63 -11.45 19.19
N ALA A 515 -43.38 -11.04 19.41
CA ALA A 515 -42.91 -9.77 18.91
C ALA A 515 -41.41 -9.69 19.02
N PRO A 516 -40.78 -8.67 18.45
CA PRO A 516 -39.34 -8.47 18.68
C PRO A 516 -39.04 -8.26 20.15
N LEU A 517 -38.31 -9.21 20.75
CA LEU A 517 -38.10 -9.19 22.19
C LEU A 517 -36.64 -9.40 22.57
N ALA A 518 -35.87 -10.07 21.71
CA ALA A 518 -34.42 -10.06 21.87
C ALA A 518 -33.99 -10.76 23.14
N ILE A 519 -33.91 -12.09 23.10
CA ILE A 519 -33.46 -12.93 24.21
C ILE A 519 -32.25 -12.29 24.90
N THR A 520 -32.24 -12.28 26.23
CA THR A 520 -31.17 -11.70 27.00
C THR A 520 -31.02 -12.42 28.33
N TYR A 521 -29.89 -12.14 28.97
CA TYR A 521 -29.59 -12.56 30.34
C TYR A 521 -30.72 -12.23 31.31
N VAL A 522 -31.03 -10.95 31.45
CA VAL A 522 -31.85 -10.50 32.55
C VAL A 522 -33.31 -10.86 32.31
N ARG A 523 -33.77 -10.79 31.07
CA ARG A 523 -35.16 -11.08 30.79
C ARG A 523 -35.48 -12.56 31.02
N GLU A 524 -34.48 -13.42 30.89
CA GLU A 524 -34.70 -14.87 30.89
C GLU A 524 -35.08 -15.38 32.27
N LYS A 525 -34.48 -14.80 33.31
CA LYS A 525 -34.76 -15.18 34.69
C LYS A 525 -36.26 -15.18 34.99
N VAL A 526 -36.88 -14.04 34.74
CA VAL A 526 -38.23 -13.79 35.23
C VAL A 526 -39.25 -14.43 34.32
N ILE A 527 -38.96 -14.49 33.03
CA ILE A 527 -39.83 -15.08 32.04
C ILE A 527 -38.99 -15.96 31.12
N ASP A 528 -39.52 -17.13 30.80
CA ASP A 528 -38.79 -18.15 30.07
C ASP A 528 -39.17 -18.04 28.60
N PHE A 529 -38.16 -17.99 27.75
CA PHE A 529 -38.34 -17.75 26.33
C PHE A 529 -38.35 -19.04 25.55
N SER A 530 -38.98 -18.98 24.39
CA SER A 530 -38.94 -20.07 23.44
C SER A 530 -37.57 -20.11 22.80
N LYS A 531 -37.40 -20.98 21.82
CA LYS A 531 -36.15 -21.06 21.10
C LYS A 531 -36.21 -20.15 19.89
N PRO A 532 -35.11 -19.54 19.46
CA PRO A 532 -35.18 -18.45 18.48
C PRO A 532 -35.89 -18.79 17.18
N PHE A 533 -36.44 -17.76 16.56
CA PHE A 533 -37.01 -17.85 15.23
C PHE A 533 -36.35 -16.84 14.29
N MET A 534 -35.25 -16.23 14.73
CA MET A 534 -34.55 -15.25 13.92
C MET A 534 -33.18 -14.96 14.53
N THR A 535 -32.17 -14.79 13.68
CA THR A 535 -30.81 -14.57 14.11
C THR A 535 -30.37 -13.19 13.67
N LEU A 536 -30.47 -12.22 14.57
CA LEU A 536 -30.06 -10.86 14.25
C LEU A 536 -28.62 -10.65 14.67
N GLY A 537 -28.15 -9.43 14.52
CA GLY A 537 -26.82 -9.07 14.98
C GLY A 537 -26.60 -7.60 14.79
N ILE A 538 -25.58 -7.09 15.47
CA ILE A 538 -25.20 -5.70 15.36
C ILE A 538 -24.33 -5.57 14.12
N SER A 539 -24.58 -4.54 13.33
CA SER A 539 -23.72 -4.22 12.20
C SER A 539 -23.91 -2.75 11.88
N ILE A 540 -23.11 -2.27 10.93
CA ILE A 540 -23.00 -0.85 10.65
C ILE A 540 -23.83 -0.52 9.42
N LEU A 541 -24.35 0.70 9.39
CA LEU A 541 -25.10 1.25 8.28
C LEU A 541 -24.32 2.42 7.73
N TYR A 542 -24.13 2.46 6.42
CA TYR A 542 -23.50 3.59 5.76
C TYR A 542 -24.09 3.75 4.35
N ARG A 543 -23.97 4.95 3.82
CA ARG A 543 -24.44 5.24 2.47
C ARG A 543 -23.59 4.51 1.44
N LYS A 544 -24.20 4.19 0.30
CA LYS A 544 -23.43 3.54 -0.73
C LYS A 544 -22.36 4.50 -1.26
N PRO A 545 -21.27 3.97 -1.83
CA PRO A 545 -20.33 4.85 -2.53
C PRO A 545 -20.96 5.36 -3.81
N ASN A 546 -21.08 6.69 -3.90
CA ASN A 546 -21.84 7.34 -4.97
C ASN A 546 -21.30 6.97 -6.35
N GLY A 547 -20.05 7.31 -6.60
CA GLY A 547 -19.45 7.10 -7.90
C GLY A 547 -18.10 7.80 -7.97
N THR A 548 -17.74 8.28 -9.16
CA THR A 548 -16.53 9.07 -9.34
C THR A 548 -16.88 10.41 -9.95
N ASN A 549 -17.71 10.38 -10.99
CA ASN A 549 -17.84 11.50 -11.93
C ASN A 549 -16.45 12.07 -12.22
N PRO A 550 -15.59 11.32 -12.93
CA PRO A 550 -14.20 11.74 -13.08
C PRO A 550 -14.04 13.11 -13.72
N GLY A 551 -15.01 13.54 -14.54
CA GLY A 551 -14.91 14.88 -15.09
C GLY A 551 -14.48 14.87 -16.52
N VAL A 552 -15.17 14.17 -17.43
CA VAL A 552 -14.63 13.29 -18.48
C VAL A 552 -13.23 13.65 -18.97
N PHE A 553 -12.87 14.93 -18.95
CA PHE A 553 -11.53 15.36 -19.26
C PHE A 553 -10.60 15.05 -18.11
N SER A 554 -10.44 13.77 -17.77
CA SER A 554 -9.57 13.37 -16.67
C SER A 554 -8.12 13.27 -17.12
N PHE A 555 -7.91 13.05 -18.41
CA PHE A 555 -6.56 13.00 -18.98
C PHE A 555 -5.76 14.25 -18.64
N LEU A 556 -6.45 15.39 -18.50
CA LEU A 556 -5.83 16.66 -18.19
C LEU A 556 -5.79 16.91 -16.68
N ASN A 557 -5.86 15.83 -15.90
CA ASN A 557 -5.72 15.87 -14.44
C ASN A 557 -4.27 15.82 -13.94
N PRO A 558 -3.41 14.89 -14.43
CA PRO A 558 -2.20 14.53 -13.65
C PRO A 558 -1.21 15.65 -13.37
N LEU A 559 -1.25 16.72 -14.15
CA LEU A 559 -0.45 17.92 -13.89
C LEU A 559 -1.38 19.02 -13.44
N SER A 560 -0.83 20.19 -13.14
CA SER A 560 -1.61 21.29 -12.60
C SER A 560 -2.60 21.78 -13.65
N PRO A 561 -3.46 22.74 -13.35
CA PRO A 561 -4.11 23.48 -14.43
C PRO A 561 -3.20 24.50 -15.05
N ASP A 562 -2.06 24.76 -14.40
CA ASP A 562 -1.25 25.92 -14.74
C ASP A 562 -0.10 25.53 -15.66
N ILE A 563 0.50 24.37 -15.41
CA ILE A 563 1.65 23.91 -16.17
C ILE A 563 1.30 23.72 -17.65
N TRP A 564 0.14 23.11 -17.95
CA TRP A 564 -0.25 22.88 -19.33
C TRP A 564 -0.28 24.19 -20.11
N MET A 565 -0.70 25.27 -19.45
CA MET A 565 -0.67 26.57 -20.09
C MET A 565 0.76 26.96 -20.44
N TYR A 566 1.69 26.75 -19.51
CA TYR A 566 3.06 27.21 -19.75
C TYR A 566 3.76 26.35 -20.79
N VAL A 567 3.47 25.04 -20.81
CA VAL A 567 4.01 24.19 -21.87
C VAL A 567 3.52 24.69 -23.21
N LEU A 568 2.27 25.14 -23.29
CA LEU A 568 1.76 25.71 -24.51
C LEU A 568 2.47 27.03 -24.83
N LEU A 569 2.72 27.86 -23.81
CA LEU A 569 3.49 29.08 -24.03
C LEU A 569 4.87 28.78 -24.57
N ALA A 570 5.46 27.65 -24.15
CA ALA A 570 6.84 27.37 -24.51
C ALA A 570 6.96 26.97 -25.97
N CYS A 571 6.03 26.16 -26.46
CA CYS A 571 6.11 25.71 -27.86
C CYS A 571 5.98 26.90 -28.81
N LEU A 572 5.20 27.90 -28.42
CA LEU A 572 5.17 29.14 -29.21
C LEU A 572 6.47 29.92 -29.02
N GLY A 573 6.93 30.01 -27.77
CA GLY A 573 8.11 30.79 -27.46
C GLY A 573 9.35 30.21 -28.11
N VAL A 574 9.59 28.93 -27.87
CA VAL A 574 10.70 28.23 -28.50
C VAL A 574 10.61 28.32 -30.02
N SER A 575 9.44 28.02 -30.59
CA SER A 575 9.28 28.10 -32.03
C SER A 575 9.57 29.49 -32.56
N CYS A 576 9.22 30.52 -31.79
CA CYS A 576 9.56 31.88 -32.19
C CYS A 576 11.07 32.05 -32.27
N VAL A 577 11.81 31.34 -31.42
CA VAL A 577 13.25 31.46 -31.42
C VAL A 577 13.85 30.74 -32.62
N LEU A 578 13.40 29.52 -32.90
CA LEU A 578 13.91 28.75 -34.03
C LEU A 578 13.84 29.56 -35.32
N PHE A 579 12.74 30.29 -35.50
CA PHE A 579 12.60 31.18 -36.65
C PHE A 579 13.70 32.23 -36.63
N VAL A 580 13.87 32.91 -35.50
CA VAL A 580 14.82 34.01 -35.44
C VAL A 580 16.24 33.50 -35.56
N ILE A 581 16.59 32.48 -34.77
CA ILE A 581 17.95 31.95 -34.73
C ILE A 581 18.33 31.40 -36.09
N ALA A 582 17.56 30.42 -36.57
CA ALA A 582 17.85 29.71 -37.80
C ALA A 582 17.95 30.68 -38.97
N ARG A 583 17.00 31.61 -39.04
CA ARG A 583 16.98 32.60 -40.11
C ARG A 583 18.23 33.47 -40.03
N PHE A 584 18.64 33.85 -38.82
CA PHE A 584 19.81 34.70 -38.63
C PHE A 584 21.11 33.92 -38.61
N SER A 585 21.09 32.60 -38.80
CA SER A 585 22.27 31.76 -38.65
C SER A 585 22.90 31.46 -40.01
N PRO A 586 24.13 31.94 -40.30
CA PRO A 586 24.73 31.66 -41.60
C PRO A 586 25.04 30.20 -41.90
N TYR A 587 24.97 29.31 -40.92
CA TYR A 587 25.24 27.90 -41.17
C TYR A 587 23.97 27.17 -41.54
N GLU A 588 22.85 27.73 -41.10
CA GLU A 588 21.59 27.54 -41.80
C GLU A 588 21.66 28.55 -42.93
N TRP A 589 20.63 28.75 -43.74
CA TRP A 589 20.81 29.29 -45.08
C TRP A 589 21.77 28.38 -45.82
N TYR A 590 21.48 27.08 -45.74
CA TYR A 590 22.12 26.08 -46.58
C TYR A 590 21.53 26.25 -47.97
N ASN A 591 21.75 25.30 -48.87
CA ASN A 591 21.21 25.38 -50.20
C ASN A 591 20.23 24.24 -50.37
N PRO A 592 19.18 24.39 -51.17
CA PRO A 592 18.44 23.23 -51.57
C PRO A 592 19.14 22.53 -52.72
N HIS A 593 20.52 22.65 -52.84
CA HIS A 593 21.35 21.86 -53.74
C HIS A 593 20.67 20.52 -53.78
N PRO A 594 20.02 20.18 -54.84
CA PRO A 594 19.30 18.93 -54.79
C PRO A 594 20.23 17.75 -54.82
N CYS A 595 19.58 16.61 -54.94
CA CYS A 595 20.14 15.41 -55.51
C CYS A 595 21.06 15.71 -56.69
N ASN A 596 20.69 16.68 -57.54
CA ASN A 596 21.64 17.29 -58.46
C ASN A 596 22.20 18.55 -57.81
N PRO A 597 23.28 18.48 -57.03
CA PRO A 597 23.85 19.70 -56.45
C PRO A 597 24.59 20.53 -57.47
N ASP A 598 25.35 21.53 -57.01
CA ASP A 598 26.28 22.32 -57.80
C ASP A 598 25.56 23.44 -58.56
N SER A 599 24.25 23.59 -58.36
CA SER A 599 23.58 24.85 -58.70
C SER A 599 23.80 25.83 -57.56
N ASP A 600 23.09 26.96 -57.53
CA ASP A 600 23.35 27.97 -56.50
C ASP A 600 22.07 28.72 -56.16
N VAL A 601 21.42 28.30 -55.07
CA VAL A 601 20.24 28.94 -54.47
C VAL A 601 20.27 28.53 -52.99
N VAL A 602 19.52 29.22 -52.12
CA VAL A 602 19.68 29.07 -50.67
C VAL A 602 18.45 28.50 -49.92
N GLU A 603 17.29 29.17 -49.96
CA GLU A 603 16.02 28.58 -49.53
C GLU A 603 16.01 27.91 -48.14
N ASN A 604 16.01 28.68 -47.05
CA ASN A 604 15.81 28.14 -45.71
C ASN A 604 14.60 27.21 -45.68
N ASN A 605 14.59 26.34 -44.68
CA ASN A 605 13.40 25.61 -44.28
C ASN A 605 12.63 26.28 -43.16
N PHE A 606 13.32 26.76 -42.13
CA PHE A 606 12.66 27.19 -40.91
C PHE A 606 11.97 28.53 -41.15
N THR A 607 10.86 28.47 -41.87
CA THR A 607 9.90 29.55 -41.86
C THR A 607 9.13 29.52 -40.54
N LEU A 608 8.13 30.38 -40.41
CA LEU A 608 7.44 30.46 -39.13
C LEU A 608 6.62 29.21 -38.86
N LEU A 609 5.67 28.90 -39.74
CA LEU A 609 4.75 27.79 -39.47
C LEU A 609 5.50 26.48 -39.31
N ASN A 610 6.53 26.26 -40.12
CA ASN A 610 7.32 25.05 -39.95
C ASN A 610 8.10 25.06 -38.64
N SER A 611 8.33 26.23 -38.05
CA SER A 611 8.97 26.30 -36.75
C SER A 611 8.06 25.72 -35.68
N PHE A 612 6.80 26.19 -35.64
CA PHE A 612 5.80 25.61 -34.76
C PHE A 612 5.67 24.10 -34.98
N TRP A 613 5.83 23.66 -36.23
CA TRP A 613 5.70 22.25 -36.54
C TRP A 613 6.77 21.42 -35.83
N PHE A 614 7.99 21.94 -35.79
CA PHE A 614 9.06 21.27 -35.06
C PHE A 614 8.72 21.19 -33.58
N GLY A 615 8.11 22.24 -33.05
CA GLY A 615 7.77 22.28 -31.66
C GLY A 615 6.70 21.26 -31.32
N VAL A 616 5.59 21.31 -32.05
CA VAL A 616 4.45 20.45 -31.76
C VAL A 616 4.83 18.99 -31.96
N GLY A 617 5.65 18.71 -32.97
CA GLY A 617 6.00 17.33 -33.24
C GLY A 617 6.91 16.75 -32.20
N ALA A 618 7.93 17.52 -31.80
CA ALA A 618 8.85 17.10 -30.77
C ALA A 618 8.10 16.86 -29.48
N LEU A 619 7.15 17.75 -29.18
CA LEU A 619 6.39 17.68 -27.94
C LEU A 619 5.53 16.44 -27.87
N MET A 620 5.19 15.87 -29.02
CA MET A 620 4.40 14.66 -29.09
C MET A 620 5.23 13.45 -29.51
N GLN A 621 6.56 13.61 -29.53
CA GLN A 621 7.54 12.52 -29.58
C GLN A 621 7.66 11.86 -30.95
N GLN A 622 6.84 12.28 -31.91
CA GLN A 622 7.08 11.91 -33.28
C GLN A 622 7.89 13.00 -33.96
N GLY A 623 8.99 12.60 -34.58
CA GLY A 623 9.97 13.53 -35.10
C GLY A 623 9.55 14.05 -36.45
N SER A 624 9.45 15.36 -36.56
CA SER A 624 9.07 16.02 -37.79
C SER A 624 10.14 15.77 -38.85
N GLU A 625 9.85 16.19 -40.08
CA GLU A 625 10.79 16.02 -41.18
C GLU A 625 11.92 17.02 -41.04
N LEU A 626 11.57 18.27 -40.79
CA LEU A 626 12.53 19.34 -40.65
C LEU A 626 13.46 19.07 -39.49
N MET A 627 14.72 19.45 -39.65
CA MET A 627 15.73 19.19 -38.67
C MET A 627 16.75 20.33 -38.64
N PRO A 628 17.27 20.70 -37.47
CA PRO A 628 18.41 21.61 -37.44
C PRO A 628 19.65 20.98 -38.05
N LYS A 629 20.52 21.84 -38.57
CA LYS A 629 21.85 21.42 -38.99
C LYS A 629 22.91 22.34 -38.41
N ALA A 630 22.61 23.63 -38.30
CA ALA A 630 23.53 24.54 -37.65
C ALA A 630 23.43 24.42 -36.14
N LEU A 631 24.58 24.63 -35.47
CA LEU A 631 24.68 24.35 -34.04
C LEU A 631 23.64 25.10 -33.23
N SER A 632 23.45 26.39 -33.49
CA SER A 632 22.51 27.21 -32.73
C SER A 632 21.13 26.58 -32.74
N THR A 633 20.63 26.27 -33.94
CA THR A 633 19.37 25.58 -34.07
C THR A 633 19.41 24.18 -33.45
N ARG A 634 20.58 23.56 -33.40
CA ARG A 634 20.67 22.22 -32.81
C ARG A 634 20.60 22.29 -31.30
N ILE A 635 21.12 23.35 -30.70
CA ILE A 635 21.06 23.46 -29.25
C ILE A 635 19.62 23.58 -28.80
N VAL A 636 18.84 24.44 -29.45
CA VAL A 636 17.46 24.64 -29.04
C VAL A 636 16.67 23.36 -29.22
N GLY A 637 16.93 22.64 -30.30
CA GLY A 637 16.30 21.35 -30.47
C GLY A 637 16.65 20.40 -29.35
N GLY A 638 17.94 20.36 -28.99
CA GLY A 638 18.38 19.42 -27.96
C GLY A 638 17.75 19.69 -26.62
N ILE A 639 17.37 20.94 -26.36
CA ILE A 639 16.85 21.29 -25.05
C ILE A 639 15.34 21.11 -25.00
N TRP A 640 14.64 21.50 -26.06
CA TRP A 640 13.22 21.19 -26.14
C TRP A 640 12.99 19.70 -26.04
N TRP A 641 13.82 18.92 -26.73
CA TRP A 641 13.72 17.47 -26.66
C TRP A 641 13.89 16.95 -25.24
N PHE A 642 14.66 17.68 -24.42
CA PHE A 642 14.73 17.36 -23.00
C PHE A 642 13.47 17.84 -22.29
N PHE A 643 13.04 19.06 -22.61
CA PHE A 643 11.83 19.63 -22.03
C PHE A 643 10.62 18.76 -22.29
N THR A 644 10.61 18.01 -23.39
CA THR A 644 9.54 17.08 -23.68
C THR A 644 9.60 15.87 -22.78
N LEU A 645 10.75 15.20 -22.79
CA LEU A 645 10.89 13.87 -22.20
C LEU A 645 10.50 13.87 -20.74
N ILE A 646 10.80 14.96 -20.03
CA ILE A 646 10.49 15.01 -18.61
C ILE A 646 9.00 15.17 -18.39
N ILE A 647 8.38 16.05 -19.18
CA ILE A 647 6.95 16.31 -19.04
C ILE A 647 6.16 15.02 -19.29
N ILE A 648 6.52 14.31 -20.35
CA ILE A 648 5.77 13.12 -20.74
C ILE A 648 5.99 12.01 -19.74
N SER A 649 7.25 11.74 -19.40
CA SER A 649 7.56 10.71 -18.41
C SER A 649 6.97 11.08 -17.06
N SER A 650 6.82 12.37 -16.79
CA SER A 650 6.14 12.79 -15.58
C SER A 650 4.64 12.67 -15.70
N TYR A 651 4.10 13.01 -16.88
CA TYR A 651 2.67 12.78 -17.12
C TYR A 651 2.34 11.31 -16.95
N THR A 652 3.18 10.45 -17.49
CA THR A 652 2.98 9.01 -17.34
C THR A 652 3.06 8.60 -15.89
N ALA A 653 3.98 9.20 -15.14
CA ALA A 653 4.25 8.74 -13.78
C ALA A 653 3.17 9.19 -12.81
N ASN A 654 2.77 10.46 -12.89
CA ASN A 654 1.61 10.93 -12.13
C ASN A 654 0.39 10.07 -12.36
N LEU A 655 0.01 9.90 -13.61
CA LEU A 655 -1.19 9.16 -13.96
C LEU A 655 -1.12 7.74 -13.44
N ALA A 656 0.07 7.15 -13.45
CA ALA A 656 0.24 5.85 -12.82
C ALA A 656 -0.02 5.93 -11.33
N ALA A 657 0.28 7.07 -10.71
CA ALA A 657 0.04 7.23 -9.28
C ALA A 657 -1.43 7.39 -8.99
N PHE A 658 -2.09 8.37 -9.63
CA PHE A 658 -3.51 8.63 -9.46
C PHE A 658 -4.35 7.39 -9.68
N LEU A 659 -3.94 6.56 -10.63
CA LEU A 659 -4.68 5.35 -10.97
C LEU A 659 -4.35 4.26 -9.96
N THR A 660 -3.05 4.07 -9.71
CA THR A 660 -2.61 3.07 -8.74
C THR A 660 -3.18 3.34 -7.35
N VAL A 661 -3.13 4.60 -6.93
CA VAL A 661 -3.59 4.93 -5.58
C VAL A 661 -5.09 4.67 -5.47
N GLU A 662 -5.83 5.03 -6.52
CA GLU A 662 -7.27 4.81 -6.56
C GLU A 662 -7.57 3.33 -6.47
N ARG A 663 -6.91 2.55 -7.34
CA ARG A 663 -7.00 1.10 -7.28
C ARG A 663 -6.64 0.59 -5.90
N MET A 664 -5.67 1.24 -5.26
CA MET A 664 -5.18 0.80 -3.96
C MET A 664 -6.11 1.23 -2.83
N GLU A 665 -7.11 2.06 -3.12
CA GLU A 665 -8.10 2.43 -2.12
C GLU A 665 -9.13 1.32 -1.99
N SER A 666 -9.35 0.91 -0.75
CA SER A 666 -10.48 0.08 -0.38
C SER A 666 -11.50 0.96 0.31
N PRO A 667 -12.79 0.74 0.13
CA PRO A 667 -13.76 1.36 1.05
C PRO A 667 -13.57 0.78 2.44
N ILE A 668 -14.24 1.40 3.41
CA ILE A 668 -14.38 0.77 4.71
C ILE A 668 -15.01 -0.59 4.50
N ASP A 669 -14.58 -1.59 5.27
CA ASP A 669 -15.20 -2.91 5.22
C ASP A 669 -15.23 -3.58 6.58
N SER A 670 -15.19 -2.80 7.65
CA SER A 670 -15.20 -3.37 8.99
C SER A 670 -15.32 -2.30 10.05
N ALA A 671 -15.65 -2.71 11.27
CA ALA A 671 -15.52 -1.81 12.41
C ALA A 671 -14.07 -1.41 12.65
N ASP A 672 -13.13 -2.32 12.37
CA ASP A 672 -11.72 -1.98 12.50
C ASP A 672 -11.31 -0.91 11.51
N ASP A 673 -11.82 -0.98 10.27
CA ASP A 673 -11.55 0.07 9.31
C ASP A 673 -12.12 1.39 9.79
N LEU A 674 -13.35 1.35 10.32
CA LEU A 674 -13.97 2.53 10.90
C LEU A 674 -13.31 2.94 12.20
N ALA A 675 -12.71 1.98 12.91
CA ALA A 675 -12.04 2.26 14.17
C ALA A 675 -10.82 3.14 13.97
N LYS A 676 -10.06 2.87 12.90
CA LYS A 676 -8.86 3.63 12.60
C LYS A 676 -9.17 4.98 11.94
N GLN A 677 -10.45 5.33 11.83
CA GLN A 677 -10.91 6.42 10.98
C GLN A 677 -11.64 7.45 11.86
N THR A 678 -10.94 8.53 12.21
CA THR A 678 -11.53 9.65 12.92
C THR A 678 -12.25 10.57 11.93
N LYS A 679 -12.21 10.21 10.65
CA LYS A 679 -13.20 10.52 9.64
C LYS A 679 -14.36 9.56 9.93
N ILE A 680 -15.19 9.22 8.93
CA ILE A 680 -16.64 9.04 9.00
C ILE A 680 -17.02 8.52 10.38
N GLU A 681 -17.81 9.30 11.10
CA GLU A 681 -17.87 9.15 12.54
C GLU A 681 -19.00 8.23 12.95
N TYR A 682 -18.94 7.77 14.20
CA TYR A 682 -19.79 6.71 14.69
C TYR A 682 -21.24 7.17 14.78
N GLY A 683 -22.09 6.29 15.27
CA GLY A 683 -23.44 6.65 15.61
C GLY A 683 -24.13 5.48 16.27
N ALA A 684 -25.11 5.80 17.10
CA ALA A 684 -25.85 4.78 17.82
C ALA A 684 -27.05 5.40 18.52
N VAL A 685 -28.09 4.61 18.74
CA VAL A 685 -29.22 5.07 19.52
C VAL A 685 -28.81 5.07 20.98
N GLU A 686 -29.49 5.88 21.78
CA GLU A 686 -29.22 5.89 23.22
C GLU A 686 -29.64 4.52 23.75
N ASP A 687 -29.34 4.22 25.02
CA ASP A 687 -28.79 2.93 25.44
C ASP A 687 -29.18 1.73 24.60
N GLY A 688 -30.49 1.48 24.41
CA GLY A 688 -31.03 0.61 23.37
C GLY A 688 -30.29 -0.69 23.05
N ALA A 689 -29.61 -1.26 24.04
CA ALA A 689 -28.84 -2.51 23.89
C ALA A 689 -27.62 -2.38 23.00
N THR A 690 -27.36 -1.20 22.43
CA THR A 690 -26.24 -1.02 21.52
C THR A 690 -25.05 -0.39 22.24
N MET A 691 -25.29 0.74 22.91
CA MET A 691 -24.32 1.24 23.89
C MET A 691 -23.99 0.18 24.92
N THR A 692 -24.97 -0.64 25.29
CA THR A 692 -24.85 -1.62 26.35
C THR A 692 -23.69 -2.57 26.06
N PHE A 693 -23.66 -3.13 24.86
CA PHE A 693 -22.59 -4.03 24.48
C PHE A 693 -21.24 -3.33 24.48
N PHE A 694 -21.23 -2.07 24.04
CA PHE A 694 -19.99 -1.33 23.86
C PHE A 694 -19.39 -0.92 25.20
N LYS A 695 -20.23 -0.45 26.12
CA LYS A 695 -19.77 -0.12 27.46
C LYS A 695 -19.16 -1.33 28.12
N LYS A 696 -19.86 -2.45 28.04
CA LYS A 696 -19.43 -3.70 28.65
C LYS A 696 -18.50 -4.47 27.72
N SER A 697 -18.01 -3.83 26.67
CA SER A 697 -17.08 -4.46 25.76
C SER A 697 -15.77 -4.79 26.45
N LYS A 698 -15.05 -5.74 25.88
CA LYS A 698 -13.64 -5.98 26.22
C LYS A 698 -12.81 -6.13 24.96
N ILE A 699 -13.42 -5.89 23.80
CA ILE A 699 -12.69 -5.83 22.55
C ILE A 699 -11.95 -4.50 22.49
N SER A 700 -10.67 -4.57 22.12
CA SER A 700 -9.87 -3.36 21.98
C SER A 700 -10.50 -2.40 20.98
N THR A 701 -11.02 -2.95 19.89
CA THR A 701 -11.78 -2.15 18.94
C THR A 701 -12.97 -1.50 19.61
N TYR A 702 -13.90 -2.31 20.11
CA TYR A 702 -15.14 -1.77 20.66
C TYR A 702 -14.91 -1.03 21.97
N ASP A 703 -13.73 -1.19 22.61
CA ASP A 703 -13.36 -0.31 23.70
C ASP A 703 -12.89 1.04 23.16
N LYS A 704 -12.00 1.01 22.16
CA LYS A 704 -11.62 2.24 21.47
C LYS A 704 -12.81 2.95 20.85
N MET A 705 -13.71 2.22 20.19
CA MET A 705 -14.86 2.84 19.55
C MET A 705 -15.70 3.59 20.57
N TRP A 706 -15.85 3.00 21.76
CA TRP A 706 -16.67 3.62 22.79
C TRP A 706 -16.11 4.97 23.22
N ALA A 707 -14.79 5.14 23.12
CA ALA A 707 -14.15 6.39 23.50
C ALA A 707 -14.77 7.57 22.77
N PHE A 708 -15.02 7.42 21.47
CA PHE A 708 -15.59 8.51 20.71
C PHE A 708 -17.09 8.66 21.00
N MET A 709 -17.77 7.54 21.28
CA MET A 709 -19.17 7.59 21.69
C MET A 709 -19.35 8.52 22.88
N SER A 710 -18.63 8.24 23.96
CA SER A 710 -18.65 9.07 25.14
C SER A 710 -18.17 10.48 24.83
N SER A 711 -17.20 10.60 23.91
CA SER A 711 -16.59 11.89 23.59
C SER A 711 -17.64 12.87 23.08
N ARG A 712 -18.22 12.56 21.94
CA ARG A 712 -19.32 13.34 21.36
C ARG A 712 -20.67 12.73 21.74
N ARG A 713 -20.91 12.61 23.04
CA ARG A 713 -22.13 11.98 23.50
C ARG A 713 -23.34 12.90 23.39
N GLN A 714 -23.15 14.13 22.91
CA GLN A 714 -24.26 15.02 22.57
C GLN A 714 -24.62 14.99 21.10
N SER A 715 -23.64 14.75 20.21
CA SER A 715 -23.90 14.83 18.78
C SER A 715 -24.35 13.48 18.22
N VAL A 716 -23.48 12.46 18.29
CA VAL A 716 -23.75 11.32 17.42
C VAL A 716 -24.85 10.40 17.98
N LEU A 717 -24.55 9.50 18.94
CA LEU A 717 -25.40 9.11 20.07
C LEU A 717 -26.85 9.59 19.97
N VAL A 718 -27.53 9.24 18.89
CA VAL A 718 -28.89 9.72 18.63
C VAL A 718 -29.83 8.98 19.59
N LYS A 719 -31.09 9.40 19.65
CA LYS A 719 -32.09 8.80 20.55
C LYS A 719 -33.19 8.08 19.77
N SER A 720 -32.94 7.75 18.51
CA SER A 720 -33.93 6.97 17.76
C SER A 720 -33.32 6.44 16.48
N ASN A 721 -33.89 5.33 16.00
CA ASN A 721 -33.44 4.74 14.74
C ASN A 721 -33.84 5.59 13.55
N GLU A 722 -35.03 6.21 13.60
CA GLU A 722 -35.51 6.99 12.46
C GLU A 722 -34.59 8.16 12.18
N GLU A 723 -34.14 8.84 13.23
CA GLU A 723 -33.14 9.89 13.08
C GLU A 723 -31.84 9.32 12.53
N GLY A 724 -31.39 8.20 13.09
CA GLY A 724 -30.13 7.62 12.68
C GLY A 724 -30.09 7.31 11.20
N ILE A 725 -31.24 6.96 10.63
CA ILE A 725 -31.35 6.83 9.18
C ILE A 725 -31.22 8.22 8.55
N GLN A 726 -32.06 9.14 9.00
CA GLN A 726 -32.05 10.53 8.52
C GLN A 726 -30.67 11.16 8.62
N ARG A 727 -29.91 10.80 9.65
CA ARG A 727 -28.65 11.44 9.92
C ARG A 727 -27.55 10.99 8.95
N VAL A 728 -27.48 9.70 8.67
CA VAL A 728 -26.48 9.17 7.75
C VAL A 728 -26.69 9.75 6.37
N LEU A 729 -27.94 10.05 6.03
CA LEU A 729 -28.25 10.70 4.74
C LEU A 729 -27.54 12.03 4.64
N THR A 730 -27.82 12.92 5.59
CA THR A 730 -27.32 14.29 5.57
C THR A 730 -25.80 14.36 5.54
N SER A 731 -25.14 13.39 6.15
CA SER A 731 -23.75 13.53 6.54
C SER A 731 -23.02 12.19 6.52
N ASP A 732 -21.91 12.11 7.24
CA ASP A 732 -20.95 11.01 7.17
C ASP A 732 -20.98 10.20 8.45
N TYR A 733 -22.18 9.79 8.88
CA TYR A 733 -22.32 8.98 10.08
C TYR A 733 -22.42 7.50 9.72
N ALA A 734 -22.29 6.63 10.74
CA ALA A 734 -22.17 5.19 10.53
C ALA A 734 -23.00 4.41 11.55
N PHE A 735 -24.28 4.77 11.68
CA PHE A 735 -25.17 4.31 12.75
C PHE A 735 -25.11 2.81 12.99
N LEU A 736 -24.84 2.44 14.24
CA LEU A 736 -24.84 1.05 14.66
C LEU A 736 -26.27 0.61 14.92
N MET A 737 -26.58 -0.61 14.48
CA MET A 737 -27.97 -1.07 14.50
C MET A 737 -27.99 -2.59 14.46
N GLU A 738 -29.03 -3.16 15.07
CA GLU A 738 -29.38 -4.56 14.87
C GLU A 738 -29.57 -4.86 13.39
N SER A 739 -29.19 -6.07 12.99
CA SER A 739 -29.10 -6.40 11.57
C SER A 739 -30.46 -6.46 10.90
N THR A 740 -31.52 -6.77 11.63
CA THR A 740 -32.82 -6.93 10.99
C THR A 740 -33.30 -5.62 10.40
N THR A 741 -33.13 -4.53 11.13
CA THR A 741 -33.62 -3.24 10.67
C THR A 741 -32.68 -2.66 9.62
N ILE A 742 -31.42 -3.10 9.61
CA ILE A 742 -30.54 -2.83 8.47
C ILE A 742 -31.14 -3.37 7.19
N GLU A 743 -31.52 -4.65 7.22
CA GLU A 743 -31.96 -5.35 6.03
C GLU A 743 -33.17 -4.68 5.40
N PHE A 744 -34.09 -4.21 6.23
CA PHE A 744 -35.32 -3.61 5.71
C PHE A 744 -35.04 -2.29 5.01
N VAL A 745 -34.37 -1.37 5.70
CA VAL A 745 -34.17 -0.03 5.16
C VAL A 745 -33.23 -0.08 3.97
N THR A 746 -32.25 -0.99 3.99
CA THR A 746 -31.33 -1.18 2.88
C THR A 746 -32.10 -1.44 1.60
N GLN A 747 -33.09 -2.33 1.68
CA GLN A 747 -33.88 -2.71 0.52
C GLN A 747 -35.00 -1.71 0.21
N ARG A 748 -35.05 -0.58 0.94
CA ARG A 748 -36.06 0.46 0.71
C ARG A 748 -35.44 1.86 0.73
N ASN A 749 -34.12 1.94 0.89
CA ASN A 749 -33.41 3.20 0.74
C ASN A 749 -32.11 2.96 -0.01
N CYS A 750 -32.23 2.30 -1.16
CA CYS A 750 -31.11 1.78 -1.95
C CYS A 750 -29.92 2.72 -2.14
N ASN A 751 -30.08 4.02 -1.90
CA ASN A 751 -28.92 4.86 -1.59
C ASN A 751 -27.97 4.21 -0.58
N LEU A 752 -28.50 3.46 0.39
CA LEU A 752 -27.79 3.05 1.59
C LEU A 752 -27.47 1.56 1.52
N THR A 753 -26.60 1.09 2.40
CA THR A 753 -26.14 -0.30 2.36
C THR A 753 -25.79 -0.79 3.75
N GLN A 754 -25.80 -2.11 3.90
CA GLN A 754 -25.18 -2.78 5.04
C GLN A 754 -23.69 -2.82 4.80
N ILE A 755 -22.91 -2.93 5.87
CA ILE A 755 -21.48 -3.12 5.79
C ILE A 755 -21.03 -3.98 6.97
N GLY A 756 -19.99 -4.77 6.74
CA GLY A 756 -19.40 -5.61 7.76
C GLY A 756 -20.16 -6.91 7.92
N GLY A 757 -19.69 -7.69 8.87
CA GLY A 757 -20.35 -8.94 9.24
C GLY A 757 -21.09 -8.74 10.53
N LEU A 758 -21.89 -9.74 10.90
CA LEU A 758 -22.61 -9.66 12.16
C LEU A 758 -21.62 -9.59 13.32
N ILE A 759 -21.67 -8.49 14.05
CA ILE A 759 -20.76 -8.26 15.16
C ILE A 759 -21.07 -9.11 16.37
N ASP A 760 -22.35 -9.27 16.70
CA ASP A 760 -22.77 -9.80 17.99
C ASP A 760 -23.67 -10.97 17.71
N SER A 761 -24.27 -11.56 18.74
CA SER A 761 -25.30 -12.55 18.51
C SER A 761 -26.37 -12.46 19.58
N LYS A 762 -27.60 -12.62 19.12
CA LYS A 762 -28.81 -12.39 19.89
C LYS A 762 -29.86 -13.23 19.18
N GLY A 763 -31.12 -12.92 19.36
CA GLY A 763 -32.14 -13.52 18.54
C GLY A 763 -33.50 -13.39 19.16
N TYR A 764 -34.46 -13.01 18.32
CA TYR A 764 -35.80 -12.79 18.82
C TYR A 764 -36.39 -14.12 19.22
N GLY A 765 -37.46 -14.09 20.00
CA GLY A 765 -38.03 -15.31 20.52
C GLY A 765 -39.37 -15.02 21.15
N VAL A 766 -40.37 -15.81 20.79
CA VAL A 766 -41.71 -15.62 21.32
C VAL A 766 -41.66 -15.83 22.82
N GLY A 767 -42.27 -14.89 23.56
CA GLY A 767 -42.20 -14.90 25.00
C GLY A 767 -43.27 -15.80 25.59
N THR A 768 -42.93 -16.38 26.73
CA THR A 768 -43.83 -17.23 27.49
C THR A 768 -43.73 -16.84 28.95
N PRO A 769 -44.76 -17.11 29.76
CA PRO A 769 -44.63 -16.82 31.19
C PRO A 769 -43.56 -17.66 31.86
N MET A 770 -43.38 -17.46 33.16
CA MET A 770 -42.54 -18.36 33.93
C MET A 770 -43.11 -19.75 33.77
N GLY A 771 -42.25 -20.78 33.87
CA GLY A 771 -42.42 -22.05 33.18
C GLY A 771 -43.83 -22.57 33.06
N SER A 772 -44.24 -22.82 31.82
CA SER A 772 -45.64 -22.82 31.44
C SER A 772 -45.87 -23.98 30.50
N PRO A 773 -47.14 -24.36 30.26
CA PRO A 773 -47.39 -25.45 29.33
C PRO A 773 -47.45 -25.00 27.88
N TYR A 774 -46.55 -24.11 27.46
CA TYR A 774 -46.48 -23.73 26.05
C TYR A 774 -45.06 -23.67 25.50
N ARG A 775 -44.07 -23.30 26.33
CA ARG A 775 -42.71 -23.08 25.82
C ARG A 775 -42.19 -24.29 25.08
N ASP A 776 -42.41 -25.48 25.63
CA ASP A 776 -41.96 -26.70 24.98
C ASP A 776 -42.89 -27.11 23.85
N LYS A 777 -44.12 -26.57 23.82
CA LYS A 777 -45.02 -26.80 22.70
C LYS A 777 -44.83 -25.75 21.62
N ILE A 778 -44.44 -24.53 21.99
CA ILE A 778 -44.23 -23.49 21.01
C ILE A 778 -42.88 -23.65 20.33
N THR A 779 -41.94 -24.34 20.97
CA THR A 779 -40.59 -24.43 20.43
C THR A 779 -40.51 -25.48 19.33
N ILE A 780 -41.17 -26.64 19.51
CA ILE A 780 -41.17 -27.67 18.47
C ILE A 780 -41.78 -27.12 17.19
N ALA A 781 -42.72 -26.19 17.32
CA ALA A 781 -43.29 -25.52 16.16
C ALA A 781 -42.21 -24.81 15.36
N ILE A 782 -41.46 -23.95 16.03
CA ILE A 782 -40.47 -23.11 15.34
C ILE A 782 -39.46 -23.99 14.62
N LEU A 783 -39.09 -25.10 15.23
CA LEU A 783 -38.21 -26.04 14.56
C LEU A 783 -38.93 -26.73 13.41
N GLN A 784 -40.23 -26.97 13.57
CA GLN A 784 -40.98 -27.66 12.52
C GLN A 784 -41.09 -26.78 11.29
N LEU A 785 -41.53 -25.54 11.46
CA LEU A 785 -41.69 -24.63 10.33
C LEU A 785 -40.35 -24.36 9.66
N GLN A 786 -39.25 -24.50 10.40
CA GLN A 786 -37.92 -24.26 9.86
C GLN A 786 -37.60 -25.25 8.76
N GLU A 787 -37.65 -26.54 9.08
CA GLU A 787 -37.29 -27.60 8.16
C GLU A 787 -38.09 -27.51 6.87
N GLU A 788 -39.38 -27.23 6.99
CA GLU A 788 -40.20 -27.05 5.81
C GLU A 788 -39.83 -25.79 5.04
N GLY A 789 -39.14 -24.85 5.68
CA GLY A 789 -38.62 -23.68 5.01
C GLY A 789 -39.53 -22.47 5.05
N LYS A 790 -40.63 -22.53 5.79
CA LYS A 790 -41.61 -21.46 5.76
C LYS A 790 -41.05 -20.15 6.30
N LEU A 791 -40.10 -20.19 7.21
CA LEU A 791 -39.59 -18.96 7.80
C LEU A 791 -38.82 -18.15 6.78
N HIS A 792 -37.81 -18.76 6.16
CA HIS A 792 -37.04 -18.05 5.14
C HIS A 792 -37.92 -17.65 3.98
N MET A 793 -38.93 -18.46 3.65
CA MET A 793 -39.95 -18.01 2.71
C MET A 793 -40.67 -16.79 3.27
N MET A 794 -40.98 -16.83 4.57
CA MET A 794 -41.63 -15.70 5.22
C MET A 794 -40.66 -14.55 5.39
N LYS A 795 -39.37 -14.85 5.49
CA LYS A 795 -38.35 -13.81 5.59
C LYS A 795 -38.34 -12.95 4.33
N GLU A 796 -38.58 -13.57 3.19
CA GLU A 796 -38.52 -12.82 1.95
C GLU A 796 -39.70 -11.86 1.86
N LYS A 797 -40.91 -12.39 2.04
CA LYS A 797 -42.17 -11.69 1.74
C LYS A 797 -42.22 -10.28 2.33
N TRP A 798 -41.85 -10.14 3.60
CA TRP A 798 -42.02 -8.85 4.27
C TRP A 798 -40.80 -7.95 4.05
N TRP A 799 -39.58 -8.51 4.15
CA TRP A 799 -38.39 -7.69 4.01
C TRP A 799 -38.05 -7.42 2.54
N ARG A 800 -38.11 -8.45 1.69
CA ARG A 800 -37.87 -8.28 0.27
C ARG A 800 -39.01 -7.47 -0.33
N GLY A 801 -38.78 -6.88 -1.50
CA GLY A 801 -39.85 -6.30 -2.28
C GLY A 801 -39.40 -5.99 -3.68
N ASN A 802 -39.82 -4.82 -4.17
CA ASN A 802 -39.41 -4.32 -5.48
C ASN A 802 -37.90 -4.44 -5.68
N GLY A 803 -37.51 -5.06 -6.79
CA GLY A 803 -36.10 -5.20 -7.10
C GLY A 803 -35.37 -3.88 -7.12
N CYS A 804 -34.55 -3.67 -6.11
CA CYS A 804 -33.72 -2.49 -5.90
C CYS A 804 -32.88 -2.19 -7.14
N PRO A 805 -32.30 -0.98 -7.27
CA PRO A 805 -31.31 -0.74 -8.34
C PRO A 805 -29.94 -1.42 -8.19
N GLU A 806 -29.89 -2.56 -7.48
CA GLU A 806 -28.73 -3.43 -7.27
C GLU A 806 -27.71 -3.41 -8.40
N GLU A 807 -28.19 -3.37 -9.65
CA GLU A 807 -27.31 -3.26 -10.82
C GLU A 807 -26.29 -2.15 -10.58
N GLU A 808 -25.04 -2.58 -10.42
CA GLU A 808 -23.94 -1.72 -10.00
C GLU A 808 -22.70 -2.59 -10.00
N SER A 809 -21.57 -1.99 -10.36
CA SER A 809 -20.32 -2.73 -10.43
C SER A 809 -19.16 -1.80 -10.10
N LYS A 810 -18.05 -2.42 -9.68
CA LYS A 810 -16.77 -1.74 -9.52
C LYS A 810 -15.72 -2.44 -10.37
N GLU A 811 -16.02 -2.71 -11.64
CA GLU A 811 -15.02 -3.14 -12.60
C GLU A 811 -14.28 -1.96 -13.21
N ALA A 812 -14.37 -0.79 -12.59
CA ALA A 812 -13.76 0.46 -13.07
C ALA A 812 -12.28 0.34 -13.43
N SER A 813 -11.58 -0.66 -12.88
CA SER A 813 -10.16 -0.92 -13.08
C SER A 813 -9.72 -0.69 -14.52
N ALA A 814 -10.32 -1.43 -15.44
CA ALA A 814 -10.09 -1.18 -16.86
C ALA A 814 -10.76 0.13 -17.26
N LEU A 815 -9.98 1.03 -17.85
CA LEU A 815 -10.51 2.34 -18.16
C LEU A 815 -11.50 2.27 -19.32
N GLY A 816 -12.46 3.19 -19.27
CA GLY A 816 -13.47 3.32 -20.29
C GLY A 816 -13.62 4.76 -20.71
N VAL A 817 -14.77 5.10 -21.25
CA VAL A 817 -14.97 6.40 -21.86
C VAL A 817 -14.95 7.46 -20.78
N GLN A 818 -15.72 7.25 -19.71
CA GLN A 818 -15.80 8.21 -18.61
C GLN A 818 -14.41 8.53 -18.06
N ASN A 819 -13.51 7.55 -18.09
CA ASN A 819 -12.14 7.79 -17.66
C ASN A 819 -11.42 8.73 -18.62
N ILE A 820 -11.33 8.35 -19.90
CA ILE A 820 -10.51 9.11 -20.84
C ILE A 820 -11.37 10.00 -21.74
N GLY A 821 -12.25 9.43 -22.57
CA GLY A 821 -13.40 10.17 -23.08
C GLY A 821 -13.10 11.40 -23.91
N GLY A 822 -12.63 12.41 -23.20
CA GLY A 822 -12.46 13.75 -23.71
C GLY A 822 -11.58 13.85 -24.91
N ILE A 823 -10.54 13.01 -24.93
CA ILE A 823 -9.60 13.00 -26.02
C ILE A 823 -10.32 12.77 -27.35
N PHE A 824 -11.40 12.00 -27.34
CA PHE A 824 -12.20 11.85 -28.54
C PHE A 824 -12.93 13.14 -28.91
N ILE A 825 -13.36 13.92 -27.90
CA ILE A 825 -13.90 15.24 -28.20
C ILE A 825 -12.79 16.13 -28.73
N VAL A 826 -11.59 16.00 -28.17
CA VAL A 826 -10.46 16.76 -28.68
C VAL A 826 -10.15 16.34 -30.10
N LEU A 827 -10.27 15.03 -30.39
CA LEU A 827 -10.06 14.55 -31.75
C LEU A 827 -11.07 15.16 -32.69
N ALA A 828 -12.36 15.11 -32.33
CA ALA A 828 -13.42 15.67 -33.15
C ALA A 828 -13.18 17.15 -33.42
N ALA A 829 -12.87 17.90 -32.37
CA ALA A 829 -12.62 19.33 -32.48
C ALA A 829 -11.48 19.62 -33.46
N GLY A 830 -10.49 18.74 -33.48
CA GLY A 830 -9.37 18.89 -34.37
C GLY A 830 -9.80 18.78 -35.81
N LEU A 831 -10.47 17.68 -36.14
CA LEU A 831 -10.89 17.39 -37.49
C LEU A 831 -11.79 18.49 -38.03
N VAL A 832 -12.63 19.06 -37.16
CA VAL A 832 -13.54 20.12 -37.58
C VAL A 832 -12.75 21.36 -38.00
N LEU A 833 -11.79 21.77 -37.19
CA LEU A 833 -11.02 22.97 -37.48
C LEU A 833 -10.23 22.81 -38.78
N SER A 834 -9.79 21.59 -39.06
CA SER A 834 -9.04 21.34 -40.28
C SER A 834 -9.91 21.60 -41.50
N VAL A 835 -11.19 21.23 -41.42
CA VAL A 835 -12.13 21.48 -42.50
C VAL A 835 -12.23 22.97 -42.73
N PHE A 836 -12.48 23.74 -41.67
CA PHE A 836 -12.72 25.18 -41.81
C PHE A 836 -11.51 25.87 -42.42
N VAL A 837 -10.31 25.49 -42.00
CA VAL A 837 -9.12 26.02 -42.62
C VAL A 837 -8.97 25.53 -44.05
N ALA A 838 -9.21 24.22 -44.26
CA ALA A 838 -9.09 23.64 -45.60
C ALA A 838 -10.01 24.35 -46.58
N VAL A 839 -11.20 24.75 -46.14
CA VAL A 839 -12.02 25.65 -46.93
C VAL A 839 -11.28 26.95 -47.14
N GLY A 840 -10.74 27.52 -46.06
CA GLY A 840 -9.99 28.75 -46.12
C GLY A 840 -8.80 28.65 -47.05
N GLU A 841 -8.19 27.47 -47.12
CA GLU A 841 -7.08 27.25 -48.03
C GLU A 841 -7.57 27.42 -49.47
N PHE A 842 -8.69 26.77 -49.79
CA PHE A 842 -9.26 26.78 -51.13
C PHE A 842 -9.53 28.19 -51.60
N LEU A 843 -10.21 28.99 -50.78
CA LEU A 843 -10.59 30.34 -51.15
C LEU A 843 -9.35 31.20 -51.38
N TYR A 844 -8.40 31.15 -50.45
CA TYR A 844 -7.21 31.99 -50.51
C TYR A 844 -6.41 31.71 -51.77
N LYS A 845 -6.26 30.43 -52.12
CA LYS A 845 -5.49 30.08 -53.29
C LYS A 845 -6.14 30.64 -54.55
N SER A 846 -7.34 30.17 -54.87
CA SER A 846 -7.98 30.52 -56.13
C SER A 846 -8.17 32.02 -56.25
N LYS A 847 -8.47 32.69 -55.13
CA LYS A 847 -8.67 34.13 -55.15
C LYS A 847 -7.37 34.83 -55.49
N LYS A 848 -6.32 34.59 -54.71
CA LYS A 848 -5.02 35.20 -54.93
C LYS A 848 -4.49 34.80 -56.30
N ASN A 849 -4.77 33.57 -56.72
CA ASN A 849 -4.36 33.11 -58.04
C ASN A 849 -5.18 33.83 -59.09
N ALA A 850 -6.50 33.85 -58.93
CA ALA A 850 -7.41 34.52 -59.87
C ALA A 850 -7.17 36.02 -59.96
N GLN A 851 -6.54 36.60 -58.93
CA GLN A 851 -6.21 38.01 -58.96
C GLN A 851 -5.29 38.33 -60.14
N LEU A 852 -4.26 37.50 -60.32
CA LEU A 852 -3.33 37.61 -61.45
C LEU A 852 -3.80 36.80 -62.66
N GLU A 853 -4.86 35.99 -62.50
CA GLU A 853 -5.34 35.03 -63.50
C GLU A 853 -6.82 35.30 -63.75
N LYS A 854 -7.56 34.30 -64.26
CA LYS A 854 -8.94 34.47 -64.71
C LYS A 854 -9.87 34.95 -63.58
N ARG A 855 -11.16 35.12 -63.89
CA ARG A 855 -11.97 36.14 -63.23
C ARG A 855 -12.13 35.97 -61.72
N SER A 856 -13.08 35.15 -61.24
CA SER A 856 -13.08 34.75 -59.84
C SER A 856 -13.44 33.29 -59.61
N PHE A 857 -14.65 32.91 -60.06
CA PHE A 857 -15.25 31.64 -59.65
C PHE A 857 -15.21 30.61 -60.76
N CYS A 858 -15.06 31.04 -62.01
CA CYS A 858 -14.68 30.17 -63.11
C CYS A 858 -13.51 29.32 -62.67
N SER A 859 -12.48 29.97 -62.12
CA SER A 859 -11.37 29.27 -61.51
C SER A 859 -11.84 28.32 -60.42
N ALA A 860 -12.66 28.82 -59.49
CA ALA A 860 -13.06 28.06 -58.31
C ALA A 860 -13.64 26.69 -58.66
N MET A 861 -14.64 26.63 -59.54
CA MET A 861 -15.27 25.35 -59.84
C MET A 861 -14.41 24.49 -60.76
N VAL A 862 -13.76 25.09 -61.78
CA VAL A 862 -12.88 24.29 -62.63
C VAL A 862 -11.72 23.83 -61.77
N GLU A 863 -11.31 24.65 -60.79
CA GLU A 863 -10.29 24.18 -59.83
C GLU A 863 -10.86 23.15 -58.87
N GLU A 864 -12.15 23.27 -58.52
CA GLU A 864 -12.77 22.32 -57.59
C GLU A 864 -12.72 20.91 -58.17
N LEU A 865 -13.35 20.70 -59.32
CA LEU A 865 -13.45 19.37 -59.90
C LEU A 865 -12.19 18.95 -60.67
N ARG A 866 -11.14 19.78 -60.74
CA ARG A 866 -9.85 19.28 -61.25
C ARG A 866 -8.95 18.78 -60.13
N MET A 867 -9.28 19.12 -58.88
CA MET A 867 -8.77 18.31 -57.77
C MET A 867 -9.30 16.88 -57.87
N SER A 868 -10.35 16.65 -58.67
CA SER A 868 -11.06 15.38 -58.67
C SER A 868 -10.60 14.41 -59.76
N LEU A 869 -10.38 14.87 -61.01
CA LEU A 869 -9.45 14.25 -61.99
C LEU A 869 -9.13 12.78 -61.72
N LYS A 870 -10.01 11.82 -62.02
CA LYS A 870 -9.96 10.53 -61.30
C LYS A 870 -8.65 9.78 -61.51
N CYS A 871 -7.58 10.35 -60.92
CA CYS A 871 -6.21 9.87 -60.81
C CYS A 871 -5.45 10.96 -60.04
N GLN A 872 -4.19 10.74 -59.66
CA GLN A 872 -3.46 11.80 -58.95
C GLN A 872 -3.02 12.95 -59.87
N ARG A 873 -3.31 12.87 -61.16
CA ARG A 873 -2.89 13.90 -62.10
C ARG A 873 -3.75 15.15 -61.95
N ARG A 874 -3.10 16.28 -61.71
CA ARG A 874 -3.73 17.60 -61.65
C ARG A 874 -4.94 17.67 -60.75
N SER B 429 -10.35 5.80 58.95
CA SER B 429 -11.35 6.79 59.43
C SER B 429 -10.73 8.13 59.85
N ASN B 430 -9.41 8.24 59.76
CA ASN B 430 -8.68 9.38 60.29
C ASN B 430 -8.82 10.58 59.34
N ARG B 431 -7.89 11.54 59.41
CA ARG B 431 -7.75 12.56 58.37
C ARG B 431 -7.91 11.94 56.99
N SER B 432 -8.70 12.62 56.14
CA SER B 432 -9.14 12.00 54.90
C SER B 432 -7.95 11.56 54.06
N LEU B 433 -7.31 12.52 53.37
CA LEU B 433 -5.88 12.75 53.26
C LEU B 433 -5.75 13.97 52.38
N ILE B 434 -4.98 14.97 52.80
CA ILE B 434 -4.91 16.23 52.07
C ILE B 434 -3.97 16.01 50.89
N VAL B 435 -4.54 16.01 49.68
CA VAL B 435 -3.78 15.85 48.45
C VAL B 435 -3.63 17.22 47.80
N THR B 436 -2.39 17.71 47.74
CA THR B 436 -2.08 18.91 46.99
C THR B 436 -1.79 18.56 45.54
N THR B 437 -2.05 19.50 44.63
CA THR B 437 -2.09 19.21 43.20
C THR B 437 -2.07 20.54 42.45
N ILE B 438 -1.64 20.48 41.18
CA ILE B 438 -1.63 21.61 40.26
C ILE B 438 -2.36 21.21 38.98
N LEU B 439 -3.04 22.17 38.38
CA LEU B 439 -3.79 21.96 37.16
C LEU B 439 -2.85 22.01 35.96
N GLU B 440 -2.74 20.90 35.23
CA GLU B 440 -1.88 20.85 34.05
C GLU B 440 -2.24 19.59 33.26
N GLU B 441 -2.55 19.77 31.98
CA GLU B 441 -2.99 18.66 31.15
C GLU B 441 -1.82 17.71 30.87
N PRO B 442 -2.11 16.42 30.60
CA PRO B 442 -3.35 15.66 30.67
C PRO B 442 -3.58 15.03 32.04
N TYR B 443 -2.98 15.63 33.06
CA TYR B 443 -3.02 15.06 34.40
C TYR B 443 -4.23 15.58 35.15
N VAL B 444 -4.30 16.89 35.29
CA VAL B 444 -5.21 17.55 36.22
C VAL B 444 -5.95 18.57 35.39
N LEU B 445 -7.06 18.13 34.80
CA LEU B 445 -7.94 19.01 34.03
C LEU B 445 -9.14 19.34 34.90
N PHE B 446 -9.50 20.61 34.92
CA PHE B 446 -10.70 21.01 35.65
C PHE B 446 -11.90 20.36 34.99
N LYS B 447 -12.60 19.49 35.74
CA LYS B 447 -13.68 18.65 35.22
C LYS B 447 -14.68 19.46 34.41
N LYS B 448 -15.17 18.89 33.32
CA LYS B 448 -15.90 19.62 32.30
C LYS B 448 -17.39 19.30 32.38
N SER B 449 -18.14 20.19 33.02
CA SER B 449 -19.59 20.14 33.08
C SER B 449 -20.05 21.41 33.79
N ASP B 450 -21.35 21.72 33.73
CA ASP B 450 -21.83 22.97 34.34
C ASP B 450 -22.24 22.74 35.80
N LYS B 451 -23.31 21.95 36.06
CA LYS B 451 -23.41 20.97 37.16
C LYS B 451 -22.46 21.25 38.31
N PRO B 452 -22.68 22.32 39.11
CA PRO B 452 -21.62 22.88 39.96
C PRO B 452 -20.95 21.92 40.95
N LEU B 453 -19.97 22.45 41.68
CA LEU B 453 -18.88 21.75 42.34
C LEU B 453 -19.31 20.47 43.04
N TYR B 454 -18.37 19.51 43.11
CA TYR B 454 -18.59 18.25 43.79
C TYR B 454 -17.37 17.77 44.56
N GLY B 455 -16.40 18.66 44.82
CA GLY B 455 -15.19 18.21 45.47
C GLY B 455 -14.47 17.16 44.65
N ASN B 456 -14.60 15.89 45.06
CA ASN B 456 -13.99 14.75 44.38
C ASN B 456 -14.50 14.53 42.96
N ASP B 457 -15.46 15.34 42.52
CA ASP B 457 -15.75 15.49 41.11
C ASP B 457 -15.68 16.95 40.69
N ARG B 458 -14.60 17.64 41.06
CA ARG B 458 -14.15 18.84 40.38
C ARG B 458 -12.99 18.57 39.43
N PHE B 459 -12.45 17.35 39.42
CA PHE B 459 -11.20 17.07 38.73
C PHE B 459 -11.20 15.66 38.19
N GLU B 460 -10.53 15.46 37.07
CA GLU B 460 -10.31 14.13 36.52
C GLU B 460 -9.04 14.19 35.67
N GLY B 461 -8.76 13.08 35.00
CA GLY B 461 -7.56 12.91 34.22
C GLY B 461 -6.77 11.73 34.70
N TYR B 462 -5.47 11.77 34.44
CA TYR B 462 -4.58 10.70 34.89
C TYR B 462 -4.27 10.81 36.37
N CYS B 463 -3.80 11.98 36.79
CA CYS B 463 -3.51 12.26 38.20
C CYS B 463 -4.66 11.87 39.11
N ILE B 464 -5.89 12.01 38.65
CA ILE B 464 -7.04 11.62 39.44
C ILE B 464 -7.31 10.13 39.32
N ASP B 465 -7.07 9.54 38.15
CA ASP B 465 -7.24 8.09 38.01
C ASP B 465 -6.20 7.33 38.81
N LEU B 466 -4.99 7.86 38.92
CA LEU B 466 -3.97 7.20 39.73
C LEU B 466 -4.40 7.16 41.19
N LEU B 467 -4.86 8.29 41.73
CA LEU B 467 -5.39 8.37 43.08
C LEU B 467 -6.48 7.35 43.32
N ARG B 468 -7.32 7.12 42.31
CA ARG B 468 -8.41 6.16 42.42
C ARG B 468 -7.86 4.78 42.71
N GLU B 469 -7.05 4.25 41.80
CA GLU B 469 -6.47 2.94 42.00
C GLU B 469 -5.52 2.95 43.19
N LEU B 470 -5.01 4.13 43.55
CA LEU B 470 -4.15 4.21 44.71
C LEU B 470 -4.98 4.08 45.98
N SER B 471 -6.04 4.87 46.10
CA SER B 471 -6.91 4.82 47.27
C SER B 471 -7.74 3.54 47.31
N THR B 472 -7.92 2.90 46.16
CA THR B 472 -8.65 1.64 46.12
C THR B 472 -7.82 0.53 46.75
N ILE B 473 -6.60 0.33 46.22
CA ILE B 473 -5.70 -0.68 46.76
C ILE B 473 -5.40 -0.37 48.24
N LEU B 474 -5.16 0.89 48.54
CA LEU B 474 -5.04 1.37 49.91
C LEU B 474 -6.44 1.71 50.41
N GLY B 475 -6.58 2.41 51.53
CA GLY B 475 -7.85 2.99 51.89
C GLY B 475 -7.72 4.36 52.53
N PHE B 476 -8.29 5.38 51.90
CA PHE B 476 -8.32 6.73 52.45
C PHE B 476 -9.29 7.57 51.60
N THR B 477 -9.29 8.89 51.83
CA THR B 477 -10.16 9.84 51.13
C THR B 477 -9.32 11.06 50.74
N TYR B 478 -9.82 11.87 49.80
CA TYR B 478 -9.02 12.93 49.18
C TYR B 478 -9.36 14.30 49.76
N GLU B 479 -10.61 14.65 49.52
CA GLU B 479 -11.31 15.94 49.53
C GLU B 479 -10.94 16.91 48.41
N ILE B 480 -9.70 17.40 48.37
CA ILE B 480 -8.66 17.49 47.34
C ILE B 480 -8.08 18.81 47.82
N ARG B 481 -6.84 19.15 47.50
CA ARG B 481 -6.52 20.57 47.55
C ARG B 481 -5.77 21.03 46.32
N LEU B 482 -5.55 22.34 46.23
CA LEU B 482 -4.85 22.94 45.11
C LEU B 482 -3.71 23.79 45.63
N VAL B 483 -2.92 24.28 44.69
CA VAL B 483 -1.85 25.25 44.94
C VAL B 483 -2.52 26.56 45.34
N GLU B 484 -1.73 27.50 45.83
CA GLU B 484 -2.18 28.88 45.99
C GLU B 484 -1.14 29.84 45.44
N ASP B 485 -0.25 29.34 44.58
CA ASP B 485 0.80 30.15 43.96
C ASP B 485 1.00 29.81 42.48
N GLY B 486 0.42 28.71 42.00
CA GLY B 486 0.63 28.27 40.63
C GLY B 486 1.85 27.38 40.46
N LYS B 487 2.98 27.81 41.04
CA LYS B 487 4.26 27.16 40.85
C LYS B 487 4.26 25.72 41.33
N TYR B 488 4.88 24.83 40.56
CA TYR B 488 5.14 23.47 41.02
C TYR B 488 5.88 23.51 42.35
N GLY B 489 6.93 24.31 42.41
CA GLY B 489 7.72 24.49 43.61
C GLY B 489 9.20 24.46 43.33
N ALA B 490 9.97 25.19 44.12
CA ALA B 490 11.42 25.19 43.98
C ALA B 490 12.04 25.85 45.21
N GLN B 491 13.32 25.57 45.47
CA GLN B 491 14.12 26.35 46.39
C GLN B 491 14.00 27.81 45.97
N ASP B 492 13.44 28.64 46.86
CA ASP B 492 12.89 29.93 46.43
C ASP B 492 13.91 30.86 45.81
N ASP B 493 14.82 31.42 46.62
CA ASP B 493 15.84 32.34 46.15
C ASP B 493 16.74 32.63 47.35
N VAL B 494 17.42 33.78 47.34
CA VAL B 494 18.22 34.31 48.45
C VAL B 494 17.57 34.04 49.81
N ASN B 495 16.25 34.22 49.90
CA ASN B 495 15.52 33.89 51.12
C ASN B 495 15.78 32.45 51.53
N GLY B 496 15.97 31.56 50.56
CA GLY B 496 16.16 30.15 50.85
C GLY B 496 14.92 29.51 51.43
N GLN B 497 13.77 30.12 51.16
CA GLN B 497 12.48 29.61 51.58
C GLN B 497 12.00 28.67 50.49
N TRP B 498 10.78 28.15 50.57
CA TRP B 498 10.29 27.17 49.59
C TRP B 498 8.87 27.58 49.21
N ASN B 499 8.61 27.71 47.91
CA ASN B 499 7.27 28.01 47.40
C ASN B 499 6.53 26.74 47.02
N GLY B 500 5.42 26.89 46.29
CA GLY B 500 4.80 25.79 45.59
C GLY B 500 4.31 24.64 46.44
N MET B 501 4.14 23.46 45.83
CA MET B 501 3.72 22.29 46.59
C MET B 501 4.81 21.76 47.50
N VAL B 502 6.07 22.18 47.30
CA VAL B 502 7.12 21.82 48.24
C VAL B 502 6.99 22.62 49.53
N ARG B 503 6.44 23.84 49.45
CA ARG B 503 6.04 24.56 50.66
C ARG B 503 5.06 23.71 51.44
N GLU B 504 3.95 23.40 50.79
CA GLU B 504 2.80 22.80 51.41
C GLU B 504 3.14 21.44 52.00
N LEU B 505 4.14 20.76 51.44
CA LEU B 505 4.49 19.42 51.84
C LEU B 505 5.46 19.39 53.02
N ILE B 506 6.06 20.54 53.36
CA ILE B 506 7.02 20.60 54.46
C ILE B 506 6.29 20.79 55.78
N ASP B 507 5.58 21.90 55.94
CA ASP B 507 4.98 22.23 57.22
C ASP B 507 3.59 21.61 57.37
N HIS B 508 3.44 20.35 56.98
CA HIS B 508 2.29 19.50 57.30
C HIS B 508 0.93 20.16 57.10
N LYS B 509 0.85 21.13 56.19
CA LYS B 509 -0.41 21.67 55.75
C LYS B 509 -1.09 20.69 54.80
N ALA B 510 -0.35 19.68 54.37
CA ALA B 510 -0.90 18.66 53.49
C ALA B 510 -0.17 17.35 53.65
N ASP B 511 -0.36 16.47 52.68
CA ASP B 511 0.11 15.10 52.67
C ASP B 511 0.38 14.87 51.19
N LEU B 512 0.16 13.66 50.69
CA LEU B 512 0.50 13.21 49.35
C LEU B 512 0.26 14.23 48.26
N ALA B 513 1.05 14.17 47.19
CA ALA B 513 1.07 15.19 46.16
C ALA B 513 1.08 14.59 44.76
N VAL B 514 0.14 13.70 44.46
CA VAL B 514 0.04 13.14 43.11
C VAL B 514 -0.10 14.32 42.18
N ALA B 515 0.91 14.53 41.37
CA ALA B 515 1.05 15.72 40.57
C ALA B 515 2.33 15.59 39.75
N PRO B 516 2.47 16.28 38.63
CA PRO B 516 3.74 16.21 37.90
C PRO B 516 4.90 16.90 38.61
N LEU B 517 5.36 16.29 39.70
CA LEU B 517 6.59 16.70 40.36
C LEU B 517 7.75 15.85 39.89
N ALA B 518 8.84 16.52 39.53
CA ALA B 518 10.02 15.86 38.97
C ALA B 518 11.04 15.66 40.07
N ILE B 519 11.51 14.43 40.20
CA ILE B 519 12.42 14.05 41.28
C ILE B 519 13.79 14.65 41.01
N THR B 520 14.28 15.47 41.94
CA THR B 520 15.59 16.08 41.83
C THR B 520 16.25 16.13 43.21
N TYR B 521 17.55 16.44 43.18
CA TYR B 521 18.37 16.53 44.38
C TYR B 521 17.78 17.44 45.45
N VAL B 522 17.63 18.73 45.12
CA VAL B 522 17.23 19.72 46.12
C VAL B 522 15.85 19.40 46.66
N ARG B 523 14.99 18.83 45.82
CA ARG B 523 13.67 18.43 46.29
C ARG B 523 13.79 17.29 47.30
N GLU B 524 14.53 16.25 46.95
CA GLU B 524 14.60 15.05 47.78
C GLU B 524 15.32 15.32 49.10
N LYS B 525 16.09 16.40 49.17
CA LYS B 525 16.81 16.70 50.40
C LYS B 525 15.85 17.09 51.52
N VAL B 526 14.72 17.69 51.16
CA VAL B 526 13.81 18.32 52.11
C VAL B 526 12.47 17.61 52.17
N ILE B 527 12.17 16.74 51.21
CA ILE B 527 11.01 15.87 51.25
C ILE B 527 11.49 14.48 50.87
N ASP B 528 10.56 13.53 50.74
CA ASP B 528 10.89 12.19 50.31
C ASP B 528 9.90 11.69 49.27
N PHE B 529 10.30 11.71 48.00
CA PHE B 529 9.42 11.28 46.95
C PHE B 529 9.11 9.80 47.07
N SER B 530 8.08 9.38 46.34
CA SER B 530 7.79 7.97 46.17
C SER B 530 8.73 7.42 45.11
N LYS B 531 8.49 6.19 44.66
CA LYS B 531 9.24 5.63 43.54
C LYS B 531 8.47 5.95 42.27
N PRO B 532 9.13 6.09 41.11
CA PRO B 532 8.45 6.60 39.92
C PRO B 532 7.25 5.82 39.46
N PHE B 533 6.20 6.55 39.07
CA PHE B 533 5.08 5.98 38.33
C PHE B 533 5.21 6.18 36.84
N MET B 534 6.25 6.87 36.37
CA MET B 534 6.40 7.12 34.95
C MET B 534 7.79 7.68 34.68
N THR B 535 8.31 7.35 33.49
CA THR B 535 9.61 7.82 33.06
C THR B 535 9.47 9.08 32.22
N LEU B 536 10.60 9.74 31.99
CA LEU B 536 10.59 11.05 31.36
C LEU B 536 11.98 11.42 30.89
N GLY B 537 12.07 12.02 29.70
CA GLY B 537 13.31 12.55 29.19
C GLY B 537 13.11 13.87 28.48
N ILE B 538 14.22 14.57 28.27
CA ILE B 538 14.24 15.77 27.44
C ILE B 538 14.41 15.31 26.01
N SER B 539 13.58 15.85 25.12
CA SER B 539 13.64 15.51 23.71
C SER B 539 13.19 16.74 22.91
N ILE B 540 12.90 16.51 21.64
CA ILE B 540 12.79 17.59 20.65
C ILE B 540 11.39 17.58 20.05
N LEU B 541 10.94 18.76 19.66
CA LEU B 541 9.68 18.97 18.95
C LEU B 541 9.99 19.81 17.73
N TYR B 542 9.55 19.37 16.56
CA TYR B 542 9.81 20.06 15.31
C TYR B 542 8.60 19.92 14.38
N ARG B 543 8.42 20.92 13.53
CA ARG B 543 7.35 20.89 12.54
C ARG B 543 7.59 19.71 11.61
N LYS B 544 6.69 18.73 11.67
CA LYS B 544 6.75 17.49 10.91
C LYS B 544 7.08 17.78 9.45
N PRO B 545 7.85 16.92 8.77
CA PRO B 545 8.02 17.10 7.33
C PRO B 545 6.68 17.06 6.62
N ASN B 546 6.53 17.95 5.64
CA ASN B 546 5.33 18.00 4.82
C ASN B 546 5.65 17.90 3.34
N GLY B 547 6.92 17.95 2.96
CA GLY B 547 7.38 17.73 1.60
C GLY B 547 6.61 18.50 0.56
N THR B 548 6.26 19.73 0.90
CA THR B 548 5.39 20.55 0.06
C THR B 548 6.24 21.57 -0.69
N ASN B 549 7.57 21.51 -0.52
CA ASN B 549 8.49 22.24 -1.36
C ASN B 549 9.75 21.39 -1.56
N PRO B 550 9.65 20.26 -2.29
CA PRO B 550 10.85 19.45 -2.55
C PRO B 550 11.95 20.24 -3.22
N GLY B 551 11.56 21.15 -4.11
CA GLY B 551 12.50 22.00 -4.80
C GLY B 551 12.00 22.38 -6.18
N VAL B 552 12.55 23.44 -6.76
CA VAL B 552 12.24 23.83 -8.14
C VAL B 552 12.91 22.90 -9.15
N PHE B 553 13.61 21.88 -8.65
CA PHE B 553 14.12 20.74 -9.39
C PHE B 553 13.47 19.55 -8.69
N SER B 554 14.07 18.35 -8.77
CA SER B 554 13.49 17.06 -8.36
C SER B 554 12.72 16.37 -9.47
N PHE B 555 12.81 16.89 -10.69
CA PHE B 555 12.72 16.00 -11.84
C PHE B 555 14.00 15.19 -12.01
N LEU B 556 15.05 15.54 -11.27
CA LEU B 556 16.38 14.99 -11.43
C LEU B 556 16.74 13.99 -10.34
N ASN B 557 15.88 13.84 -9.32
CA ASN B 557 16.10 12.84 -8.28
C ASN B 557 16.09 11.41 -8.81
N PRO B 558 15.10 10.96 -9.65
CA PRO B 558 14.87 9.51 -9.81
C PRO B 558 16.04 8.64 -10.24
N LEU B 559 17.16 9.24 -10.62
CA LEU B 559 18.41 8.50 -10.80
C LEU B 559 19.49 9.24 -10.04
N SER B 560 20.48 8.49 -9.56
CA SER B 560 21.52 9.07 -8.73
C SER B 560 22.30 10.11 -9.52
N PRO B 561 22.80 11.18 -8.87
CA PRO B 561 23.72 12.09 -9.56
C PRO B 561 24.91 11.39 -10.17
N ASP B 562 25.34 10.28 -9.57
CA ASP B 562 26.39 9.44 -10.13
C ASP B 562 26.05 9.00 -11.54
N ILE B 563 24.78 8.73 -11.79
CA ILE B 563 24.36 8.20 -13.09
C ILE B 563 24.20 9.32 -14.10
N TRP B 564 23.54 10.41 -13.71
CA TRP B 564 23.25 11.50 -14.64
C TRP B 564 24.52 12.03 -15.30
N MET B 565 25.65 11.95 -14.61
CA MET B 565 26.91 12.38 -15.19
C MET B 565 27.53 11.28 -16.04
N TYR B 566 27.39 10.03 -15.62
CA TYR B 566 27.95 8.93 -16.41
C TYR B 566 27.28 8.80 -17.77
N VAL B 567 25.99 9.12 -17.85
CA VAL B 567 25.28 8.95 -19.12
C VAL B 567 25.64 10.07 -20.09
N LEU B 568 25.75 11.30 -19.59
CA LEU B 568 26.28 12.38 -20.42
C LEU B 568 27.69 12.06 -20.86
N LEU B 569 28.48 11.46 -19.99
CA LEU B 569 29.82 11.04 -20.35
C LEU B 569 29.78 10.02 -21.47
N ALA B 570 28.80 9.13 -21.44
CA ALA B 570 28.66 8.11 -22.47
C ALA B 570 28.16 8.68 -23.79
N CYS B 571 27.36 9.75 -23.74
CA CYS B 571 26.99 10.44 -24.97
C CYS B 571 28.21 11.03 -25.66
N LEU B 572 29.09 11.66 -24.87
CA LEU B 572 30.37 12.08 -25.40
C LEU B 572 31.20 10.87 -25.82
N GLY B 573 30.99 9.73 -25.17
CA GLY B 573 31.65 8.51 -25.54
C GLY B 573 31.31 8.07 -26.96
N VAL B 574 30.05 7.67 -27.16
CA VAL B 574 29.69 7.01 -28.41
C VAL B 574 29.74 7.98 -29.58
N SER B 575 29.48 9.26 -29.34
CA SER B 575 29.65 10.25 -30.41
C SER B 575 31.09 10.29 -30.88
N CYS B 576 32.03 10.26 -29.93
CA CYS B 576 33.44 10.22 -30.28
C CYS B 576 33.82 8.91 -30.96
N VAL B 577 33.17 7.81 -30.59
CA VAL B 577 33.55 6.51 -31.12
C VAL B 577 32.91 6.28 -32.47
N LEU B 578 31.63 6.64 -32.61
CA LEU B 578 30.94 6.57 -33.89
C LEU B 578 31.74 7.29 -34.97
N PHE B 579 32.29 8.43 -34.60
CA PHE B 579 33.21 9.20 -35.44
C PHE B 579 34.39 8.36 -35.91
N VAL B 580 35.01 7.63 -34.98
CA VAL B 580 36.17 6.81 -35.31
C VAL B 580 35.75 5.68 -36.25
N ILE B 581 34.77 4.89 -35.80
CA ILE B 581 34.40 3.65 -36.48
C ILE B 581 33.93 3.94 -37.89
N ALA B 582 32.94 4.82 -38.00
CA ALA B 582 32.28 5.15 -39.25
C ALA B 582 33.26 5.50 -40.34
N ARG B 583 34.21 6.36 -40.00
CA ARG B 583 35.17 6.91 -40.94
C ARG B 583 36.16 5.86 -41.43
N PHE B 584 36.82 5.18 -40.50
CA PHE B 584 37.74 4.11 -40.84
C PHE B 584 37.05 2.97 -41.57
N SER B 585 35.73 2.85 -41.43
CA SER B 585 34.96 1.87 -42.16
C SER B 585 34.86 2.30 -43.62
N PRO B 586 35.05 1.36 -44.58
CA PRO B 586 34.87 1.75 -45.99
C PRO B 586 33.43 1.94 -46.39
N TYR B 587 32.55 1.07 -45.91
CA TYR B 587 31.17 0.97 -46.36
C TYR B 587 30.31 2.13 -45.90
N GLU B 588 30.71 2.83 -44.83
CA GLU B 588 30.01 4.04 -44.44
C GLU B 588 30.02 5.04 -45.56
N TRP B 589 31.08 5.04 -46.35
CA TRP B 589 31.19 6.00 -47.42
C TRP B 589 30.24 5.63 -48.55
N TYR B 590 29.02 6.12 -48.43
CA TYR B 590 28.18 6.34 -49.59
C TYR B 590 28.84 7.40 -50.45
N ASN B 591 28.21 7.68 -51.57
CA ASN B 591 28.56 8.69 -52.50
C ASN B 591 27.14 9.19 -52.67
N PRO B 592 26.87 10.52 -52.67
CA PRO B 592 25.48 10.94 -52.72
C PRO B 592 24.80 10.41 -53.96
N HIS B 593 25.24 10.88 -55.14
CA HIS B 593 24.74 10.59 -56.48
C HIS B 593 23.26 10.22 -56.45
N PRO B 594 22.40 11.00 -55.78
CA PRO B 594 21.01 10.56 -55.75
C PRO B 594 20.41 10.71 -57.14
N CYS B 595 20.41 11.94 -57.66
CA CYS B 595 19.78 12.29 -58.93
C CYS B 595 20.34 11.44 -60.05
N ASN B 596 21.66 11.26 -60.03
CA ASN B 596 22.42 10.71 -61.13
C ASN B 596 23.23 9.50 -60.68
N PRO B 597 23.72 8.68 -61.61
CA PRO B 597 24.97 7.96 -61.39
C PRO B 597 26.14 8.92 -61.68
N ASP B 598 27.33 8.45 -62.11
CA ASP B 598 28.69 8.97 -61.90
C ASP B 598 28.93 10.47 -61.65
N SER B 599 30.17 10.86 -61.30
CA SER B 599 30.55 11.72 -60.18
C SER B 599 30.88 10.91 -58.92
N ASP B 600 32.07 10.29 -58.97
CA ASP B 600 32.70 9.48 -57.94
C ASP B 600 33.16 10.27 -56.69
N VAL B 601 32.73 11.52 -56.54
CA VAL B 601 32.90 12.28 -55.30
C VAL B 601 32.44 11.44 -54.12
N VAL B 602 32.99 11.71 -52.94
CA VAL B 602 32.67 10.89 -51.76
C VAL B 602 32.29 11.80 -50.60
N GLU B 603 31.46 11.27 -49.68
CA GLU B 603 31.06 12.00 -48.49
C GLU B 603 31.04 11.05 -47.29
N ASN B 604 30.90 11.61 -46.08
CA ASN B 604 31.16 10.86 -44.85
C ASN B 604 30.20 11.21 -43.74
N ASN B 605 28.90 11.43 -44.06
CA ASN B 605 28.02 12.37 -43.36
C ASN B 605 28.36 12.61 -41.91
N PHE B 606 28.61 11.52 -41.19
CA PHE B 606 29.06 11.63 -39.82
C PHE B 606 30.37 12.42 -39.77
N THR B 607 30.26 13.65 -39.33
CA THR B 607 31.37 14.43 -38.80
C THR B 607 31.44 14.17 -37.30
N LEU B 608 32.30 14.92 -36.63
CA LEU B 608 32.29 14.88 -35.19
C LEU B 608 31.04 15.52 -34.63
N LEU B 609 30.69 16.71 -35.14
CA LEU B 609 29.51 17.41 -34.64
C LEU B 609 28.24 16.65 -34.95
N ASN B 610 28.11 16.17 -36.19
CA ASN B 610 26.97 15.33 -36.55
C ASN B 610 26.87 14.06 -35.73
N SER B 611 27.94 13.64 -35.05
CA SER B 611 27.91 12.41 -34.29
C SER B 611 27.30 12.60 -32.91
N PHE B 612 27.51 13.78 -32.31
CA PHE B 612 26.79 14.14 -31.09
C PHE B 612 25.30 13.99 -31.34
N TRP B 613 24.88 14.60 -32.44
CA TRP B 613 23.50 14.76 -32.83
C TRP B 613 22.74 13.45 -32.80
N PHE B 614 23.32 12.44 -33.42
CA PHE B 614 22.83 11.07 -33.29
C PHE B 614 22.76 10.68 -31.83
N GLY B 615 23.84 10.90 -31.10
CA GLY B 615 23.92 10.53 -29.71
C GLY B 615 22.89 11.23 -28.86
N VAL B 616 22.87 12.57 -28.91
CA VAL B 616 21.90 13.33 -28.13
C VAL B 616 20.50 13.02 -28.60
N GLY B 617 20.27 13.10 -29.91
CA GLY B 617 18.92 12.96 -30.44
C GLY B 617 18.34 11.59 -30.17
N ALA B 618 19.18 10.55 -30.26
CA ALA B 618 18.71 9.22 -29.94
C ALA B 618 18.33 9.10 -28.49
N LEU B 619 19.08 9.77 -27.62
CA LEU B 619 18.90 9.62 -26.18
C LEU B 619 17.59 10.23 -25.73
N MET B 620 17.12 11.25 -26.44
CA MET B 620 15.84 11.88 -26.16
C MET B 620 14.72 11.32 -27.01
N GLN B 621 14.99 10.29 -27.82
CA GLN B 621 14.00 9.45 -28.48
C GLN B 621 13.28 10.13 -29.63
N GLN B 622 13.52 11.41 -29.87
CA GLN B 622 12.91 12.05 -31.02
C GLN B 622 13.46 11.49 -32.31
N GLY B 623 14.64 10.87 -32.25
CA GLY B 623 15.22 10.27 -33.43
C GLY B 623 15.72 11.32 -34.38
N SER B 624 16.63 10.92 -35.27
CA SER B 624 17.25 11.86 -36.19
C SER B 624 17.47 11.17 -37.54
N GLU B 625 17.72 12.01 -38.53
CA GLU B 625 18.47 11.62 -39.71
C GLU B 625 19.91 11.36 -39.28
N LEU B 626 20.77 11.05 -40.24
CA LEU B 626 22.06 10.40 -40.03
C LEU B 626 21.78 8.98 -39.57
N MET B 627 20.72 8.37 -40.08
CA MET B 627 20.44 6.98 -39.77
C MET B 627 21.65 6.19 -40.21
N PRO B 628 22.25 5.36 -39.37
CA PRO B 628 23.49 4.71 -39.79
C PRO B 628 23.29 3.75 -40.94
N LYS B 629 24.41 3.15 -41.31
CA LYS B 629 24.56 2.36 -42.52
C LYS B 629 25.84 1.58 -42.26
N ALA B 630 26.20 0.63 -43.12
CA ALA B 630 27.57 0.13 -43.07
C ALA B 630 27.93 -0.53 -41.75
N LEU B 631 27.52 -1.79 -41.60
CA LEU B 631 27.30 -2.51 -40.35
C LEU B 631 28.04 -2.02 -39.11
N SER B 632 29.32 -1.69 -39.25
CA SER B 632 30.15 -1.30 -38.10
C SER B 632 29.51 -0.17 -37.30
N THR B 633 28.83 0.75 -37.97
CA THR B 633 28.05 1.76 -37.25
C THR B 633 26.80 1.17 -36.63
N ARG B 634 26.21 0.16 -37.25
CA ARG B 634 24.87 -0.26 -36.86
C ARG B 634 24.86 -0.99 -35.53
N ILE B 635 25.93 -1.71 -35.20
CA ILE B 635 26.04 -2.31 -33.87
C ILE B 635 26.04 -1.18 -32.85
N VAL B 636 26.77 -0.11 -33.15
CA VAL B 636 26.93 0.97 -32.20
C VAL B 636 25.60 1.62 -31.90
N GLY B 637 24.87 2.02 -32.95
CA GLY B 637 23.60 2.67 -32.74
C GLY B 637 22.57 1.76 -32.10
N GLY B 638 22.64 0.46 -32.40
CA GLY B 638 21.71 -0.47 -31.79
C GLY B 638 21.88 -0.53 -30.29
N ILE B 639 23.13 -0.72 -29.85
CA ILE B 639 23.40 -0.83 -28.42
C ILE B 639 23.11 0.49 -27.74
N TRP B 640 23.37 1.60 -28.42
CA TRP B 640 23.02 2.90 -27.87
C TRP B 640 21.51 3.01 -27.66
N TRP B 641 20.74 2.67 -28.70
CA TRP B 641 19.29 2.71 -28.60
C TRP B 641 18.79 1.84 -27.45
N PHE B 642 19.42 0.69 -27.24
CA PHE B 642 19.09 -0.13 -26.08
C PHE B 642 19.52 0.59 -24.80
N PHE B 643 20.63 1.33 -24.86
CA PHE B 643 21.03 2.11 -23.70
C PHE B 643 20.06 3.25 -23.43
N THR B 644 19.44 3.77 -24.48
CA THR B 644 18.49 4.87 -24.29
C THR B 644 17.25 4.40 -23.56
N LEU B 645 16.71 3.26 -23.98
CA LEU B 645 15.38 2.84 -23.55
C LEU B 645 15.35 2.50 -22.08
N ILE B 646 16.36 1.78 -21.61
CA ILE B 646 16.40 1.33 -20.23
C ILE B 646 16.46 2.52 -19.29
N ILE B 647 17.20 3.55 -19.69
CA ILE B 647 17.39 4.71 -18.83
C ILE B 647 16.08 5.47 -18.70
N ILE B 648 15.41 5.71 -19.83
CA ILE B 648 14.15 6.44 -19.81
C ILE B 648 13.10 5.63 -19.07
N SER B 649 13.00 4.35 -19.40
CA SER B 649 12.03 3.48 -18.73
C SER B 649 12.30 3.41 -17.24
N SER B 650 13.58 3.38 -16.87
CA SER B 650 13.93 3.36 -15.45
C SER B 650 13.60 4.69 -14.80
N TYR B 651 13.86 5.79 -15.50
CA TYR B 651 13.49 7.10 -14.99
C TYR B 651 11.99 7.19 -14.80
N THR B 652 11.23 6.72 -15.79
CA THR B 652 9.78 6.78 -15.71
C THR B 652 9.26 5.91 -14.57
N ALA B 653 9.79 4.70 -14.45
CA ALA B 653 9.32 3.76 -13.45
C ALA B 653 9.55 4.28 -12.04
N ASN B 654 10.55 5.14 -11.86
CA ASN B 654 10.91 5.62 -10.52
C ASN B 654 10.14 6.87 -10.14
N LEU B 655 9.99 7.80 -11.07
CA LEU B 655 9.16 8.97 -10.83
C LEU B 655 7.72 8.54 -10.55
N ALA B 656 7.31 7.38 -11.08
CA ALA B 656 6.07 6.77 -10.66
C ALA B 656 6.12 6.40 -9.19
N ALA B 657 7.18 5.72 -8.78
CA ALA B 657 7.26 5.23 -7.41
C ALA B 657 7.43 6.36 -6.41
N PHE B 658 8.26 7.36 -6.74
CA PHE B 658 8.43 8.48 -5.82
C PHE B 658 7.15 9.29 -5.65
N LEU B 659 6.25 9.26 -6.64
CA LEU B 659 5.00 9.97 -6.59
C LEU B 659 3.84 9.10 -6.17
N THR B 660 4.04 7.78 -6.11
CA THR B 660 3.10 6.89 -5.45
C THR B 660 3.38 6.83 -3.96
N VAL B 661 4.61 6.48 -3.60
CA VAL B 661 5.00 6.21 -2.23
C VAL B 661 5.89 7.36 -1.79
N GLU B 662 5.37 8.22 -0.93
CA GLU B 662 6.09 9.40 -0.45
C GLU B 662 6.77 9.06 0.86
N ARG B 663 8.04 8.66 0.79
CA ARG B 663 8.86 8.46 1.99
C ARG B 663 9.48 9.78 2.38
N MET B 664 8.60 10.69 2.77
CA MET B 664 8.94 12.04 3.18
C MET B 664 9.92 12.02 4.35
N GLU B 665 11.12 12.52 4.12
CA GLU B 665 12.20 12.45 5.09
C GLU B 665 12.18 13.71 5.98
N SER B 666 13.14 13.82 6.88
CA SER B 666 13.23 14.90 7.84
C SER B 666 14.63 15.51 7.80
N PRO B 667 14.75 16.83 8.05
CA PRO B 667 16.09 17.45 8.00
C PRO B 667 17.07 16.87 9.00
N ILE B 668 16.71 16.90 10.28
CA ILE B 668 17.58 16.43 11.36
C ILE B 668 17.01 15.15 11.96
N ASP B 669 17.84 14.42 12.70
CA ASP B 669 17.38 13.19 13.36
C ASP B 669 17.98 13.06 14.76
N SER B 670 18.51 14.14 15.31
CA SER B 670 19.14 14.09 16.63
C SER B 670 19.58 15.46 17.09
N ALA B 671 20.01 15.55 18.35
CA ALA B 671 20.65 16.76 18.82
C ALA B 671 21.95 17.02 18.08
N ASP B 672 22.71 15.96 17.80
CA ASP B 672 23.95 16.10 17.03
C ASP B 672 23.66 16.70 15.66
N ASP B 673 22.69 16.13 14.94
CA ASP B 673 22.31 16.66 13.64
C ASP B 673 21.78 18.08 13.78
N LEU B 674 21.06 18.34 14.86
CA LEU B 674 20.52 19.67 15.13
C LEU B 674 21.66 20.60 15.49
N ALA B 675 22.66 20.07 16.19
CA ALA B 675 23.75 20.87 16.73
C ALA B 675 24.61 21.47 15.64
N LYS B 676 24.99 20.66 14.66
CA LYS B 676 25.85 21.11 13.58
C LYS B 676 25.17 22.14 12.68
N GLN B 677 23.85 22.28 12.80
CA GLN B 677 23.09 23.13 11.91
C GLN B 677 22.94 24.52 12.53
N THR B 678 22.75 25.53 11.68
CA THR B 678 22.53 26.90 12.14
C THR B 678 21.37 27.57 11.40
N LYS B 679 20.95 26.98 10.28
CA LYS B 679 19.73 27.41 9.63
C LYS B 679 18.56 27.30 10.59
N ILE B 680 18.51 26.21 11.34
CA ILE B 680 17.48 25.94 12.33
C ILE B 680 18.02 26.38 13.69
N GLU B 681 17.16 27.00 14.49
CA GLU B 681 17.53 27.41 15.84
C GLU B 681 17.12 26.35 16.84
N TYR B 682 17.87 26.24 17.95
CA TYR B 682 17.55 25.21 18.92
C TYR B 682 16.18 25.41 19.55
N GLY B 683 16.06 26.37 20.45
CA GLY B 683 14.86 26.53 21.26
C GLY B 683 15.00 25.83 22.59
N ALA B 684 14.26 26.36 23.57
CA ALA B 684 14.20 25.82 24.93
C ALA B 684 13.24 26.70 25.70
N VAL B 685 12.85 26.34 26.94
CA VAL B 685 11.84 27.17 27.57
C VAL B 685 12.51 28.47 28.05
N GLU B 686 13.01 28.48 29.29
CA GLU B 686 13.62 29.63 29.95
C GLU B 686 13.74 29.21 31.42
N ASP B 687 14.80 29.63 32.12
CA ASP B 687 14.97 29.48 33.58
C ASP B 687 14.32 28.23 34.19
N GLY B 688 14.52 27.07 33.58
CA GLY B 688 13.76 25.89 33.95
C GLY B 688 14.50 24.57 33.82
N ALA B 689 13.72 23.49 33.79
CA ALA B 689 14.23 22.13 33.77
C ALA B 689 15.18 21.91 32.61
N THR B 690 14.68 22.12 31.41
CA THR B 690 15.48 21.89 30.21
C THR B 690 16.69 22.81 30.19
N MET B 691 16.48 24.10 30.46
CA MET B 691 17.52 25.11 30.39
C MET B 691 18.63 24.80 31.38
N THR B 692 18.24 24.47 32.61
CA THR B 692 19.19 24.19 33.68
C THR B 692 20.18 23.10 33.28
N PHE B 693 19.67 22.05 32.63
CA PHE B 693 20.47 20.89 32.26
C PHE B 693 21.62 21.27 31.35
N PHE B 694 21.29 21.88 30.22
CA PHE B 694 22.29 22.15 29.18
C PHE B 694 23.35 23.12 29.68
N LYS B 695 22.97 24.05 30.55
CA LYS B 695 23.96 24.89 31.22
C LYS B 695 24.91 23.99 32.00
N LYS B 696 24.34 23.20 32.91
CA LYS B 696 25.12 22.38 33.81
C LYS B 696 25.70 21.17 33.10
N SER B 697 25.21 20.87 31.89
CA SER B 697 25.74 19.74 31.14
C SER B 697 27.19 19.99 30.77
N LYS B 698 27.91 18.91 30.46
CA LYS B 698 29.33 18.99 30.18
C LYS B 698 29.72 18.07 29.02
N ILE B 699 28.74 17.63 28.23
CA ILE B 699 28.99 16.86 27.03
C ILE B 699 29.15 17.82 25.87
N SER B 700 29.88 17.38 24.84
CA SER B 700 30.25 18.23 23.72
C SER B 700 29.03 18.85 23.06
N THR B 701 28.16 17.99 22.52
CA THR B 701 26.99 18.47 21.77
C THR B 701 26.14 19.39 22.63
N TYR B 702 26.06 19.11 23.93
CA TYR B 702 25.13 19.84 24.79
C TYR B 702 25.81 21.06 25.39
N ASP B 703 27.14 21.16 25.31
CA ASP B 703 27.81 22.40 25.64
C ASP B 703 27.80 23.36 24.46
N LYS B 704 27.89 22.82 23.24
CA LYS B 704 27.87 23.65 22.04
C LYS B 704 26.57 24.42 21.92
N MET B 705 25.48 23.83 22.37
CA MET B 705 24.16 24.40 22.13
C MET B 705 23.81 25.48 23.15
N TRP B 706 24.31 25.34 24.38
CA TRP B 706 24.15 26.41 25.35
C TRP B 706 24.80 27.69 24.84
N ALA B 707 25.86 27.56 24.05
CA ALA B 707 26.55 28.72 23.49
C ALA B 707 25.63 29.47 22.53
N PHE B 708 25.17 28.77 21.48
CA PHE B 708 24.16 29.33 20.58
C PHE B 708 22.98 29.88 21.35
N MET B 709 22.50 29.11 22.33
CA MET B 709 21.33 29.51 23.10
C MET B 709 21.66 30.72 23.97
N SER B 710 22.85 30.77 24.53
CA SER B 710 23.30 31.91 25.31
C SER B 710 23.48 33.13 24.41
N SER B 711 24.01 32.91 23.20
CA SER B 711 24.34 33.96 22.26
C SER B 711 23.17 34.93 22.06
N ARG B 712 22.06 34.42 21.55
CA ARG B 712 20.79 35.14 21.56
C ARG B 712 19.86 34.63 22.66
N ARG B 713 20.09 35.03 23.90
CA ARG B 713 19.20 34.67 24.99
C ARG B 713 18.05 35.66 25.06
N GLN B 714 17.43 35.97 23.92
CA GLN B 714 16.25 36.82 23.87
C GLN B 714 15.25 36.41 22.80
N SER B 715 15.59 35.45 21.93
CA SER B 715 14.72 35.07 20.82
C SER B 715 14.68 33.57 20.54
N VAL B 716 15.50 32.78 21.24
CA VAL B 716 15.37 31.32 21.22
C VAL B 716 14.86 30.77 22.54
N LEU B 717 14.45 31.65 23.46
CA LEU B 717 13.92 31.22 24.76
C LEU B 717 12.61 31.93 25.00
N VAL B 718 11.54 31.25 24.63
CA VAL B 718 10.18 31.65 24.95
C VAL B 718 10.04 31.66 26.46
N LYS B 719 9.02 32.34 26.98
CA LYS B 719 8.79 32.43 28.42
C LYS B 719 7.54 31.66 28.80
N SER B 720 7.20 30.65 28.00
CA SER B 720 6.07 29.76 28.27
C SER B 720 6.07 28.63 27.26
N ASN B 721 5.64 27.45 27.69
CA ASN B 721 5.64 26.30 26.80
C ASN B 721 4.62 26.43 25.67
N GLU B 722 3.47 27.06 25.94
CA GLU B 722 2.46 27.24 24.92
C GLU B 722 3.00 28.06 23.75
N GLU B 723 3.53 29.25 24.04
CA GLU B 723 4.18 30.04 23.02
C GLU B 723 5.36 29.30 22.40
N GLY B 724 5.99 28.41 23.16
CA GLY B 724 7.09 27.63 22.63
C GLY B 724 6.64 26.73 21.51
N ILE B 725 5.46 26.15 21.67
CA ILE B 725 4.86 25.32 20.64
C ILE B 725 4.69 26.19 19.39
N GLN B 726 4.20 27.42 19.60
CA GLN B 726 3.83 28.32 18.52
C GLN B 726 4.99 28.57 17.56
N ARG B 727 6.15 28.91 18.12
CA ARG B 727 7.34 29.24 17.32
C ARG B 727 7.68 28.13 16.33
N VAL B 728 7.41 26.88 16.69
CA VAL B 728 7.63 25.77 15.78
C VAL B 728 6.64 25.86 14.63
N LEU B 729 5.36 26.04 14.96
CA LEU B 729 4.30 26.06 13.96
C LEU B 729 4.51 27.19 12.96
N THR B 730 4.59 28.43 13.46
CA THR B 730 4.70 29.57 12.56
C THR B 730 6.10 29.68 11.97
N SER B 731 7.14 29.71 12.80
CA SER B 731 8.50 29.90 12.32
C SER B 731 9.22 28.57 12.16
N ASP B 732 10.53 28.64 11.89
CA ASP B 732 11.40 27.48 11.92
C ASP B 732 12.18 27.46 13.24
N TYR B 733 12.06 26.35 13.95
CA TYR B 733 12.37 26.31 15.38
C TYR B 733 12.25 24.85 15.84
N ALA B 734 12.90 24.47 16.94
CA ALA B 734 12.85 23.07 17.37
C ALA B 734 12.88 22.96 18.89
N PHE B 735 11.70 23.02 19.49
CA PHE B 735 11.55 23.28 20.91
C PHE B 735 11.98 22.08 21.74
N LEU B 736 12.50 22.38 22.94
CA LEU B 736 13.05 21.38 23.86
C LEU B 736 12.20 21.39 25.13
N MET B 737 11.55 20.27 25.40
CA MET B 737 10.76 20.11 26.61
C MET B 737 10.89 18.66 27.09
N GLU B 738 9.98 18.29 27.98
CA GLU B 738 9.89 16.94 28.51
C GLU B 738 9.10 16.03 27.57
N SER B 739 9.47 14.76 27.55
CA SER B 739 8.93 13.81 26.57
C SER B 739 7.43 13.66 26.65
N THR B 740 6.83 13.88 27.82
CA THR B 740 5.42 13.56 28.01
C THR B 740 4.53 14.61 27.40
N THR B 741 4.85 15.88 27.66
CA THR B 741 4.10 16.97 27.04
C THR B 741 4.17 16.91 25.53
N ILE B 742 5.26 16.39 24.99
CA ILE B 742 5.45 16.28 23.54
C ILE B 742 4.43 15.27 23.03
N GLU B 743 4.38 14.11 23.68
CA GLU B 743 3.45 13.06 23.29
C GLU B 743 2.01 13.56 23.30
N PHE B 744 1.69 14.45 24.23
CA PHE B 744 0.35 15.03 24.28
C PHE B 744 0.13 15.96 23.09
N VAL B 745 1.03 16.92 22.92
CA VAL B 745 0.96 17.90 21.83
C VAL B 745 1.00 17.15 20.51
N THR B 746 1.83 16.11 20.44
CA THR B 746 1.98 15.28 19.26
C THR B 746 0.64 14.76 18.75
N GLN B 747 -0.15 14.17 19.64
CA GLN B 747 -1.39 13.52 19.22
C GLN B 747 -2.46 14.53 18.86
N ARG B 748 -2.60 15.57 19.67
CA ARG B 748 -3.66 16.55 19.49
C ARG B 748 -3.55 17.23 18.13
N ASN B 749 -2.38 17.82 17.84
CA ASN B 749 -2.13 18.34 16.49
C ASN B 749 -1.66 17.17 15.64
N CYS B 750 -1.29 17.42 14.38
CA CYS B 750 -0.87 16.35 13.47
C CYS B 750 0.50 16.65 12.85
N ASN B 751 1.02 17.85 13.08
CA ASN B 751 2.21 18.33 12.40
C ASN B 751 3.43 18.42 13.30
N LEU B 752 3.29 18.05 14.57
CA LEU B 752 4.36 18.12 15.54
C LEU B 752 4.77 16.70 15.94
N THR B 753 6.08 16.49 15.99
CA THR B 753 6.61 15.14 16.12
C THR B 753 7.86 15.15 16.98
N GLN B 754 8.26 13.94 17.39
CA GLN B 754 9.33 13.73 18.35
C GLN B 754 10.61 13.34 17.61
N ILE B 755 11.35 14.37 17.21
CA ILE B 755 12.58 14.16 16.45
C ILE B 755 13.65 13.65 17.39
N GLY B 756 13.96 12.35 17.31
CA GLY B 756 15.07 11.77 18.03
C GLY B 756 14.64 10.80 19.11
N GLY B 757 15.30 10.89 20.26
CA GLY B 757 15.01 10.03 21.38
C GLY B 757 14.96 10.80 22.68
N LEU B 758 15.40 10.17 23.76
CA LEU B 758 15.33 10.74 25.10
C LEU B 758 16.74 11.07 25.58
N ILE B 759 17.03 12.37 25.70
CA ILE B 759 18.35 12.84 26.07
C ILE B 759 18.62 12.52 27.53
N ASP B 760 17.83 13.15 28.41
CA ASP B 760 18.04 13.05 29.84
C ASP B 760 17.22 11.88 30.34
N SER B 761 17.17 11.67 31.65
CA SER B 761 16.20 10.76 32.23
C SER B 761 15.77 11.28 33.59
N LYS B 762 14.47 11.21 33.84
CA LYS B 762 13.87 11.70 35.07
C LYS B 762 12.73 10.75 35.41
N GLY B 763 11.93 11.11 36.39
CA GLY B 763 10.74 10.36 36.69
C GLY B 763 9.85 11.12 37.64
N TYR B 764 8.58 11.23 37.30
CA TYR B 764 7.62 11.82 38.20
C TYR B 764 7.36 10.88 39.36
N GLY B 765 7.05 11.45 40.50
CA GLY B 765 6.82 10.66 41.70
C GLY B 765 5.97 11.38 42.72
N VAL B 766 5.17 10.60 43.44
CA VAL B 766 4.20 11.16 44.36
C VAL B 766 4.93 11.74 45.57
N GLY B 767 4.56 12.96 45.95
CA GLY B 767 5.18 13.62 47.08
C GLY B 767 4.78 13.00 48.40
N THR B 768 5.58 13.23 49.42
CA THR B 768 5.31 12.69 50.75
C THR B 768 6.16 13.46 51.75
N PRO B 769 5.64 13.84 52.92
CA PRO B 769 6.51 14.50 53.91
C PRO B 769 7.60 13.58 54.40
N MET B 770 8.60 14.18 55.04
CA MET B 770 9.74 13.43 55.52
C MET B 770 9.33 12.48 56.63
N GLY B 771 9.80 11.24 56.52
CA GLY B 771 9.59 10.25 57.56
C GLY B 771 8.27 9.52 57.49
N SER B 772 7.29 10.13 56.82
CA SER B 772 5.94 9.60 56.73
C SER B 772 5.94 8.19 56.15
N PRO B 773 5.17 7.23 56.69
CA PRO B 773 5.16 5.90 56.11
C PRO B 773 4.43 5.83 54.77
N TYR B 774 3.68 6.86 54.40
CA TYR B 774 2.90 6.81 53.17
C TYR B 774 3.77 6.71 51.92
N ARG B 775 5.08 6.96 52.04
CA ARG B 775 5.99 6.68 50.95
C ARG B 775 6.00 5.19 50.63
N ASP B 776 6.44 4.38 51.59
CA ASP B 776 6.58 2.95 51.36
C ASP B 776 5.24 2.29 51.10
N LYS B 777 4.16 2.88 51.59
CA LYS B 777 2.82 2.31 51.44
C LYS B 777 2.40 2.43 49.97
N ILE B 778 2.74 3.56 49.36
CA ILE B 778 2.46 3.81 47.95
C ILE B 778 3.47 3.07 47.10
N THR B 779 4.69 2.91 47.61
CA THR B 779 5.78 2.28 46.88
C THR B 779 5.38 0.90 46.40
N ILE B 780 4.78 0.10 47.27
CA ILE B 780 4.26 -1.20 46.86
C ILE B 780 3.08 -1.01 45.93
N ALA B 781 2.32 0.06 46.11
CA ALA B 781 1.11 0.30 45.34
C ALA B 781 1.43 0.47 43.87
N ILE B 782 2.41 1.33 43.58
CA ILE B 782 2.73 1.64 42.19
C ILE B 782 3.36 0.43 41.52
N LEU B 783 4.24 -0.27 42.25
CA LEU B 783 4.81 -1.51 41.74
C LEU B 783 3.71 -2.52 41.44
N GLN B 784 2.78 -2.68 42.37
CA GLN B 784 1.66 -3.60 42.18
C GLN B 784 0.83 -3.20 40.97
N LEU B 785 0.44 -1.93 40.92
CA LEU B 785 -0.52 -1.46 39.94
C LEU B 785 0.03 -1.58 38.52
N GLN B 786 1.37 -1.56 38.37
CA GLN B 786 1.97 -1.74 37.06
C GLN B 786 1.92 -3.19 36.64
N GLU B 787 2.36 -4.10 37.51
CA GLU B 787 2.41 -5.53 37.21
C GLU B 787 1.06 -6.02 36.72
N GLU B 788 -0.01 -5.45 37.29
CA GLU B 788 -1.33 -5.58 36.70
C GLU B 788 -1.32 -5.10 35.25
N GLY B 789 -0.91 -3.85 35.05
CA GLY B 789 -0.83 -3.25 33.72
C GLY B 789 -1.57 -1.93 33.63
N LYS B 790 -2.07 -1.42 34.76
CA LYS B 790 -3.01 -0.33 34.72
C LYS B 790 -2.37 0.99 34.31
N LEU B 791 -1.15 1.27 34.76
CA LEU B 791 -0.50 2.54 34.42
C LEU B 791 -0.37 2.68 32.91
N HIS B 792 -0.03 1.58 32.22
CA HIS B 792 -0.03 1.58 30.78
C HIS B 792 -1.44 1.81 30.23
N MET B 793 -2.42 1.09 30.78
CA MET B 793 -3.81 1.32 30.38
C MET B 793 -4.22 2.76 30.63
N MET B 794 -3.90 3.28 31.82
CA MET B 794 -4.10 4.68 32.12
C MET B 794 -3.34 5.57 31.15
N LYS B 795 -2.16 5.14 30.72
CA LYS B 795 -1.39 5.94 29.78
C LYS B 795 -2.14 6.05 28.48
N GLU B 796 -2.66 4.92 28.00
CA GLU B 796 -3.36 4.93 26.72
C GLU B 796 -4.61 5.80 26.82
N LYS B 797 -5.16 5.95 28.03
CA LYS B 797 -6.41 6.68 28.20
C LYS B 797 -6.28 8.15 27.86
N TRP B 798 -5.47 8.88 28.63
CA TRP B 798 -5.56 10.33 28.65
C TRP B 798 -4.57 11.04 27.75
N TRP B 799 -3.60 10.32 27.19
CA TRP B 799 -2.64 10.89 26.25
C TRP B 799 -3.13 10.73 24.81
N ARG B 800 -3.57 9.54 24.43
CA ARG B 800 -4.18 9.34 23.12
C ARG B 800 -5.36 10.27 22.97
N GLY B 801 -5.59 10.74 21.74
CA GLY B 801 -6.67 11.67 21.46
C GLY B 801 -7.44 11.27 20.22
N ASN B 802 -7.51 12.18 19.26
CA ASN B 802 -7.98 11.87 17.92
C ASN B 802 -7.21 10.66 17.37
N GLY B 803 -5.92 10.61 17.66
CA GLY B 803 -5.05 9.55 17.18
C GLY B 803 -4.45 9.83 15.83
N CYS B 804 -4.50 11.11 15.38
CA CYS B 804 -4.44 11.52 13.99
C CYS B 804 -3.32 10.85 13.20
N PRO B 805 -3.63 9.80 12.42
CA PRO B 805 -2.60 9.07 11.70
C PRO B 805 -2.52 9.37 10.21
N GLU B 806 -3.22 10.40 9.72
CA GLU B 806 -4.04 10.33 8.51
C GLU B 806 -3.54 9.34 7.46
N GLU B 807 -2.34 9.58 6.91
CA GLU B 807 -1.67 8.67 5.97
C GLU B 807 -2.62 8.09 4.92
N GLU B 808 -3.49 8.94 4.38
CA GLU B 808 -4.58 8.48 3.51
C GLU B 808 -4.05 8.31 2.10
N SER B 809 -3.02 7.48 1.96
CA SER B 809 -2.40 7.16 0.69
C SER B 809 -1.72 8.35 0.03
N LYS B 810 -1.69 9.52 0.68
CA LYS B 810 -1.20 10.74 0.06
C LYS B 810 -1.96 11.00 -1.25
N GLU B 811 -3.22 11.42 -1.08
CA GLU B 811 -4.14 11.68 -2.18
C GLU B 811 -3.41 12.44 -3.27
N ALA B 812 -3.22 11.80 -4.41
CA ALA B 812 -2.14 12.15 -5.32
C ALA B 812 -2.31 13.56 -5.86
N SER B 813 -1.19 14.22 -6.12
CA SER B 813 -1.17 15.66 -6.30
C SER B 813 -0.89 15.99 -7.76
N ALA B 814 -1.62 16.97 -8.26
CA ALA B 814 -1.42 17.49 -9.59
C ALA B 814 -0.02 18.10 -9.64
N LEU B 815 0.87 17.48 -10.40
CA LEU B 815 2.24 17.94 -10.54
C LEU B 815 2.24 19.39 -11.03
N GLY B 816 3.13 20.21 -10.46
CA GLY B 816 3.04 21.64 -10.65
C GLY B 816 4.37 22.35 -10.63
N VAL B 817 4.30 23.65 -10.41
CA VAL B 817 5.41 24.58 -10.55
C VAL B 817 6.53 24.16 -9.60
N GLN B 818 6.16 23.71 -8.42
CA GLN B 818 7.15 23.37 -7.40
C GLN B 818 7.91 22.13 -7.84
N ASN B 819 7.19 21.01 -7.92
CA ASN B 819 7.78 19.70 -8.14
C ASN B 819 8.57 19.64 -9.43
N ILE B 820 8.13 20.36 -10.45
CA ILE B 820 8.96 20.64 -11.62
C ILE B 820 8.84 22.12 -11.94
N GLY B 821 9.96 22.82 -11.82
CA GLY B 821 10.12 24.13 -12.42
C GLY B 821 11.41 24.24 -13.20
N GLY B 822 12.38 23.39 -12.90
CA GLY B 822 13.70 23.52 -13.47
C GLY B 822 13.76 23.14 -14.94
N ILE B 823 12.83 22.30 -15.39
CA ILE B 823 12.74 21.98 -16.81
C ILE B 823 12.41 23.23 -17.61
N PHE B 824 11.69 24.18 -17.01
CA PHE B 824 11.52 25.47 -17.64
C PHE B 824 12.79 26.31 -17.54
N ILE B 825 13.62 26.05 -16.53
CA ILE B 825 14.82 26.84 -16.32
C ILE B 825 15.94 26.39 -17.24
N VAL B 826 16.16 25.07 -17.34
CA VAL B 826 17.13 24.56 -18.30
C VAL B 826 16.73 24.95 -19.72
N LEU B 827 15.43 25.06 -19.97
CA LEU B 827 14.96 25.56 -21.25
C LEU B 827 15.47 26.97 -21.49
N ALA B 828 15.02 27.91 -20.66
CA ALA B 828 15.45 29.31 -20.82
C ALA B 828 16.96 29.45 -20.69
N ALA B 829 17.61 28.52 -20.00
CA ALA B 829 19.07 28.49 -20.00
C ALA B 829 19.60 28.24 -21.41
N GLY B 830 19.13 27.17 -22.04
CA GLY B 830 19.66 26.80 -23.33
C GLY B 830 19.32 27.80 -24.42
N LEU B 831 18.12 28.37 -24.37
CA LEU B 831 17.72 29.35 -25.37
C LEU B 831 18.65 30.55 -25.36
N VAL B 832 19.06 30.99 -24.17
CA VAL B 832 20.01 32.08 -24.09
C VAL B 832 21.37 31.64 -24.60
N LEU B 833 21.74 30.39 -24.31
CA LEU B 833 22.99 29.85 -24.83
C LEU B 833 22.96 29.75 -26.35
N SER B 834 21.77 29.59 -26.93
CA SER B 834 21.66 29.47 -28.37
C SER B 834 21.87 30.82 -29.05
N VAL B 835 21.40 31.89 -28.42
CA VAL B 835 21.54 33.22 -28.99
C VAL B 835 23.01 33.60 -29.00
N PHE B 836 23.71 33.26 -27.92
CA PHE B 836 25.10 33.69 -27.78
C PHE B 836 26.01 32.96 -28.75
N VAL B 837 25.74 31.68 -29.01
CA VAL B 837 26.51 30.93 -29.99
C VAL B 837 26.09 31.38 -31.38
N ALA B 838 24.83 31.76 -31.54
CA ALA B 838 24.32 32.12 -32.85
C ALA B 838 24.95 33.42 -33.34
N VAL B 839 24.97 34.43 -32.48
CA VAL B 839 25.71 35.65 -32.77
C VAL B 839 27.17 35.28 -32.96
N GLY B 840 27.64 34.30 -32.18
CA GLY B 840 28.98 33.78 -32.34
C GLY B 840 29.22 33.23 -33.73
N GLU B 841 28.32 32.36 -34.20
CA GLU B 841 28.39 31.86 -35.56
C GLU B 841 28.44 33.00 -36.57
N PHE B 842 27.55 33.97 -36.40
CA PHE B 842 27.40 35.09 -37.31
C PHE B 842 28.71 35.84 -37.50
N LEU B 843 29.38 36.17 -36.40
CA LEU B 843 30.65 36.88 -36.47
C LEU B 843 31.73 36.01 -37.10
N TYR B 844 31.81 34.75 -36.67
CA TYR B 844 32.89 33.86 -37.08
C TYR B 844 32.99 33.72 -38.59
N LYS B 845 31.91 33.26 -39.23
CA LYS B 845 31.92 33.12 -40.67
C LYS B 845 31.93 34.46 -41.38
N SER B 846 31.33 35.50 -40.78
CA SER B 846 31.38 36.81 -41.38
C SER B 846 32.81 37.34 -41.46
N LYS B 847 33.70 36.85 -40.58
CA LYS B 847 35.10 37.17 -40.67
C LYS B 847 35.85 36.17 -41.54
N LYS B 848 35.30 34.96 -41.70
CA LYS B 848 35.84 34.05 -42.70
C LYS B 848 35.33 34.37 -44.10
N ASN B 849 34.29 35.20 -44.20
CA ASN B 849 34.03 35.87 -45.46
C ASN B 849 35.23 36.73 -45.77
N ALA B 850 35.59 37.62 -44.83
CA ALA B 850 36.60 38.65 -45.01
C ALA B 850 37.94 38.12 -45.53
N GLN B 851 38.24 36.85 -45.25
CA GLN B 851 39.40 36.18 -45.81
C GLN B 851 39.42 36.32 -47.32
N LEU B 852 38.32 35.90 -47.97
CA LEU B 852 38.19 36.07 -49.41
C LEU B 852 37.49 37.38 -49.74
N GLU B 853 36.60 37.84 -48.85
CA GLU B 853 35.75 39.00 -49.07
C GLU B 853 36.50 40.28 -48.69
N LYS B 854 35.83 41.43 -48.77
CA LYS B 854 36.39 42.72 -48.37
C LYS B 854 36.46 42.83 -46.84
N ARG B 855 36.65 44.03 -46.31
CA ARG B 855 37.43 44.22 -45.09
C ARG B 855 36.88 43.55 -43.82
N SER B 856 35.96 44.19 -43.07
CA SER B 856 35.30 43.51 -41.96
C SER B 856 33.81 43.82 -41.86
N PHE B 857 33.49 45.11 -41.66
CA PHE B 857 32.12 45.53 -41.41
C PHE B 857 31.31 45.62 -42.69
N CYS B 858 31.95 45.52 -43.85
CA CYS B 858 31.25 45.27 -45.09
C CYS B 858 30.39 44.03 -44.94
N SER B 859 31.04 42.88 -44.70
CA SER B 859 30.36 41.59 -44.58
C SER B 859 29.29 41.61 -43.50
N ALA B 860 29.49 42.44 -42.46
CA ALA B 860 28.47 42.64 -41.44
C ALA B 860 27.18 43.15 -42.06
N MET B 861 27.23 44.33 -42.67
CA MET B 861 26.02 44.95 -43.22
C MET B 861 25.47 44.11 -44.37
N VAL B 862 26.33 43.42 -45.12
CA VAL B 862 25.89 42.56 -46.20
C VAL B 862 25.00 41.47 -45.62
N GLU B 863 25.48 40.78 -44.59
CA GLU B 863 24.73 39.65 -44.05
C GLU B 863 23.63 40.09 -43.10
N GLU B 864 23.79 41.23 -42.41
CA GLU B 864 22.69 41.76 -41.60
C GLU B 864 21.50 42.11 -42.48
N LEU B 865 21.76 42.79 -43.61
CA LEU B 865 20.70 43.07 -44.57
C LEU B 865 20.40 41.89 -45.47
N ARG B 866 21.23 40.85 -45.48
CA ARG B 866 20.83 39.61 -46.13
C ARG B 866 19.60 39.03 -45.45
N MET B 867 19.46 39.27 -44.15
CA MET B 867 18.27 38.85 -43.44
C MET B 867 17.10 39.75 -43.77
N SER B 868 17.39 41.01 -44.10
CA SER B 868 16.33 41.98 -44.39
C SER B 868 15.78 41.86 -45.81
N LEU B 869 16.18 40.84 -46.58
CA LEU B 869 15.55 40.60 -47.86
C LEU B 869 14.07 40.27 -47.65
N LYS B 870 13.77 39.59 -46.55
CA LYS B 870 12.41 39.27 -46.15
C LYS B 870 11.72 38.39 -47.19
N CYS B 871 12.36 37.27 -47.55
CA CYS B 871 11.72 36.25 -48.37
C CYS B 871 12.54 34.97 -48.34
N GLN B 872 12.19 33.99 -49.16
CA GLN B 872 12.85 32.69 -49.18
C GLN B 872 13.91 32.65 -50.27
N ARG B 873 14.53 33.78 -50.59
CA ARG B 873 15.49 33.84 -51.68
C ARG B 873 16.56 34.88 -51.37
N ARG B 874 17.79 34.40 -51.17
CA ARG B 874 18.97 35.22 -50.90
C ARG B 874 18.73 36.39 -49.95
N SER C 429 33.85 3.17 62.62
CA SER C 429 33.54 1.76 62.23
C SER C 429 33.74 1.60 60.73
N ASN C 430 33.97 0.36 60.29
CA ASN C 430 34.05 0.06 58.87
C ASN C 430 32.93 -0.86 58.40
N ARG C 431 32.84 -2.08 58.95
CA ARG C 431 31.93 -3.15 58.57
C ARG C 431 32.15 -3.70 57.15
N SER C 432 32.97 -3.02 56.34
CA SER C 432 33.08 -3.21 54.89
C SER C 432 31.79 -3.00 54.10
N LEU C 433 30.66 -2.73 54.77
CA LEU C 433 29.34 -2.70 54.16
C LEU C 433 29.19 -3.82 53.14
N ILE C 434 29.13 -5.06 53.63
CA ILE C 434 29.31 -6.29 52.84
C ILE C 434 28.44 -6.22 51.60
N VAL C 435 29.08 -6.10 50.45
CA VAL C 435 28.43 -5.69 49.22
C VAL C 435 28.34 -6.90 48.31
N THR C 436 27.11 -7.27 47.95
CA THR C 436 26.90 -8.41 47.09
C THR C 436 27.03 -7.99 45.64
N THR C 437 27.31 -8.95 44.77
CA THR C 437 27.59 -8.70 43.37
C THR C 437 27.20 -9.92 42.55
N ILE C 438 27.13 -9.76 41.23
CA ILE C 438 26.82 -10.90 40.36
C ILE C 438 27.44 -10.68 38.99
N LEU C 439 28.28 -11.62 38.57
CA LEU C 439 28.93 -11.61 37.27
C LEU C 439 27.92 -11.57 36.13
N GLU C 440 27.91 -10.49 35.35
CA GLU C 440 26.98 -10.39 34.22
C GLU C 440 27.65 -9.92 32.94
N GLU C 441 28.70 -9.09 33.03
CA GLU C 441 29.34 -8.54 31.83
C GLU C 441 28.33 -7.75 30.99
N PRO C 442 28.16 -6.44 31.20
CA PRO C 442 29.20 -5.48 31.61
C PRO C 442 29.32 -5.10 33.08
N TYR C 443 28.23 -5.24 33.82
CA TYR C 443 28.09 -4.59 35.12
C TYR C 443 29.25 -4.86 36.08
N VAL C 444 29.65 -6.12 36.20
CA VAL C 444 30.87 -6.46 36.93
C VAL C 444 31.61 -7.54 36.16
N LEU C 445 32.94 -7.51 36.24
CA LEU C 445 33.80 -8.43 35.51
C LEU C 445 34.95 -8.89 36.40
N PHE C 446 35.38 -10.13 36.25
CA PHE C 446 36.73 -10.48 36.67
C PHE C 446 37.70 -9.55 35.95
N LYS C 447 38.72 -9.06 36.64
CA LYS C 447 39.78 -8.34 35.95
C LYS C 447 40.44 -9.25 34.93
N LYS C 448 40.77 -8.69 33.78
CA LYS C 448 41.37 -9.45 32.69
C LYS C 448 42.88 -9.30 32.75
N SER C 449 43.53 -10.17 33.54
CA SER C 449 44.97 -10.08 33.68
C SER C 449 45.61 -11.27 34.38
N ASP C 450 46.93 -11.15 34.52
CA ASP C 450 47.83 -11.94 35.35
C ASP C 450 47.64 -11.53 36.82
N LYS C 451 48.73 -11.37 37.57
CA LYS C 451 49.05 -11.54 38.98
C LYS C 451 47.95 -11.53 40.05
N PRO C 452 48.22 -12.15 41.24
CA PRO C 452 47.20 -12.37 42.28
C PRO C 452 46.69 -11.10 42.96
N LEU C 453 46.42 -11.17 44.27
CA LEU C 453 45.18 -10.87 44.99
C LEU C 453 44.17 -9.94 44.34
N TYR C 454 44.54 -8.70 44.03
CA TYR C 454 43.59 -7.71 43.55
C TYR C 454 42.39 -7.54 44.50
N GLY C 455 42.59 -7.74 45.80
CA GLY C 455 41.55 -8.15 46.74
C GLY C 455 40.13 -7.63 46.56
N ASN C 456 39.90 -6.33 46.77
CA ASN C 456 38.66 -5.69 46.31
C ASN C 456 38.92 -4.89 45.03
N ASP C 457 40.08 -5.12 44.41
CA ASP C 457 40.42 -4.54 43.12
C ASP C 457 40.12 -5.52 42.00
N ARG C 458 39.89 -6.80 42.35
CA ARG C 458 39.57 -7.85 41.39
C ARG C 458 38.48 -7.40 40.42
N PHE C 459 37.34 -7.02 40.97
CA PHE C 459 36.20 -6.76 40.13
C PHE C 459 36.26 -5.35 39.59
N GLU C 460 35.96 -5.20 38.30
CA GLU C 460 36.01 -3.93 37.61
C GLU C 460 34.85 -3.86 36.64
N GLY C 461 34.08 -2.78 36.68
CA GLY C 461 32.84 -2.74 35.92
C GLY C 461 32.07 -1.48 36.23
N TYR C 462 30.84 -1.44 35.69
CA TYR C 462 29.95 -0.31 35.94
C TYR C 462 29.65 -0.19 37.42
N CYS C 463 28.99 -1.20 37.97
CA CYS C 463 28.66 -1.27 39.39
C CYS C 463 29.87 -1.01 40.28
N ILE C 464 31.05 -1.47 39.85
CA ILE C 464 32.27 -1.17 40.57
C ILE C 464 32.53 0.33 40.55
N ASP C 465 32.47 0.93 39.36
CA ASP C 465 32.76 2.36 39.23
C ASP C 465 31.62 3.19 39.83
N LEU C 466 30.41 2.65 39.82
CA LEU C 466 29.34 3.29 40.57
C LEU C 466 29.66 3.29 42.05
N LEU C 467 29.91 2.10 42.62
CA LEU C 467 30.24 1.91 44.02
C LEU C 467 31.35 2.85 44.45
N ARG C 468 32.36 2.98 43.60
CA ARG C 468 33.48 3.89 43.81
C ARG C 468 32.96 5.26 44.19
N GLU C 469 32.08 5.80 43.35
CA GLU C 469 31.59 7.16 43.55
C GLU C 469 30.66 7.24 44.75
N LEU C 470 29.93 6.17 45.03
CA LEU C 470 29.15 6.10 46.26
C LEU C 470 30.07 6.25 47.47
N SER C 471 31.27 5.68 47.37
CA SER C 471 32.22 5.71 48.46
C SER C 471 32.82 7.11 48.64
N THR C 472 33.02 7.83 47.54
CA THR C 472 33.69 9.12 47.60
C THR C 472 32.90 10.15 48.40
N ILE C 473 31.57 10.06 48.39
CA ILE C 473 30.73 11.15 48.85
C ILE C 473 30.13 10.86 50.23
N LEU C 474 29.71 9.62 50.45
CA LEU C 474 29.22 9.20 51.76
C LEU C 474 30.35 8.73 52.65
N GLY C 475 31.33 8.04 52.08
CA GLY C 475 32.49 7.57 52.80
C GLY C 475 32.23 6.21 53.43
N PHE C 476 32.97 5.20 52.99
CA PHE C 476 32.91 3.89 53.62
C PHE C 476 34.01 2.98 53.08
N THR C 477 34.08 1.77 53.62
CA THR C 477 35.02 0.74 53.19
C THR C 477 34.23 -0.33 52.45
N TYR C 478 34.77 -0.79 51.33
CA TYR C 478 34.08 -1.75 50.46
C TYR C 478 34.90 -3.02 50.34
N GLU C 479 34.31 -4.13 50.78
CA GLU C 479 34.83 -5.48 50.55
C GLU C 479 33.85 -6.21 49.65
N ILE C 480 34.25 -6.42 48.40
CA ILE C 480 33.40 -7.14 47.46
C ILE C 480 33.20 -8.55 47.96
N ARG C 481 32.03 -9.12 47.67
CA ARG C 481 31.80 -10.54 47.91
C ARG C 481 30.78 -11.06 46.92
N LEU C 482 31.23 -11.86 45.95
CA LEU C 482 30.32 -12.56 45.06
C LEU C 482 29.34 -13.38 45.87
N VAL C 483 28.09 -13.37 45.46
CA VAL C 483 27.10 -14.22 46.11
C VAL C 483 27.44 -15.66 45.75
N GLU C 484 26.91 -16.60 46.53
CA GLU C 484 27.11 -18.01 46.26
C GLU C 484 25.85 -18.55 45.59
N ASP C 485 26.05 -19.43 44.60
CA ASP C 485 25.04 -19.93 43.68
C ASP C 485 24.69 -18.94 42.58
N GLY C 486 25.19 -17.70 42.68
CA GLY C 486 25.08 -16.74 41.60
C GLY C 486 23.67 -16.45 41.10
N LYS C 487 22.85 -15.76 41.90
CA LYS C 487 21.43 -15.63 41.61
C LYS C 487 20.95 -14.21 41.93
N TYR C 488 20.17 -13.64 41.03
CA TYR C 488 19.32 -12.50 41.35
C TYR C 488 18.39 -12.90 42.48
N GLY C 489 17.79 -14.08 42.33
CA GLY C 489 16.98 -14.67 43.38
C GLY C 489 15.50 -14.35 43.33
N ALA C 490 14.70 -15.21 43.98
CA ALA C 490 13.25 -15.09 43.94
C ALA C 490 12.68 -16.00 45.02
N GLN C 491 11.44 -15.67 45.41
CA GLN C 491 10.72 -16.44 46.42
C GLN C 491 10.18 -17.71 45.79
N ASP C 492 10.95 -18.80 45.92
CA ASP C 492 10.60 -20.08 45.30
C ASP C 492 9.48 -20.71 46.12
N ASP C 493 8.34 -20.99 45.47
CA ASP C 493 7.12 -21.47 46.09
C ASP C 493 7.30 -22.66 47.03
N VAL C 494 8.33 -23.47 46.77
CA VAL C 494 8.66 -24.65 47.57
C VAL C 494 8.72 -24.29 49.05
N ASN C 495 9.57 -23.32 49.39
CA ASN C 495 9.79 -22.86 50.76
C ASN C 495 9.87 -21.35 50.87
N GLY C 496 9.84 -20.63 49.75
CA GLY C 496 10.10 -19.21 49.71
C GLY C 496 11.58 -18.95 49.72
N GLN C 497 12.18 -18.91 50.93
CA GLN C 497 13.62 -19.04 51.20
C GLN C 497 14.50 -18.49 50.09
N TRP C 498 14.37 -17.18 49.82
CA TRP C 498 14.89 -16.48 48.65
C TRP C 498 16.22 -17.06 48.18
N ASN C 499 16.35 -17.31 46.88
CA ASN C 499 17.52 -18.01 46.35
C ASN C 499 18.47 -17.05 45.62
N GLY C 500 19.19 -16.25 46.42
CA GLY C 500 20.23 -15.43 45.81
C GLY C 500 20.75 -14.27 46.64
N MET C 501 20.97 -13.12 45.98
CA MET C 501 21.45 -11.95 46.67
C MET C 501 20.40 -11.37 47.61
N VAL C 502 19.13 -11.62 47.30
CA VAL C 502 18.05 -11.29 48.22
C VAL C 502 18.20 -12.05 49.52
N ARG C 503 18.83 -13.23 49.46
CA ARG C 503 18.91 -14.12 50.61
C ARG C 503 20.02 -13.71 51.56
N GLU C 504 21.20 -13.41 51.02
CA GLU C 504 22.30 -12.91 51.84
C GLU C 504 21.89 -11.63 52.56
N LEU C 505 20.93 -10.89 51.98
CA LEU C 505 20.46 -9.63 52.48
C LEU C 505 19.41 -9.80 53.57
N ILE C 506 18.35 -10.56 53.28
CA ILE C 506 17.21 -10.67 54.17
C ILE C 506 17.63 -11.23 55.52
N ASP C 507 18.64 -12.11 55.52
CA ASP C 507 19.22 -12.64 56.75
C ASP C 507 20.20 -11.67 57.39
N HIS C 508 20.40 -10.49 56.80
CA HIS C 508 21.31 -9.47 57.30
C HIS C 508 22.76 -9.93 57.37
N LYS C 509 23.09 -11.05 56.72
CA LYS C 509 24.51 -11.33 56.48
C LYS C 509 25.09 -10.25 55.60
N ALA C 510 24.38 -9.90 54.55
CA ALA C 510 24.85 -8.91 53.61
C ALA C 510 24.52 -7.51 54.12
N ASP C 511 24.72 -6.54 53.24
CA ASP C 511 24.60 -5.11 53.48
C ASP C 511 24.11 -4.60 52.13
N LEU C 512 24.50 -3.40 51.72
CA LEU C 512 24.21 -2.89 50.39
C LEU C 512 24.41 -3.97 49.32
N ALA C 513 23.65 -3.86 48.25
CA ALA C 513 23.73 -4.81 47.15
C ALA C 513 23.72 -4.06 45.84
N VAL C 514 24.88 -4.01 45.18
CA VAL C 514 25.10 -3.16 44.02
C VAL C 514 25.27 -4.10 42.83
N ALA C 515 24.18 -4.39 42.15
CA ALA C 515 24.24 -5.25 40.98
C ALA C 515 22.92 -5.17 40.21
N PRO C 516 22.85 -5.75 39.03
CA PRO C 516 21.56 -5.84 38.34
C PRO C 516 20.55 -6.62 39.15
N LEU C 517 19.48 -5.94 39.60
CA LEU C 517 18.54 -6.56 40.52
C LEU C 517 17.09 -6.34 40.10
N ALA C 518 16.83 -5.27 39.35
CA ALA C 518 15.54 -5.15 38.69
C ALA C 518 14.39 -5.03 39.68
N ILE C 519 14.17 -3.82 40.18
CA ILE C 519 13.07 -3.50 41.11
C ILE C 519 11.79 -4.20 40.68
N THR C 520 11.08 -4.79 41.64
CA THR C 520 9.83 -5.50 41.36
C THR C 520 8.91 -5.43 42.56
N TYR C 521 7.66 -5.79 42.29
CA TYR C 521 6.62 -5.98 43.30
C TYR C 521 7.08 -6.84 44.47
N VAL C 522 7.45 -8.08 44.17
CA VAL C 522 7.61 -9.08 45.23
C VAL C 522 8.90 -8.85 46.00
N ARG C 523 9.96 -8.42 45.31
CA ARG C 523 11.23 -8.23 45.98
C ARG C 523 11.17 -7.05 46.95
N GLU C 524 10.28 -6.10 46.70
CA GLU C 524 10.27 -4.84 47.45
C GLU C 524 9.77 -5.04 48.88
N LYS C 525 8.79 -5.92 49.05
CA LYS C 525 8.24 -6.23 50.37
C LYS C 525 9.32 -6.55 51.38
N VAL C 526 10.13 -7.55 51.04
CA VAL C 526 11.03 -8.16 52.01
C VAL C 526 12.28 -7.33 52.19
N ILE C 527 12.72 -6.68 51.12
CA ILE C 527 13.90 -5.83 51.13
C ILE C 527 13.56 -4.54 50.39
N ASP C 528 14.01 -3.43 50.96
CA ASP C 528 13.66 -2.10 50.48
C ASP C 528 14.77 -1.61 49.57
N PHE C 529 14.39 -1.14 48.38
CA PHE C 529 15.34 -0.77 47.35
C PHE C 529 15.59 0.72 47.35
N SER C 530 16.75 1.09 46.84
CA SER C 530 17.07 2.47 46.59
C SER C 530 16.26 2.97 45.42
N LYS C 531 16.53 4.19 44.98
CA LYS C 531 15.86 4.75 43.83
C LYS C 531 16.70 4.46 42.60
N PRO C 532 16.08 4.25 41.43
CA PRO C 532 16.82 3.69 40.28
C PRO C 532 18.06 4.47 39.87
N PHE C 533 19.01 3.76 39.27
CA PHE C 533 20.18 4.34 38.65
C PHE C 533 20.26 3.93 37.18
N MET C 534 19.20 3.34 36.65
CA MET C 534 19.18 2.91 35.26
C MET C 534 17.76 2.57 34.84
N THR C 535 17.40 2.91 33.62
CA THR C 535 16.05 2.72 33.09
C THR C 535 16.12 1.75 31.93
N LEU C 536 15.85 0.48 32.22
CA LEU C 536 15.88 -0.54 31.19
C LEU C 536 14.49 -0.72 30.62
N GLY C 537 14.33 -1.68 29.72
CA GLY C 537 13.03 -2.02 29.19
C GLY C 537 13.16 -3.22 28.29
N ILE C 538 12.01 -3.84 28.02
CA ILE C 538 11.95 -4.98 27.13
C ILE C 538 11.89 -4.44 25.71
N SER C 539 12.67 -5.05 24.83
CA SER C 539 12.61 -4.73 23.41
C SER C 539 13.15 -5.92 22.63
N ILE C 540 13.05 -5.83 21.32
CA ILE C 540 13.30 -6.96 20.43
C ILE C 540 14.70 -6.82 19.86
N LEU C 541 15.31 -7.96 19.58
CA LEU C 541 16.61 -8.06 18.94
C LEU C 541 16.42 -8.77 17.61
N TYR C 542 16.98 -8.21 16.55
CA TYR C 542 16.96 -8.84 15.25
C TYR C 542 18.22 -8.45 14.48
N ARG C 543 18.58 -9.27 13.50
CA ARG C 543 19.72 -9.01 12.65
C ARG C 543 19.47 -7.80 11.78
N LYS C 544 20.54 -7.09 11.42
CA LYS C 544 20.36 -5.95 10.54
C LYS C 544 19.90 -6.44 9.16
N PRO C 545 19.21 -5.58 8.40
CA PRO C 545 18.93 -5.92 7.00
C PRO C 545 20.21 -5.91 6.19
N ASN C 546 20.54 -7.07 5.62
CA ASN C 546 21.84 -7.28 4.97
C ASN C 546 22.08 -6.28 3.85
N GLY C 547 21.22 -6.32 2.84
CA GLY C 547 21.39 -5.48 1.67
C GLY C 547 20.41 -5.90 0.60
N THR C 548 20.80 -5.75 -0.66
CA THR C 548 19.99 -6.22 -1.79
C THR C 548 20.80 -7.19 -2.63
N ASN C 549 22.05 -6.83 -2.92
CA ASN C 549 22.81 -7.43 -4.02
C ASN C 549 21.90 -7.63 -5.23
N PRO C 550 21.45 -6.53 -5.86
CA PRO C 550 20.43 -6.65 -6.91
C PRO C 550 20.83 -7.57 -8.05
N GLY C 551 22.14 -7.73 -8.32
CA GLY C 551 22.53 -8.67 -9.33
C GLY C 551 22.94 -7.98 -10.62
N VAL C 552 23.91 -7.06 -10.59
CA VAL C 552 23.90 -5.75 -11.27
C VAL C 552 23.05 -5.66 -12.52
N PHE C 553 22.91 -6.76 -13.25
CA PHE C 553 22.03 -6.83 -14.39
C PHE C 553 20.58 -6.94 -13.92
N SER C 554 20.10 -5.92 -13.20
CA SER C 554 18.72 -5.93 -12.70
C SER C 554 17.74 -5.45 -13.76
N PHE C 555 18.23 -4.66 -14.72
CA PHE C 555 17.41 -4.19 -15.83
C PHE C 555 16.73 -5.35 -16.56
N LEU C 556 17.38 -6.51 -16.57
CA LEU C 556 16.88 -7.70 -17.24
C LEU C 556 16.07 -8.56 -16.28
N ASN C 557 15.55 -7.96 -15.20
CA ASN C 557 14.66 -8.60 -14.26
C ASN C 557 13.19 -8.60 -14.64
N PRO C 558 12.59 -7.45 -15.04
CA PRO C 558 11.13 -7.31 -14.98
C PRO C 558 10.31 -8.29 -15.80
N LEU C 559 10.91 -8.91 -16.81
CA LEU C 559 10.27 -9.97 -17.57
C LEU C 559 10.96 -11.29 -17.21
N SER C 560 10.49 -12.38 -17.80
CA SER C 560 11.01 -13.70 -17.48
C SER C 560 12.47 -13.81 -17.92
N PRO C 561 13.15 -14.91 -17.64
CA PRO C 561 14.38 -15.18 -18.39
C PRO C 561 14.08 -15.70 -19.78
N ASP C 562 12.83 -16.06 -20.04
CA ASP C 562 12.50 -16.84 -21.22
C ASP C 562 11.97 -15.94 -22.33
N ILE C 563 11.18 -14.94 -21.97
CA ILE C 563 10.57 -14.04 -22.94
C ILE C 563 11.63 -13.28 -23.74
N TRP C 564 12.67 -12.76 -23.08
CA TRP C 564 13.70 -12.01 -23.77
C TRP C 564 14.33 -12.83 -24.88
N MET C 565 14.48 -14.14 -24.64
CA MET C 565 14.97 -15.01 -25.69
C MET C 565 14.02 -15.02 -26.87
N TYR C 566 12.72 -15.11 -26.62
CA TYR C 566 11.78 -15.23 -27.72
C TYR C 566 11.62 -13.92 -28.48
N VAL C 567 11.69 -12.79 -27.78
CA VAL C 567 11.70 -11.50 -28.46
C VAL C 567 12.90 -11.42 -29.38
N LEU C 568 14.03 -11.96 -28.95
CA LEU C 568 15.20 -12.00 -29.82
C LEU C 568 14.96 -12.94 -31.00
N LEU C 569 14.32 -14.09 -30.76
CA LEU C 569 13.97 -14.98 -31.85
C LEU C 569 13.07 -14.28 -32.86
N ALA C 570 12.20 -13.40 -32.38
CA ALA C 570 11.19 -12.80 -33.26
C ALA C 570 11.81 -11.79 -34.21
N CYS C 571 12.74 -10.98 -33.72
CA CYS C 571 13.36 -9.97 -34.57
C CYS C 571 14.15 -10.62 -35.71
N LEU C 572 14.73 -11.79 -35.45
CA LEU C 572 15.34 -12.55 -36.54
C LEU C 572 14.28 -13.16 -37.42
N GLY C 573 13.23 -13.71 -36.82
CA GLY C 573 12.20 -14.39 -37.58
C GLY C 573 11.43 -13.43 -38.45
N VAL C 574 10.91 -12.36 -37.85
CA VAL C 574 10.23 -11.32 -38.60
C VAL C 574 11.13 -10.74 -39.68
N SER C 575 12.38 -10.40 -39.34
CA SER C 575 13.29 -9.85 -40.33
C SER C 575 13.53 -10.83 -41.47
N CYS C 576 13.54 -12.12 -41.18
CA CYS C 576 13.66 -13.11 -42.25
C CYS C 576 12.47 -13.03 -43.18
N VAL C 577 11.30 -12.67 -42.65
CA VAL C 577 10.12 -12.58 -43.48
C VAL C 577 10.16 -11.35 -44.36
N LEU C 578 10.52 -10.19 -43.79
CA LEU C 578 10.60 -8.95 -44.56
C LEU C 578 11.46 -9.12 -45.80
N PHE C 579 12.58 -9.83 -45.64
CA PHE C 579 13.42 -10.14 -46.79
C PHE C 579 12.65 -10.94 -47.83
N VAL C 580 11.99 -12.01 -47.39
CA VAL C 580 11.32 -12.90 -48.34
C VAL C 580 10.13 -12.20 -48.97
N ILE C 581 9.27 -11.59 -48.14
CA ILE C 581 8.05 -10.95 -48.61
C ILE C 581 8.38 -9.82 -49.57
N ALA C 582 9.15 -8.84 -49.07
CA ALA C 582 9.46 -7.63 -49.81
C ALA C 582 10.15 -7.98 -51.13
N ARG C 583 11.11 -8.90 -51.08
CA ARG C 583 11.83 -9.32 -52.26
C ARG C 583 10.86 -9.96 -53.25
N PHE C 584 9.93 -10.77 -52.76
CA PHE C 584 8.97 -11.45 -53.62
C PHE C 584 7.77 -10.60 -53.98
N SER C 585 7.70 -9.35 -53.53
CA SER C 585 6.52 -8.50 -53.69
C SER C 585 6.69 -7.56 -54.88
N PRO C 586 5.88 -7.71 -55.95
CA PRO C 586 6.04 -6.80 -57.11
C PRO C 586 5.75 -5.33 -56.85
N TYR C 587 5.15 -4.98 -55.72
CA TYR C 587 4.87 -3.58 -55.43
C TYR C 587 6.03 -2.94 -54.70
N GLU C 588 6.81 -3.77 -54.02
CA GLU C 588 8.20 -3.47 -53.76
C GLU C 588 8.88 -3.87 -55.08
N TRP C 589 10.20 -3.83 -55.18
CA TRP C 589 10.84 -3.69 -56.48
C TRP C 589 10.32 -2.43 -57.14
N TYR C 590 10.33 -1.36 -56.36
CA TYR C 590 10.12 -0.02 -56.88
C TYR C 590 11.38 0.36 -57.64
N ASN C 591 11.54 1.63 -57.99
CA ASN C 591 12.71 2.06 -58.71
C ASN C 591 13.46 3.03 -57.81
N PRO C 592 14.79 3.09 -57.89
CA PRO C 592 15.47 4.22 -57.27
C PRO C 592 15.41 5.42 -58.18
N HIS C 593 14.32 5.55 -59.06
CA HIS C 593 14.01 6.77 -59.81
C HIS C 593 14.42 7.88 -58.89
N PRO C 594 15.47 8.56 -59.16
CA PRO C 594 15.87 9.55 -58.20
C PRO C 594 14.95 10.74 -58.21
N CYS C 595 15.40 11.72 -57.46
CA CYS C 595 15.08 13.11 -57.64
C CYS C 595 14.98 13.48 -59.12
N ASN C 596 15.87 12.94 -59.95
CA ASN C 596 15.66 12.92 -61.39
C ASN C 596 15.03 11.59 -61.78
N PRO C 597 13.70 11.46 -61.76
CA PRO C 597 13.08 10.19 -62.17
C PRO C 597 13.12 10.00 -63.68
N ASP C 598 12.39 9.01 -64.18
CA ASP C 598 12.15 8.76 -65.60
C ASP C 598 13.30 8.01 -66.25
N SER C 599 14.31 7.63 -65.47
CA SER C 599 15.22 6.55 -65.89
C SER C 599 14.56 5.21 -65.61
N ASP C 600 15.30 4.10 -65.70
CA ASP C 600 14.68 2.78 -65.54
C ASP C 600 15.66 1.81 -64.92
N VAL C 601 15.56 1.62 -63.60
CA VAL C 601 16.30 0.63 -62.81
C VAL C 601 15.43 0.35 -61.59
N VAL C 602 15.69 -0.75 -60.84
CA VAL C 602 14.74 -1.22 -59.81
C VAL C 602 15.29 -1.20 -58.38
N GLU C 603 16.37 -1.94 -58.07
CA GLU C 603 17.12 -1.77 -56.81
C GLU C 603 16.29 -1.78 -55.52
N ASN C 604 15.81 -2.93 -55.08
CA ASN C 604 15.20 -3.07 -53.75
C ASN C 604 16.05 -2.41 -52.68
N ASN C 605 15.40 -2.07 -51.58
CA ASN C 605 16.08 -1.76 -50.32
C ASN C 605 16.21 -2.93 -49.39
N PHE C 606 15.16 -3.72 -49.22
CA PHE C 606 15.12 -4.73 -48.17
C PHE C 606 15.99 -5.91 -48.56
N THR C 607 17.30 -5.69 -48.46
CA THR C 607 18.25 -6.78 -48.40
C THR C 607 18.17 -7.43 -47.03
N LEU C 608 19.05 -8.38 -46.77
CA LEU C 608 18.95 -9.11 -45.50
C LEU C 608 19.31 -8.22 -44.33
N LEU C 609 20.53 -7.68 -44.31
CA LEU C 609 21.01 -6.95 -43.15
C LEU C 609 20.12 -5.74 -42.87
N ASN C 610 19.66 -5.05 -43.91
CA ASN C 610 18.74 -3.96 -43.68
C ASN C 610 17.40 -4.42 -43.15
N SER C 611 17.06 -5.69 -43.36
CA SER C 611 15.83 -6.23 -42.79
C SER C 611 15.95 -6.31 -41.28
N PHE C 612 17.03 -6.91 -40.78
CA PHE C 612 17.30 -6.90 -39.36
C PHE C 612 17.33 -5.50 -38.80
N TRP C 613 17.79 -4.53 -39.59
CA TRP C 613 17.88 -3.15 -39.12
C TRP C 613 16.50 -2.59 -38.83
N PHE C 614 15.52 -2.91 -39.68
CA PHE C 614 14.15 -2.48 -39.44
C PHE C 614 13.63 -3.11 -38.16
N GLY C 615 14.00 -4.34 -37.91
CA GLY C 615 13.55 -5.03 -36.73
C GLY C 615 14.11 -4.42 -35.47
N VAL C 616 15.44 -4.28 -35.43
CA VAL C 616 16.10 -3.80 -34.23
C VAL C 616 15.70 -2.37 -33.94
N GLY C 617 15.52 -1.57 -34.98
CA GLY C 617 15.19 -0.17 -34.78
C GLY C 617 13.78 0.01 -34.26
N ALA C 618 12.83 -0.71 -34.86
CA ALA C 618 11.45 -0.66 -34.42
C ALA C 618 11.35 -1.12 -32.98
N LEU C 619 12.11 -2.17 -32.63
CA LEU C 619 12.07 -2.74 -31.30
C LEU C 619 12.58 -1.78 -30.25
N MET C 620 13.41 -0.82 -30.65
CA MET C 620 13.92 0.19 -29.75
C MET C 620 13.28 1.55 -29.99
N GLN C 621 12.21 1.59 -30.78
CA GLN C 621 11.28 2.72 -30.86
C GLN C 621 11.81 3.92 -31.63
N GLN C 622 13.06 3.85 -32.07
CA GLN C 622 13.55 4.82 -33.03
C GLN C 622 13.40 4.24 -34.43
N GLY C 623 12.75 5.02 -35.30
CA GLY C 623 12.35 4.54 -36.60
C GLY C 623 13.49 4.62 -37.58
N SER C 624 13.81 3.48 -38.17
CA SER C 624 14.89 3.38 -39.14
C SER C 624 14.53 4.21 -40.37
N GLU C 625 15.48 4.34 -41.29
CA GLU C 625 15.27 5.09 -42.52
C GLU C 625 14.40 4.28 -43.47
N LEU C 626 14.72 3.02 -43.63
CA LEU C 626 13.99 2.13 -44.51
C LEU C 626 12.56 1.98 -44.05
N MET C 627 11.65 1.89 -45.02
CA MET C 627 10.24 1.82 -44.74
C MET C 627 9.54 0.93 -45.76
N PRO C 628 8.53 0.17 -45.35
CA PRO C 628 7.69 -0.50 -46.33
C PRO C 628 6.89 0.48 -47.16
N LYS C 629 6.58 0.05 -48.38
CA LYS C 629 5.63 0.79 -49.23
C LYS C 629 4.56 -0.14 -49.78
N ALA C 630 4.92 -1.37 -50.09
CA ALA C 630 3.94 -2.35 -50.51
C ALA C 630 3.20 -2.91 -49.31
N LEU C 631 1.92 -3.24 -49.53
CA LEU C 631 1.03 -3.60 -48.43
C LEU C 631 1.56 -4.76 -47.61
N SER C 632 2.04 -5.82 -48.27
CA SER C 632 2.53 -6.99 -47.56
C SER C 632 3.60 -6.63 -46.56
N THR C 633 4.61 -5.90 -47.02
CA THR C 633 5.63 -5.38 -46.14
C THR C 633 5.07 -4.41 -45.11
N ARG C 634 3.98 -3.71 -45.43
CA ARG C 634 3.41 -2.77 -44.47
C ARG C 634 2.66 -3.49 -43.37
N ILE C 635 2.05 -4.64 -43.67
CA ILE C 635 1.35 -5.38 -42.63
C ILE C 635 2.32 -5.86 -41.59
N VAL C 636 3.44 -6.45 -42.02
CA VAL C 636 4.39 -6.99 -41.06
C VAL C 636 4.97 -5.88 -40.21
N GLY C 637 5.24 -4.73 -40.82
CA GLY C 637 5.68 -3.59 -40.04
C GLY C 637 4.65 -3.19 -39.01
N GLY C 638 3.38 -3.14 -39.42
CA GLY C 638 2.34 -2.70 -38.51
C GLY C 638 2.18 -3.60 -37.32
N ILE C 639 2.52 -4.88 -37.48
CA ILE C 639 2.31 -5.83 -36.39
C ILE C 639 3.51 -5.89 -35.48
N TRP C 640 4.72 -5.87 -36.04
CA TRP C 640 5.90 -5.75 -35.20
C TRP C 640 5.82 -4.49 -34.36
N TRP C 641 5.39 -3.39 -34.95
CA TRP C 641 5.24 -2.14 -34.22
C TRP C 641 4.27 -2.28 -33.06
N PHE C 642 3.30 -3.18 -33.19
CA PHE C 642 2.43 -3.51 -32.06
C PHE C 642 3.16 -4.40 -31.09
N PHE C 643 3.86 -5.41 -31.62
CA PHE C 643 4.64 -6.33 -30.80
C PHE C 643 5.67 -5.60 -29.96
N THR C 644 6.16 -4.46 -30.43
CA THR C 644 7.08 -3.65 -29.66
C THR C 644 6.38 -2.95 -28.51
N LEU C 645 5.33 -2.20 -28.84
CA LEU C 645 4.72 -1.26 -27.92
C LEU C 645 4.25 -1.94 -26.65
N ILE C 646 3.78 -3.17 -26.77
CA ILE C 646 3.28 -3.89 -25.60
C ILE C 646 4.43 -4.31 -24.71
N ILE C 647 5.49 -4.85 -25.32
CA ILE C 647 6.65 -5.32 -24.57
C ILE C 647 7.25 -4.17 -23.77
N ILE C 648 7.42 -3.03 -24.42
CA ILE C 648 8.09 -1.90 -23.79
C ILE C 648 7.22 -1.32 -22.70
N SER C 649 5.95 -1.06 -23.02
CA SER C 649 5.03 -0.53 -22.02
C SER C 649 4.83 -1.53 -20.88
N SER C 650 5.01 -2.81 -21.17
CA SER C 650 4.96 -3.81 -20.11
C SER C 650 6.28 -3.85 -19.34
N TYR C 651 7.41 -3.70 -20.03
CA TYR C 651 8.68 -3.59 -19.35
C TYR C 651 8.67 -2.39 -18.40
N THR C 652 8.15 -1.28 -18.88
CA THR C 652 8.03 -0.09 -18.05
C THR C 652 7.13 -0.35 -16.86
N ALA C 653 6.05 -1.08 -17.07
CA ALA C 653 5.03 -1.23 -16.03
C ALA C 653 5.46 -2.20 -14.94
N ASN C 654 6.02 -3.35 -15.34
CA ASN C 654 6.63 -4.26 -14.37
C ASN C 654 7.65 -3.55 -13.51
N LEU C 655 8.63 -2.90 -14.14
CA LEU C 655 9.71 -2.26 -13.42
C LEU C 655 9.18 -1.20 -12.47
N ALA C 656 8.11 -0.52 -12.85
CA ALA C 656 7.46 0.39 -11.93
C ALA C 656 6.88 -0.37 -10.74
N ALA C 657 6.46 -1.61 -10.96
CA ALA C 657 5.91 -2.41 -9.87
C ALA C 657 7.01 -2.87 -8.92
N PHE C 658 8.02 -3.55 -9.47
CA PHE C 658 9.16 -4.05 -8.70
C PHE C 658 9.81 -2.95 -7.86
N LEU C 659 9.86 -1.75 -8.42
CA LEU C 659 10.49 -0.63 -7.73
C LEU C 659 9.52 -0.05 -6.71
N THR C 660 8.27 0.18 -7.14
CA THR C 660 7.26 0.71 -6.24
C THR C 660 7.03 -0.21 -5.05
N VAL C 661 6.92 -1.52 -5.32
CA VAL C 661 6.63 -2.45 -4.24
C VAL C 661 7.78 -2.48 -3.24
N GLU C 662 9.01 -2.43 -3.75
CA GLU C 662 10.21 -2.42 -2.92
C GLU C 662 10.21 -1.16 -2.05
N ARG C 663 10.01 -0.01 -2.68
CA ARG C 663 9.86 1.25 -1.97
C ARG C 663 8.75 1.15 -0.94
N MET C 664 7.69 0.42 -1.28
CA MET C 664 6.51 0.30 -0.42
C MET C 664 6.75 -0.68 0.71
N GLU C 665 7.86 -1.44 0.68
CA GLU C 665 8.19 -2.33 1.76
C GLU C 665 8.82 -1.54 2.90
N SER C 666 8.29 -1.74 4.10
CA SER C 666 8.91 -1.32 5.33
C SER C 666 9.52 -2.54 6.00
N PRO C 667 10.67 -2.43 6.66
CA PRO C 667 11.05 -3.52 7.57
C PRO C 667 10.08 -3.57 8.73
N ILE C 668 10.20 -4.63 9.52
CA ILE C 668 9.52 -4.67 10.81
C ILE C 668 9.98 -3.44 11.58
N ASP C 669 9.06 -2.83 12.34
CA ASP C 669 9.43 -1.72 13.21
C ASP C 669 8.63 -1.72 14.50
N SER C 670 8.13 -2.87 14.92
CA SER C 670 7.35 -2.95 16.15
C SER C 670 7.03 -4.39 16.51
N ALA C 671 6.59 -4.59 17.74
CA ALA C 671 6.00 -5.87 18.11
C ALA C 671 4.72 -6.14 17.33
N ASP C 672 3.96 -5.09 17.02
CA ASP C 672 2.77 -5.25 16.21
C ASP C 672 3.11 -5.72 14.80
N ASP C 673 4.17 -5.18 14.22
CA ASP C 673 4.62 -5.66 12.91
C ASP C 673 5.02 -7.13 13.01
N LEU C 674 5.75 -7.48 14.06
CA LEU C 674 6.12 -8.88 14.30
C LEU C 674 4.93 -9.71 14.71
N ALA C 675 3.91 -9.10 15.32
CA ALA C 675 2.72 -9.81 15.75
C ALA C 675 1.93 -10.33 14.56
N LYS C 676 1.83 -9.53 13.50
CA LYS C 676 1.10 -9.92 12.31
C LYS C 676 1.90 -10.86 11.41
N GLN C 677 3.07 -11.30 11.86
CA GLN C 677 4.06 -11.97 11.03
C GLN C 677 4.33 -13.35 11.62
N THR C 678 3.71 -14.37 11.02
CA THR C 678 3.99 -15.77 11.37
C THR C 678 5.24 -16.26 10.64
N LYS C 679 5.84 -15.36 9.84
CA LYS C 679 7.25 -15.34 9.51
C LYS C 679 7.94 -14.76 10.76
N ILE C 680 9.11 -14.12 10.63
CA ILE C 680 10.27 -14.19 11.53
C ILE C 680 9.77 -14.39 12.96
N GLU C 681 10.15 -15.49 13.59
CA GLU C 681 9.40 -16.00 14.71
C GLU C 681 10.00 -15.51 16.01
N TYR C 682 9.22 -15.62 17.09
CA TYR C 682 9.51 -15.01 18.37
C TYR C 682 10.73 -15.66 19.01
N GLY C 683 11.06 -15.21 20.19
CA GLY C 683 12.06 -15.85 21.01
C GLY C 683 12.11 -15.18 22.37
N ALA C 684 12.52 -15.97 23.36
CA ALA C 684 12.62 -15.47 24.72
C ALA C 684 13.33 -16.48 25.60
N VAL C 685 13.96 -16.01 26.65
CA VAL C 685 14.56 -16.90 27.63
C VAL C 685 13.43 -17.49 28.47
N GLU C 686 13.67 -18.66 29.06
CA GLU C 686 12.69 -19.25 29.95
C GLU C 686 12.56 -18.31 31.16
N ASP C 687 11.58 -18.56 32.04
CA ASP C 687 10.72 -17.53 32.61
C ASP C 687 11.34 -16.14 32.73
N GLY C 688 12.49 -16.01 33.40
CA GLY C 688 13.37 -14.85 33.32
C GLY C 688 12.75 -13.46 33.25
N ALA C 689 11.58 -13.29 33.85
CA ALA C 689 10.84 -12.02 33.87
C ALA C 689 10.32 -11.58 32.51
N THR C 690 10.57 -12.36 31.45
CA THR C 690 10.15 -11.96 30.11
C THR C 690 8.87 -12.67 29.72
N MET C 691 8.86 -14.01 29.84
CA MET C 691 7.60 -14.75 29.82
C MET C 691 6.62 -14.22 30.85
N THR C 692 7.13 -13.78 31.99
CA THR C 692 6.33 -13.34 33.12
C THR C 692 5.37 -12.23 32.71
N PHE C 693 5.93 -11.20 32.07
CA PHE C 693 5.10 -10.09 31.61
C PHE C 693 4.09 -10.54 30.57
N PHE C 694 4.49 -11.46 29.71
CA PHE C 694 3.65 -11.87 28.59
C PHE C 694 2.50 -12.75 29.05
N LYS C 695 2.76 -13.67 29.97
CA LYS C 695 1.71 -14.50 30.54
C LYS C 695 0.66 -13.63 31.22
N LYS C 696 1.15 -12.69 32.03
CA LYS C 696 0.29 -11.78 32.78
C LYS C 696 -0.09 -10.57 31.95
N SER C 697 0.15 -10.62 30.63
CA SER C 697 -0.23 -9.53 29.74
C SER C 697 -1.73 -9.37 29.69
N LYS C 698 -2.16 -8.17 29.30
CA LYS C 698 -3.55 -7.93 28.90
C LYS C 698 -3.58 -7.14 27.60
N ILE C 699 -2.42 -6.93 26.98
CA ILE C 699 -2.35 -6.33 25.67
C ILE C 699 -2.74 -7.38 24.64
N SER C 700 -3.62 -7.00 23.72
CA SER C 700 -4.05 -7.92 22.67
C SER C 700 -2.86 -8.41 21.86
N THR C 701 -1.91 -7.52 21.59
CA THR C 701 -0.66 -7.91 20.96
C THR C 701 0.05 -8.95 21.82
N TYR C 702 0.45 -8.57 23.03
CA TYR C 702 1.26 -9.45 23.86
C TYR C 702 0.46 -10.65 24.36
N ASP C 703 -0.86 -10.63 24.26
CA ASP C 703 -1.64 -11.84 24.45
C ASP C 703 -1.55 -12.74 23.23
N LYS C 704 -1.77 -12.17 22.05
CA LYS C 704 -1.54 -12.90 20.80
C LYS C 704 -0.12 -13.43 20.69
N MET C 705 0.88 -12.60 21.01
CA MET C 705 2.26 -13.04 20.90
C MET C 705 2.52 -14.26 21.77
N TRP C 706 1.94 -14.28 22.96
CA TRP C 706 2.15 -15.39 23.88
C TRP C 706 1.63 -16.69 23.30
N ALA C 707 0.61 -16.63 22.44
CA ALA C 707 0.05 -17.82 21.84
C ALA C 707 1.12 -18.63 21.13
N PHE C 708 2.00 -17.96 20.39
CA PHE C 708 3.04 -18.68 19.67
C PHE C 708 4.14 -19.14 20.63
N MET C 709 4.41 -18.37 21.67
CA MET C 709 5.36 -18.76 22.70
C MET C 709 5.01 -20.13 23.26
N SER C 710 3.80 -20.26 23.77
CA SER C 710 3.28 -21.52 24.27
C SER C 710 3.25 -22.57 23.18
N SER C 711 2.94 -22.15 21.95
CA SER C 711 2.79 -23.08 20.83
C SER C 711 4.07 -23.87 20.59
N ARG C 712 5.14 -23.17 20.22
CA ARG C 712 6.46 -23.76 20.06
C ARG C 712 7.30 -23.56 21.32
N ARG C 713 6.78 -24.05 22.43
CA ARG C 713 7.47 -23.86 23.71
C ARG C 713 8.67 -24.79 23.87
N GLN C 714 8.93 -25.66 22.89
CA GLN C 714 10.16 -26.45 22.85
C GLN C 714 11.25 -25.83 21.99
N SER C 715 10.87 -25.09 20.93
CA SER C 715 11.87 -24.57 20.01
C SER C 715 12.35 -23.19 20.42
N VAL C 716 11.46 -22.19 20.45
CA VAL C 716 11.99 -20.83 20.47
C VAL C 716 12.47 -20.41 21.85
N LEU C 717 11.58 -19.99 22.77
CA LEU C 717 11.63 -20.24 24.22
C LEU C 717 12.96 -20.81 24.72
N VAL C 718 14.06 -20.13 24.45
CA VAL C 718 15.39 -20.62 24.80
C VAL C 718 15.56 -20.50 26.30
N LYS C 719 16.64 -21.07 26.85
CA LYS C 719 16.90 -21.06 28.28
C LYS C 719 18.13 -20.23 28.63
N SER C 720 18.56 -19.34 27.73
CA SER C 720 19.68 -18.47 28.06
C SER C 720 19.78 -17.34 27.04
N ASN C 721 20.36 -16.22 27.47
CA ASN C 721 20.58 -15.09 26.57
C ASN C 721 21.68 -15.38 25.56
N GLU C 722 22.72 -16.11 25.96
CA GLU C 722 23.84 -16.38 25.07
C GLU C 722 23.38 -17.17 23.86
N GLU C 723 22.54 -18.18 24.08
CA GLU C 723 21.94 -18.92 22.98
C GLU C 723 21.06 -18.00 22.13
N GLY C 724 20.23 -17.19 22.79
CA GLY C 724 19.32 -16.32 22.06
C GLY C 724 20.04 -15.38 21.10
N ILE C 725 21.26 -14.99 21.46
CA ILE C 725 22.10 -14.26 20.52
C ILE C 725 22.53 -15.20 19.40
N GLN C 726 23.12 -16.34 19.77
CA GLN C 726 23.56 -17.36 18.83
C GLN C 726 22.44 -17.78 17.88
N ARG C 727 21.21 -17.80 18.38
CA ARG C 727 20.10 -18.33 17.60
C ARG C 727 19.64 -17.35 16.52
N VAL C 728 19.56 -16.07 16.85
CA VAL C 728 19.14 -15.06 15.87
C VAL C 728 20.14 -15.01 14.73
N LEU C 729 21.41 -15.30 15.02
CA LEU C 729 22.44 -15.36 13.98
C LEU C 729 22.09 -16.40 12.94
N THR C 730 21.93 -17.65 13.39
CA THR C 730 21.72 -18.80 12.52
C THR C 730 20.48 -18.64 11.64
N SER C 731 19.47 -17.95 12.17
CA SER C 731 18.12 -18.07 11.64
C SER C 731 17.34 -16.76 11.82
N ASP C 732 16.01 -16.85 11.77
CA ASP C 732 15.11 -15.71 11.67
C ASP C 732 14.32 -15.56 12.97
N TYR C 733 15.04 -15.55 14.10
CA TYR C 733 14.40 -15.36 15.41
C TYR C 733 14.47 -13.90 15.83
N ALA C 734 13.71 -13.56 16.88
CA ALA C 734 13.52 -12.18 17.29
C ALA C 734 13.55 -12.02 18.81
N PHE C 735 14.59 -12.58 19.44
CA PHE C 735 14.70 -12.75 20.88
C PHE C 735 14.31 -11.51 21.68
N LEU C 736 13.36 -11.69 22.59
CA LEU C 736 12.95 -10.64 23.50
C LEU C 736 13.94 -10.54 24.66
N MET C 737 14.27 -9.30 25.04
CA MET C 737 15.34 -9.10 26.00
C MET C 737 15.18 -7.72 26.64
N GLU C 738 15.64 -7.63 27.88
CA GLU C 738 15.84 -6.34 28.53
C GLU C 738 16.76 -5.45 27.69
N SER C 739 16.48 -4.14 27.71
CA SER C 739 17.13 -3.22 26.79
C SER C 739 18.62 -3.05 27.05
N THR C 740 19.05 -3.24 28.30
CA THR C 740 20.46 -2.98 28.61
C THR C 740 21.36 -3.96 27.87
N THR C 741 20.98 -5.23 27.83
CA THR C 741 21.81 -6.24 27.19
C THR C 741 21.66 -6.17 25.67
N ILE C 742 20.56 -5.60 25.18
CA ILE C 742 20.47 -5.24 23.77
C ILE C 742 21.59 -4.28 23.41
N GLU C 743 21.71 -3.21 24.19
CA GLU C 743 22.62 -2.12 23.87
C GLU C 743 24.06 -2.60 23.77
N PHE C 744 24.46 -3.50 24.66
CA PHE C 744 25.83 -3.97 24.69
C PHE C 744 26.16 -4.80 23.45
N VAL C 745 25.35 -5.84 23.20
CA VAL C 745 25.66 -6.77 22.11
C VAL C 745 25.51 -6.08 20.76
N THR C 746 24.56 -5.15 20.67
CA THR C 746 24.36 -4.37 19.45
C THR C 746 25.65 -3.69 19.04
N GLN C 747 26.31 -3.06 20.00
CA GLN C 747 27.54 -2.33 19.76
C GLN C 747 28.77 -3.23 19.71
N ARG C 748 28.58 -4.55 19.77
CA ARG C 748 29.69 -5.51 19.71
C ARG C 748 29.35 -6.69 18.77
N ASN C 749 28.18 -6.66 18.15
CA ASN C 749 27.84 -7.63 17.11
C ASN C 749 27.13 -6.91 15.97
N CYS C 750 27.75 -5.83 15.48
CA CYS C 750 27.18 -4.89 14.54
C CYS C 750 26.41 -5.48 13.36
N ASN C 751 26.60 -6.76 13.06
CA ASN C 751 25.59 -7.48 12.29
C ASN C 751 24.16 -7.22 12.79
N LEU C 752 23.98 -7.04 14.11
CA LEU C 752 22.69 -7.11 14.77
C LEU C 752 22.25 -5.70 15.19
N THR C 753 20.98 -5.56 15.57
CA THR C 753 20.44 -4.25 15.89
C THR C 753 19.34 -4.37 16.93
N GLN C 754 19.08 -3.26 17.62
CA GLN C 754 17.86 -3.08 18.39
C GLN C 754 16.74 -2.74 17.43
N ILE C 755 15.51 -3.01 17.84
CA ILE C 755 14.32 -2.60 17.10
C ILE C 755 13.20 -2.30 18.07
N GLY C 756 12.35 -1.36 17.70
CA GLY C 756 11.20 -0.99 18.48
C GLY C 756 11.57 0.01 19.56
N GLY C 757 10.56 0.36 20.35
CA GLY C 757 10.73 1.22 21.50
C GLY C 757 10.69 0.38 22.75
N LEU C 758 11.03 0.99 23.87
CA LEU C 758 10.95 0.30 25.15
C LEU C 758 9.52 -0.14 25.42
N ILE C 759 9.32 -1.46 25.50
CA ILE C 759 7.99 -2.03 25.71
C ILE C 759 7.49 -1.84 27.13
N ASP C 760 8.36 -2.01 28.12
CA ASP C 760 7.93 -2.16 29.51
C ASP C 760 8.68 -1.10 30.30
N SER C 761 8.54 -1.12 31.62
CA SER C 761 9.39 -0.25 32.43
C SER C 761 9.72 -0.95 33.74
N LYS C 762 10.97 -0.78 34.15
CA LYS C 762 11.61 -1.47 35.25
C LYS C 762 12.74 -0.55 35.66
N GLY C 763 13.73 -1.08 36.34
CA GLY C 763 14.93 -0.32 36.55
C GLY C 763 15.76 -0.88 37.67
N TYR C 764 17.05 -0.98 37.43
CA TYR C 764 17.93 -1.59 38.41
C TYR C 764 18.04 -0.65 39.59
N GLY C 765 18.51 -1.15 40.72
CA GLY C 765 18.54 -0.37 41.92
C GLY C 765 19.35 -1.07 42.97
N VAL C 766 20.27 -0.34 43.60
CA VAL C 766 21.12 -0.93 44.62
C VAL C 766 20.26 -1.39 45.76
N GLY C 767 20.49 -2.62 46.23
CA GLY C 767 19.66 -3.23 47.23
C GLY C 767 20.12 -2.84 48.62
N THR C 768 19.13 -2.77 49.51
CA THR C 768 19.37 -2.46 50.92
C THR C 768 18.55 -3.43 51.74
N PRO C 769 18.94 -3.68 53.00
CA PRO C 769 18.11 -4.55 53.85
C PRO C 769 16.74 -3.96 54.11
N MET C 770 15.92 -4.67 54.89
CA MET C 770 14.68 -4.10 55.37
C MET C 770 15.05 -2.86 56.18
N GLY C 771 14.14 -1.88 56.22
CA GLY C 771 14.48 -0.47 56.37
C GLY C 771 15.64 -0.13 57.27
N SER C 772 16.61 0.57 56.69
CA SER C 772 17.98 0.55 57.18
C SER C 772 18.51 1.97 57.12
N PRO C 773 19.65 2.24 57.80
CA PRO C 773 20.22 3.58 57.73
C PRO C 773 21.10 3.80 56.51
N TYR C 774 20.69 3.30 55.34
CA TYR C 774 21.44 3.60 54.12
C TYR C 774 20.56 3.96 52.93
N ARG C 775 19.35 3.42 52.85
CA ARG C 775 18.52 3.62 51.65
C ARG C 775 18.32 5.09 51.36
N ASP C 776 18.04 5.88 52.38
CA ASP C 776 17.84 7.31 52.21
C ASP C 776 19.17 8.04 52.06
N LYS C 777 20.28 7.41 52.48
CA LYS C 777 21.59 7.98 52.25
C LYS C 777 22.16 7.55 50.91
N ILE C 778 21.81 6.35 50.44
CA ILE C 778 22.31 5.87 49.16
C ILE C 778 21.52 6.50 48.02
N THR C 779 20.30 6.96 48.28
CA THR C 779 19.46 7.45 47.20
C THR C 779 19.83 8.88 46.81
N ILE C 780 20.12 9.73 47.79
CA ILE C 780 20.54 11.11 47.49
C ILE C 780 21.81 11.10 46.65
N ALA C 781 22.65 10.09 46.86
CA ALA C 781 23.84 9.92 46.04
C ALA C 781 23.48 9.78 44.56
N ILE C 782 22.61 8.82 44.26
CA ILE C 782 22.27 8.50 42.88
C ILE C 782 21.69 9.74 42.19
N LEU C 783 20.89 10.51 42.92
CA LEU C 783 20.39 11.76 42.36
C LEU C 783 21.52 12.77 42.22
N GLN C 784 22.47 12.76 43.14
CA GLN C 784 23.57 13.72 43.08
C GLN C 784 24.45 13.47 41.87
N LEU C 785 24.88 12.22 41.69
CA LEU C 785 25.75 11.88 40.57
C LEU C 785 25.03 12.12 39.24
N GLN C 786 23.70 12.06 39.25
CA GLN C 786 22.92 12.25 38.04
C GLN C 786 23.10 13.66 37.50
N GLU C 787 22.80 14.66 38.33
CA GLU C 787 22.83 16.06 37.92
C GLU C 787 24.20 16.43 37.38
N GLU C 788 25.26 15.96 38.05
CA GLU C 788 26.61 16.21 37.55
C GLU C 788 26.89 15.47 36.26
N GLY C 789 26.09 14.44 35.93
CA GLY C 789 26.18 13.76 34.66
C GLY C 789 27.08 12.55 34.65
N LYS C 790 27.58 12.13 35.81
CA LYS C 790 28.57 11.07 35.85
C LYS C 790 28.01 9.73 35.37
N LEU C 791 26.71 9.50 35.53
CA LEU C 791 26.15 8.21 35.15
C LEU C 791 26.16 8.04 33.64
N HIS C 792 25.57 8.99 32.92
CA HIS C 792 25.57 8.90 31.46
C HIS C 792 26.99 8.94 30.92
N MET C 793 27.89 9.67 31.57
CA MET C 793 29.30 9.53 31.24
C MET C 793 29.77 8.11 31.52
N MET C 794 29.33 7.55 32.64
CA MET C 794 29.68 6.16 32.96
C MET C 794 28.94 5.19 32.06
N LYS C 795 27.77 5.58 31.58
CA LYS C 795 27.01 4.76 30.65
C LYS C 795 27.79 4.54 29.37
N GLU C 796 28.52 5.56 28.93
CA GLU C 796 29.24 5.44 27.68
C GLU C 796 30.40 4.46 27.83
N LYS C 797 31.25 4.70 28.84
CA LYS C 797 32.54 4.03 29.00
C LYS C 797 32.47 2.52 28.84
N TRP C 798 31.50 1.89 29.51
CA TRP C 798 31.45 0.44 29.51
C TRP C 798 30.68 -0.11 28.31
N TRP C 799 29.55 0.50 27.98
CA TRP C 799 28.73 0.00 26.87
C TRP C 799 29.28 0.44 25.52
N ARG C 800 29.64 1.72 25.38
CA ARG C 800 30.22 2.21 24.14
C ARG C 800 31.61 1.60 23.96
N GLY C 801 32.12 1.62 22.75
CA GLY C 801 33.51 1.30 22.51
C GLY C 801 33.93 1.69 21.12
N ASN C 802 34.70 0.81 20.47
CA ASN C 802 35.13 0.99 19.10
C ASN C 802 33.97 1.38 18.19
N GLY C 803 34.15 2.47 17.45
CA GLY C 803 33.13 2.92 16.53
C GLY C 803 32.71 1.85 15.55
N CYS C 804 31.51 1.33 15.75
CA CYS C 804 30.88 0.30 14.94
C CYS C 804 30.88 0.69 13.46
N PRO C 805 30.63 -0.26 12.52
CA PRO C 805 30.41 0.12 11.12
C PRO C 805 29.11 0.84 10.80
N GLU C 806 28.53 1.57 11.77
CA GLU C 806 27.33 2.39 11.68
C GLU C 806 27.08 3.01 10.30
N GLU C 807 28.16 3.45 9.64
CA GLU C 807 28.06 3.97 8.27
C GLU C 807 27.24 3.02 7.42
N GLU C 808 26.06 3.49 7.05
CA GLU C 808 25.04 2.69 6.39
C GLU C 808 23.88 3.63 6.10
N SER C 809 23.21 3.41 4.97
CA SER C 809 22.10 4.26 4.58
C SER C 809 21.10 3.44 3.79
N LYS C 810 19.86 3.96 3.76
CA LYS C 810 18.81 3.45 2.89
C LYS C 810 18.27 4.59 2.02
N GLU C 811 19.18 5.34 1.38
CA GLU C 811 18.80 6.28 0.33
C GLU C 811 18.68 5.60 -1.02
N ALA C 812 18.58 4.26 -1.04
CA ALA C 812 18.49 3.44 -2.24
C ALA C 812 17.45 3.90 -3.25
N SER C 813 16.43 4.64 -2.80
CA SER C 813 15.32 5.14 -3.59
C SER C 813 15.75 5.64 -4.97
N ALA C 814 16.64 6.62 -5.00
CA ALA C 814 17.25 7.04 -6.25
C ALA C 814 18.21 5.96 -6.74
N LEU C 815 18.00 5.51 -7.98
CA LEU C 815 18.78 4.42 -8.49
C LEU C 815 20.21 4.84 -8.77
N GLY C 816 21.12 3.88 -8.62
CA GLY C 816 22.53 4.08 -8.87
C GLY C 816 23.06 2.95 -9.71
N VAL C 817 24.37 2.74 -9.63
CA VAL C 817 25.05 1.82 -10.53
C VAL C 817 24.59 0.41 -10.23
N GLN C 818 24.62 0.04 -8.94
CA GLN C 818 24.23 -1.31 -8.52
C GLN C 818 22.83 -1.65 -9.00
N ASN C 819 21.96 -0.65 -9.09
CA ASN C 819 20.62 -0.87 -9.62
C ASN C 819 20.67 -1.20 -11.11
N ILE C 820 21.23 -0.28 -11.92
CA ILE C 820 21.15 -0.44 -13.36
C ILE C 820 22.47 -0.96 -13.94
N GLY C 821 23.57 -0.21 -13.84
CA GLY C 821 24.91 -0.79 -13.90
C GLY C 821 25.27 -1.48 -15.19
N GLY C 822 24.64 -2.64 -15.36
CA GLY C 822 24.96 -3.59 -16.41
C GLY C 822 24.89 -3.03 -17.80
N ILE C 823 23.91 -2.14 -18.00
CA ILE C 823 23.71 -1.53 -19.30
C ILE C 823 24.98 -0.84 -19.77
N PHE C 824 25.78 -0.30 -18.85
CA PHE C 824 27.07 0.25 -19.21
C PHE C 824 28.04 -0.83 -19.65
N ILE C 825 27.98 -2.02 -19.03
CA ILE C 825 28.77 -3.14 -19.53
C ILE C 825 28.25 -3.55 -20.89
N VAL C 826 26.93 -3.53 -21.07
CA VAL C 826 26.37 -3.83 -22.38
C VAL C 826 26.82 -2.79 -23.39
N LEU C 827 26.88 -1.53 -22.98
CA LEU C 827 27.37 -0.48 -23.86
C LEU C 827 28.81 -0.75 -24.26
N ALA C 828 29.67 -1.03 -23.28
CA ALA C 828 31.08 -1.30 -23.56
C ALA C 828 31.22 -2.48 -24.52
N ALA C 829 30.51 -3.56 -24.25
CA ALA C 829 30.55 -4.75 -25.09
C ALA C 829 30.18 -4.44 -26.52
N GLY C 830 29.24 -3.50 -26.69
CA GLY C 830 28.81 -3.11 -28.01
C GLY C 830 29.92 -2.44 -28.78
N LEU C 831 30.50 -1.41 -28.17
CA LEU C 831 31.54 -0.61 -28.80
C LEU C 831 32.72 -1.49 -29.19
N VAL C 832 33.04 -2.47 -28.35
CA VAL C 832 34.16 -3.36 -28.62
C VAL C 832 33.91 -4.17 -29.88
N LEU C 833 32.72 -4.77 -30.00
CA LEU C 833 32.42 -5.60 -31.14
C LEU C 833 32.43 -4.80 -32.43
N SER C 834 32.04 -3.53 -32.35
CA SER C 834 32.03 -2.66 -33.52
C SER C 834 33.45 -2.48 -34.06
N VAL C 835 34.42 -2.36 -33.15
CA VAL C 835 35.83 -2.24 -33.52
C VAL C 835 36.23 -3.48 -34.29
N PHE C 836 35.98 -4.65 -33.72
CA PHE C 836 36.45 -5.90 -34.32
C PHE C 836 35.87 -6.09 -35.71
N VAL C 837 34.58 -5.78 -35.87
CA VAL C 837 34.00 -5.82 -37.21
C VAL C 837 34.58 -4.74 -38.09
N ALA C 838 34.71 -3.52 -37.56
CA ALA C 838 35.25 -2.41 -38.34
C ALA C 838 36.64 -2.74 -38.87
N VAL C 839 37.45 -3.44 -38.07
CA VAL C 839 38.69 -4.01 -38.60
C VAL C 839 38.36 -4.98 -39.72
N GLY C 840 37.40 -5.87 -39.46
CA GLY C 840 36.98 -6.85 -40.45
C GLY C 840 36.47 -6.19 -41.72
N GLU C 841 35.85 -5.03 -41.58
CA GLU C 841 35.38 -4.30 -42.74
C GLU C 841 36.57 -3.89 -43.60
N PHE C 842 37.58 -3.31 -42.94
CA PHE C 842 38.78 -2.82 -43.61
C PHE C 842 39.46 -3.91 -44.42
N LEU C 843 39.69 -5.05 -43.81
CA LEU C 843 40.39 -6.15 -44.46
C LEU C 843 39.61 -6.65 -45.66
N TYR C 844 38.31 -6.89 -45.47
CA TYR C 844 37.47 -7.45 -46.52
C TYR C 844 37.43 -6.55 -47.74
N LYS C 845 37.32 -5.25 -47.52
CA LYS C 845 37.26 -4.30 -48.63
C LYS C 845 38.54 -4.35 -49.44
N SER C 846 39.65 -3.95 -48.83
CA SER C 846 40.91 -3.80 -49.53
C SER C 846 41.35 -5.10 -50.18
N LYS C 847 41.10 -6.22 -49.50
CA LYS C 847 41.46 -7.53 -50.02
C LYS C 847 40.66 -7.84 -51.28
N LYS C 848 39.33 -7.82 -51.17
CA LYS C 848 38.45 -8.09 -52.30
C LYS C 848 38.69 -7.07 -53.40
N ASN C 849 38.98 -5.83 -53.01
CA ASN C 849 39.28 -4.78 -53.98
C ASN C 849 40.63 -5.08 -54.63
N ALA C 850 41.65 -5.35 -53.81
CA ALA C 850 43.00 -5.65 -54.29
C ALA C 850 43.04 -6.92 -55.13
N GLN C 851 42.05 -7.80 -54.97
CA GLN C 851 42.01 -9.00 -55.79
C GLN C 851 41.91 -8.64 -57.28
N LEU C 852 41.02 -7.70 -57.60
CA LEU C 852 40.88 -7.17 -58.96
C LEU C 852 41.81 -5.99 -59.23
N GLU C 853 42.49 -5.47 -58.20
CA GLU C 853 43.29 -4.25 -58.24
C GLU C 853 44.70 -4.58 -57.73
N LYS C 854 45.45 -3.57 -57.29
CA LYS C 854 46.86 -3.70 -56.93
C LYS C 854 47.10 -4.75 -55.84
N ARG C 855 48.36 -4.93 -55.43
CA ARG C 855 48.82 -6.23 -54.97
C ARG C 855 48.12 -6.76 -53.71
N SER C 856 48.55 -6.37 -52.50
CA SER C 856 47.74 -6.63 -51.31
C SER C 856 47.72 -5.47 -50.33
N PHE C 857 48.90 -5.10 -49.83
CA PHE C 857 49.00 -4.22 -48.67
C PHE C 857 49.43 -2.81 -49.04
N CYS C 858 50.04 -2.64 -50.22
CA CYS C 858 50.19 -1.34 -50.83
C CYS C 858 48.86 -0.61 -50.77
N SER C 859 47.80 -1.29 -51.21
CA SER C 859 46.44 -0.79 -51.06
C SER C 859 46.13 -0.48 -49.61
N ALA C 860 46.38 -1.44 -48.72
CA ALA C 860 45.98 -1.33 -47.31
C ALA C 860 46.45 -0.03 -46.66
N MET C 861 47.75 0.26 -46.74
CA MET C 861 48.26 1.46 -46.06
C MET C 861 47.92 2.73 -46.82
N VAL C 862 48.01 2.73 -48.16
CA VAL C 862 47.63 3.93 -48.91
C VAL C 862 46.13 4.12 -48.71
N GLU C 863 45.36 3.02 -48.57
CA GLU C 863 43.95 3.15 -48.22
C GLU C 863 43.76 3.57 -46.77
N GLU C 864 44.66 3.14 -45.87
CA GLU C 864 44.55 3.51 -44.47
C GLU C 864 44.63 5.02 -44.29
N LEU C 865 45.75 5.62 -44.70
CA LEU C 865 45.96 7.05 -44.49
C LEU C 865 45.26 7.93 -45.53
N ARG C 866 44.53 7.36 -46.51
CA ARG C 866 43.66 8.19 -47.36
C ARG C 866 42.24 8.26 -46.82
N MET C 867 41.89 7.38 -45.87
CA MET C 867 40.76 7.69 -45.00
C MET C 867 41.06 8.93 -44.17
N SER C 868 42.33 9.35 -44.09
CA SER C 868 42.74 10.38 -43.16
C SER C 868 42.81 11.78 -43.76
N LEU C 869 43.37 11.94 -44.98
CA LEU C 869 43.03 13.04 -45.93
C LEU C 869 42.42 14.27 -45.27
N LYS C 870 43.18 15.14 -44.60
CA LYS C 870 42.58 15.99 -43.55
C LYS C 870 41.48 16.92 -44.08
N CYS C 871 40.37 16.30 -44.45
CA CYS C 871 39.10 16.86 -44.92
C CYS C 871 38.19 15.66 -45.23
N GLN C 872 36.92 15.85 -45.54
CA GLN C 872 36.08 14.69 -45.88
C GLN C 872 36.36 14.13 -47.28
N ARG C 873 37.29 14.72 -48.03
CA ARG C 873 37.58 14.27 -49.38
C ARG C 873 38.40 12.98 -49.34
N ARG C 874 37.87 11.95 -50.01
CA ARG C 874 38.55 10.67 -50.21
C ARG C 874 39.09 10.05 -48.94
N SER D 429 -22.19 -32.29 45.66
CA SER D 429 -21.48 -33.52 46.12
C SER D 429 -22.04 -34.81 45.51
N ASN D 430 -23.07 -34.69 44.69
CA ASN D 430 -23.81 -35.84 44.18
C ASN D 430 -23.02 -36.50 43.05
N ARG D 431 -23.70 -37.27 42.18
CA ARG D 431 -23.13 -37.71 40.91
C ARG D 431 -22.34 -36.57 40.27
N SER D 432 -21.13 -36.91 39.80
CA SER D 432 -20.18 -35.88 39.39
C SER D 432 -20.78 -34.96 38.34
N LEU D 433 -20.81 -35.42 37.08
CA LEU D 433 -21.92 -35.40 36.13
C LEU D 433 -21.39 -36.09 34.89
N ILE D 434 -22.11 -37.05 34.35
CA ILE D 434 -21.61 -37.84 33.23
C ILE D 434 -21.79 -37.00 31.97
N VAL D 435 -20.67 -36.55 31.41
CA VAL D 435 -20.68 -35.77 30.17
C VAL D 435 -20.26 -36.68 29.03
N THR D 436 -21.19 -36.93 28.10
CA THR D 436 -20.88 -37.63 26.87
C THR D 436 -20.41 -36.64 25.81
N THR D 437 -19.57 -37.13 24.91
CA THR D 437 -18.81 -36.25 24.02
C THR D 437 -18.23 -37.10 22.88
N ILE D 438 -17.93 -36.43 21.76
CA ILE D 438 -17.29 -37.03 20.59
C ILE D 438 -16.06 -36.22 20.24
N LEU D 439 -15.03 -36.91 19.75
CA LEU D 439 -13.78 -36.29 19.36
C LEU D 439 -13.91 -35.69 17.96
N GLU D 440 -13.76 -34.37 17.86
CA GLU D 440 -13.86 -33.68 16.57
C GLU D 440 -13.30 -32.27 16.73
N GLU D 441 -12.33 -31.92 15.90
CA GLU D 441 -11.68 -30.63 16.03
C GLU D 441 -12.62 -29.50 15.61
N PRO D 442 -12.42 -28.28 16.12
CA PRO D 442 -11.52 -27.80 17.18
C PRO D 442 -12.15 -27.86 18.56
N TYR D 443 -13.12 -28.75 18.72
CA TYR D 443 -13.88 -28.86 19.95
C TYR D 443 -13.20 -29.79 20.92
N VAL D 444 -13.04 -31.04 20.49
CA VAL D 444 -12.70 -32.14 21.36
C VAL D 444 -11.48 -32.80 20.71
N LEU D 445 -10.30 -32.30 21.07
CA LEU D 445 -9.05 -32.86 20.60
C LEU D 445 -8.47 -33.70 21.73
N PHE D 446 -7.99 -34.89 21.40
CA PHE D 446 -7.34 -35.72 22.38
C PHE D 446 -6.08 -35.01 22.84
N LYS D 447 -6.02 -34.66 24.13
CA LYS D 447 -4.95 -33.84 24.70
C LYS D 447 -3.56 -34.34 24.30
N LYS D 448 -2.65 -33.41 24.01
CA LYS D 448 -1.40 -33.72 23.36
C LYS D 448 -0.24 -33.67 24.35
N SER D 449 0.16 -34.84 24.83
CA SER D 449 1.32 -35.04 25.67
C SER D 449 1.50 -36.52 25.88
N ASP D 450 2.65 -36.95 26.41
CA ASP D 450 2.90 -38.39 26.56
C ASP D 450 2.43 -38.88 27.92
N LYS D 451 3.07 -38.43 29.03
CA LYS D 451 2.45 -38.06 30.31
C LYS D 451 1.07 -38.68 30.51
N PRO D 452 0.97 -40.02 30.75
CA PRO D 452 -0.29 -40.74 30.55
C PRO D 452 -1.51 -40.23 31.32
N LEU D 453 -2.65 -40.88 31.09
CA LEU D 453 -4.01 -40.39 31.29
C LEU D 453 -4.20 -39.61 32.59
N TYR D 454 -5.15 -38.67 32.55
CA TYR D 454 -5.50 -37.88 33.71
C TYR D 454 -7.00 -37.63 33.81
N GLY D 455 -7.82 -38.39 33.10
CA GLY D 455 -9.24 -38.12 33.12
C GLY D 455 -9.55 -36.73 32.59
N ASN D 456 -9.83 -35.80 33.51
CA ASN D 456 -10.13 -34.41 33.20
C ASN D 456 -8.97 -33.66 32.53
N ASP D 457 -7.82 -34.32 32.38
CA ASP D 457 -6.80 -33.86 31.45
C ASP D 457 -6.44 -34.97 30.46
N ARG D 458 -7.45 -35.60 29.86
CA ARG D 458 -7.29 -36.31 28.60
C ARG D 458 -7.79 -35.50 27.40
N PHE D 459 -8.40 -34.35 27.64
CA PHE D 459 -9.12 -33.63 26.60
C PHE D 459 -9.01 -32.14 26.82
N GLU D 460 -9.00 -31.38 25.73
CA GLU D 460 -9.07 -29.92 25.79
C GLU D 460 -9.66 -29.43 24.48
N GLY D 461 -9.70 -28.12 24.34
CA GLY D 461 -10.29 -27.46 23.19
C GLY D 461 -11.37 -26.51 23.63
N TYR D 462 -12.31 -26.26 22.72
CA TYR D 462 -13.43 -25.38 23.04
C TYR D 462 -14.47 -26.09 23.90
N CYS D 463 -14.93 -27.26 23.44
CA CYS D 463 -15.88 -28.07 24.18
C CYS D 463 -15.48 -28.28 25.63
N ILE D 464 -14.19 -28.37 25.90
CA ILE D 464 -13.69 -28.52 27.26
C ILE D 464 -13.62 -27.17 27.96
N ASP D 465 -13.27 -26.11 27.24
CA ASP D 465 -13.25 -24.79 27.87
C ASP D 465 -14.64 -24.31 28.22
N LEU D 466 -15.65 -24.68 27.42
CA LEU D 466 -17.01 -24.30 27.75
C LEU D 466 -17.44 -24.96 29.05
N LEU D 467 -17.19 -26.26 29.19
CA LEU D 467 -17.47 -27.00 30.41
C LEU D 467 -16.82 -26.34 31.62
N ARG D 468 -15.62 -25.82 31.44
CA ARG D 468 -14.89 -25.16 32.52
C ARG D 468 -15.69 -23.97 33.04
N GLU D 469 -15.96 -23.00 32.17
CA GLU D 469 -16.72 -21.83 32.57
C GLU D 469 -18.15 -22.24 32.93
N LEU D 470 -18.61 -23.38 32.40
CA LEU D 470 -19.95 -23.84 32.74
C LEU D 470 -19.96 -24.39 34.16
N SER D 471 -19.02 -25.29 34.47
CA SER D 471 -18.92 -25.87 35.80
C SER D 471 -18.43 -24.86 36.83
N THR D 472 -17.76 -23.81 36.38
CA THR D 472 -17.29 -22.76 37.29
C THR D 472 -18.48 -21.93 37.79
N ILE D 473 -19.24 -21.37 36.84
CA ILE D 473 -20.41 -20.59 37.18
C ILE D 473 -21.40 -21.45 37.96
N LEU D 474 -21.60 -22.70 37.50
CA LEU D 474 -22.37 -23.70 38.21
C LEU D 474 -21.43 -24.39 39.18
N GLY D 475 -21.81 -25.53 39.75
CA GLY D 475 -20.86 -26.38 40.44
C GLY D 475 -21.13 -27.85 40.24
N PHE D 476 -20.19 -28.56 39.64
CA PHE D 476 -20.27 -30.02 39.48
C PHE D 476 -18.90 -30.53 39.02
N THR D 477 -18.84 -31.80 38.61
CA THR D 477 -17.62 -32.45 38.16
C THR D 477 -17.93 -33.26 36.90
N TYR D 478 -16.90 -33.64 36.12
CA TYR D 478 -17.10 -34.20 34.79
C TYR D 478 -16.93 -35.72 34.80
N GLU D 479 -15.71 -36.10 35.13
CA GLU D 479 -14.96 -37.34 34.97
C GLU D 479 -14.54 -37.65 33.53
N ILE D 480 -15.48 -37.91 32.61
CA ILE D 480 -15.79 -37.40 31.27
C ILE D 480 -16.34 -38.71 30.74
N ARG D 481 -17.16 -38.71 29.70
CA ARG D 481 -17.26 -39.96 28.94
C ARG D 481 -17.16 -39.72 27.45
N LEU D 482 -17.12 -40.82 26.69
CA LEU D 482 -17.02 -40.78 25.25
C LEU D 482 -18.13 -41.61 24.65
N VAL D 483 -18.22 -41.52 23.33
CA VAL D 483 -19.11 -42.34 22.52
C VAL D 483 -18.59 -43.78 22.59
N GLU D 484 -19.39 -44.73 22.11
CA GLU D 484 -18.91 -46.08 21.87
C GLU D 484 -19.35 -46.56 20.49
N ASP D 485 -19.70 -45.62 19.62
CA ASP D 485 -20.13 -45.92 18.25
C ASP D 485 -19.54 -44.95 17.22
N GLY D 486 -18.96 -43.83 17.67
CA GLY D 486 -18.47 -42.82 16.75
C GLY D 486 -19.51 -41.79 16.36
N LYS D 487 -20.70 -42.28 15.99
CA LYS D 487 -21.76 -41.44 15.44
C LYS D 487 -22.20 -40.37 16.42
N TYR D 488 -22.43 -39.15 15.92
CA TYR D 488 -23.08 -38.11 16.70
C TYR D 488 -24.40 -38.63 17.25
N GLY D 489 -25.20 -39.24 16.39
CA GLY D 489 -26.47 -39.80 16.75
C GLY D 489 -27.57 -39.44 15.76
N ALA D 490 -28.54 -40.34 15.60
CA ALA D 490 -29.67 -40.09 14.72
C ALA D 490 -30.75 -41.12 15.00
N GLN D 491 -31.99 -40.81 14.62
CA GLN D 491 -33.05 -41.80 14.51
C GLN D 491 -32.52 -42.94 13.65
N ASP D 492 -32.41 -44.13 14.22
CA ASP D 492 -31.55 -45.17 13.65
C ASP D 492 -31.95 -45.60 12.23
N ASP D 493 -33.06 -46.32 12.10
CA ASP D 493 -33.54 -46.79 10.81
C ASP D 493 -34.89 -47.45 11.07
N VAL D 494 -35.30 -48.38 10.19
CA VAL D 494 -36.48 -49.22 10.34
C VAL D 494 -36.71 -49.68 11.78
N ASN D 495 -35.64 -50.05 12.49
CA ASN D 495 -35.72 -50.38 13.90
C ASN D 495 -36.35 -49.25 14.69
N GLY D 496 -36.12 -48.01 14.27
CA GLY D 496 -36.62 -46.86 14.99
C GLY D 496 -35.98 -46.71 16.35
N GLN D 497 -34.80 -47.28 16.51
CA GLN D 497 -34.02 -47.20 17.73
C GLN D 497 -33.16 -45.94 17.61
N TRP D 498 -32.25 -45.68 18.55
CA TRP D 498 -31.46 -44.45 18.51
C TRP D 498 -30.02 -44.83 18.84
N ASN D 499 -29.09 -44.42 17.98
CA ASN D 499 -27.66 -44.64 18.20
C ASN D 499 -27.01 -43.44 18.88
N GLY D 500 -25.67 -43.41 18.88
CA GLY D 500 -24.92 -42.21 19.18
C GLY D 500 -25.14 -41.63 20.56
N MET D 501 -24.83 -40.35 20.73
CA MET D 501 -25.04 -39.68 22.01
C MET D 501 -26.51 -39.46 22.31
N VAL D 502 -27.39 -39.58 21.31
CA VAL D 502 -28.83 -39.52 21.58
C VAL D 502 -29.30 -40.81 22.24
N ARG D 503 -28.63 -41.93 21.95
CA ARG D 503 -28.85 -43.15 22.72
C ARG D 503 -28.57 -42.87 24.18
N GLU D 504 -27.33 -42.47 24.43
CA GLU D 504 -26.78 -42.36 25.77
C GLU D 504 -27.57 -41.36 26.61
N LEU D 505 -28.19 -40.38 25.95
CA LEU D 505 -28.89 -39.31 26.64
C LEU D 505 -30.33 -39.67 26.98
N ILE D 506 -30.85 -40.76 26.42
CA ILE D 506 -32.24 -41.16 26.67
C ILE D 506 -32.32 -42.00 27.93
N ASP D 507 -31.66 -43.16 27.94
CA ASP D 507 -31.80 -44.08 29.05
C ASP D 507 -30.80 -43.80 30.17
N HIS D 508 -30.64 -42.51 30.52
CA HIS D 508 -29.97 -42.05 31.73
C HIS D 508 -28.63 -42.74 32.03
N LYS D 509 -27.96 -43.22 30.99
CA LYS D 509 -26.59 -43.68 31.12
C LYS D 509 -25.65 -42.48 31.22
N ALA D 510 -26.18 -41.29 30.95
CA ALA D 510 -25.38 -40.08 31.05
C ALA D 510 -26.26 -38.89 31.34
N ASP D 511 -25.70 -37.71 31.12
CA ASP D 511 -26.27 -36.42 31.47
C ASP D 511 -25.73 -35.54 30.35
N LEU D 512 -25.44 -34.27 30.65
CA LEU D 512 -25.07 -33.24 29.68
C LEU D 512 -24.15 -33.70 28.57
N ALA D 513 -24.25 -33.08 27.41
CA ALA D 513 -23.57 -33.53 26.21
C ALA D 513 -22.91 -32.39 25.46
N VAL D 514 -22.09 -31.59 26.13
CA VAL D 514 -21.37 -30.52 25.45
C VAL D 514 -20.58 -31.18 24.33
N ALA D 515 -20.97 -30.88 23.11
CA ALA D 515 -20.48 -31.57 21.94
C ALA D 515 -21.13 -30.92 20.73
N PRO D 516 -20.55 -31.02 19.53
CA PRO D 516 -21.24 -30.48 18.36
C PRO D 516 -22.49 -31.23 17.96
N LEU D 517 -23.54 -31.12 18.75
CA LEU D 517 -24.87 -31.61 18.40
C LEU D 517 -25.69 -30.48 17.80
N ALA D 518 -26.31 -30.78 16.67
CA ALA D 518 -27.08 -29.79 15.92
C ALA D 518 -28.55 -29.95 16.26
N ILE D 519 -29.18 -28.85 16.63
CA ILE D 519 -30.57 -28.86 17.08
C ILE D 519 -31.48 -29.09 15.89
N THR D 520 -32.27 -30.16 15.96
CA THR D 520 -33.23 -30.47 14.91
C THR D 520 -34.51 -31.03 15.52
N TYR D 521 -35.54 -31.13 14.68
CA TYR D 521 -36.85 -31.62 15.06
C TYR D 521 -36.81 -32.97 15.76
N VAL D 522 -36.33 -33.99 15.04
CA VAL D 522 -36.40 -35.36 15.53
C VAL D 522 -35.58 -35.51 16.81
N ARG D 523 -34.50 -34.74 16.92
CA ARG D 523 -33.70 -34.77 18.13
C ARG D 523 -34.49 -34.19 19.29
N GLU D 524 -35.07 -33.00 19.10
CA GLU D 524 -35.74 -32.29 20.18
C GLU D 524 -37.00 -33.01 20.64
N LYS D 525 -37.54 -33.89 19.80
CA LYS D 525 -38.74 -34.60 20.17
C LYS D 525 -38.50 -35.57 21.33
N VAL D 526 -37.28 -36.10 21.42
CA VAL D 526 -36.95 -37.19 22.33
C VAL D 526 -35.96 -36.77 23.39
N ILE D 527 -35.32 -35.61 23.22
CA ILE D 527 -34.49 -35.01 24.27
C ILE D 527 -34.87 -33.54 24.34
N ASP D 528 -34.15 -32.77 25.15
CA ASP D 528 -34.39 -31.34 25.25
C ASP D 528 -33.08 -30.59 25.24
N PHE D 529 -32.72 -30.00 24.11
CA PHE D 529 -31.47 -29.28 24.00
C PHE D 529 -31.49 -28.05 24.91
N SER D 530 -30.30 -27.49 25.11
CA SER D 530 -30.15 -26.20 25.75
C SER D 530 -30.45 -25.13 24.73
N LYS D 531 -30.18 -23.87 25.05
CA LYS D 531 -30.27 -22.78 24.09
C LYS D 531 -28.90 -22.62 23.45
N PRO D 532 -28.83 -22.16 22.20
CA PRO D 532 -27.54 -22.17 21.48
C PRO D 532 -26.40 -21.43 22.13
N PHE D 533 -25.23 -22.06 22.09
CA PHE D 533 -23.98 -21.39 22.41
C PHE D 533 -23.25 -20.90 21.17
N MET D 534 -23.78 -21.16 19.97
CA MET D 534 -23.11 -20.75 18.75
C MET D 534 -24.04 -20.93 17.57
N THR D 535 -23.88 -20.08 16.58
CA THR D 535 -24.67 -20.10 15.36
C THR D 535 -23.93 -20.88 14.28
N LEU D 536 -24.66 -21.22 13.22
CA LEU D 536 -24.13 -22.12 12.21
C LEU D 536 -25.00 -22.05 10.96
N GLY D 537 -24.36 -22.06 9.79
CA GLY D 537 -25.04 -22.13 8.52
C GLY D 537 -24.31 -23.03 7.55
N ILE D 538 -25.02 -23.41 6.49
CA ILE D 538 -24.44 -24.11 5.36
C ILE D 538 -23.87 -23.05 4.43
N SER D 539 -22.63 -23.26 4.00
CA SER D 539 -21.97 -22.34 3.10
C SER D 539 -21.00 -23.14 2.23
N ILE D 540 -20.10 -22.43 1.55
CA ILE D 540 -19.33 -22.97 0.44
C ILE D 540 -17.86 -22.89 0.76
N LEU D 541 -17.10 -23.83 0.20
CA LEU D 541 -15.64 -23.88 0.28
C LEU D 541 -15.14 -24.06 -1.14
N TYR D 542 -14.21 -23.21 -1.56
CA TYR D 542 -13.65 -23.25 -2.92
C TYR D 542 -12.18 -22.88 -2.87
N ARG D 543 -11.43 -23.42 -3.81
CA ARG D 543 -10.02 -23.11 -3.95
C ARG D 543 -9.88 -21.63 -4.23
N LYS D 544 -9.28 -20.90 -3.28
CA LYS D 544 -9.10 -19.45 -3.33
C LYS D 544 -8.56 -19.03 -4.69
N PRO D 545 -8.94 -17.87 -5.21
CA PRO D 545 -8.29 -17.38 -6.42
C PRO D 545 -6.80 -17.20 -6.20
N ASN D 546 -6.03 -17.60 -7.22
CA ASN D 546 -4.58 -17.45 -7.19
C ASN D 546 -4.06 -16.66 -8.38
N GLY D 547 -4.91 -16.37 -9.38
CA GLY D 547 -4.60 -15.51 -10.51
C GLY D 547 -3.29 -15.86 -11.17
N THR D 548 -3.01 -17.15 -11.28
CA THR D 548 -1.73 -17.63 -11.78
C THR D 548 -1.89 -18.10 -13.23
N ASN D 549 -3.09 -17.94 -13.78
CA ASN D 549 -3.33 -18.10 -15.21
C ASN D 549 -4.38 -17.09 -15.65
N PRO D 550 -4.06 -15.78 -15.63
CA PRO D 550 -5.04 -14.78 -16.11
C PRO D 550 -5.48 -15.04 -17.53
N GLY D 551 -4.55 -15.51 -18.36
CA GLY D 551 -4.86 -15.85 -19.74
C GLY D 551 -3.65 -15.65 -20.62
N VAL D 552 -3.65 -16.26 -21.81
CA VAL D 552 -2.60 -16.05 -22.81
C VAL D 552 -2.74 -14.69 -23.49
N PHE D 553 -3.73 -13.90 -23.07
CA PHE D 553 -3.92 -12.50 -23.38
C PHE D 553 -3.91 -11.84 -22.00
N SER D 554 -4.53 -10.65 -21.86
CA SER D 554 -4.45 -9.76 -20.68
C SER D 554 -3.30 -8.77 -20.77
N PHE D 555 -2.65 -8.69 -21.94
CA PHE D 555 -2.09 -7.40 -22.33
C PHE D 555 -3.17 -6.44 -22.79
N LEU D 556 -4.39 -6.93 -22.96
CA LEU D 556 -5.49 -6.19 -23.55
C LEU D 556 -6.51 -5.73 -22.51
N ASN D 557 -6.36 -6.16 -21.26
CA ASN D 557 -7.23 -5.68 -20.20
C ASN D 557 -7.14 -4.19 -19.96
N PRO D 558 -5.94 -3.55 -19.83
CA PRO D 558 -5.84 -2.23 -19.20
C PRO D 558 -6.71 -1.10 -19.75
N LEU D 559 -7.37 -1.32 -20.88
CA LEU D 559 -8.40 -0.42 -21.36
C LEU D 559 -9.62 -1.26 -21.71
N SER D 560 -10.80 -0.67 -21.58
CA SER D 560 -12.03 -1.40 -21.78
C SER D 560 -12.12 -1.89 -23.23
N PRO D 561 -12.73 -3.05 -23.48
CA PRO D 561 -13.00 -3.43 -24.88
C PRO D 561 -13.76 -2.39 -25.66
N ASP D 562 -14.59 -1.60 -24.97
CA ASP D 562 -15.29 -0.47 -25.57
C ASP D 562 -14.30 0.49 -26.21
N ILE D 563 -13.13 0.66 -25.60
CA ILE D 563 -12.18 1.64 -26.08
C ILE D 563 -11.34 1.07 -27.22
N TRP D 564 -10.85 -0.16 -27.05
CA TRP D 564 -9.96 -0.76 -28.04
C TRP D 564 -10.59 -0.77 -29.44
N MET D 565 -11.92 -0.85 -29.51
CA MET D 565 -12.60 -0.81 -30.79
C MET D 565 -12.81 0.62 -31.26
N TYR D 566 -13.09 1.54 -30.34
CA TYR D 566 -13.28 2.93 -30.73
C TYR D 566 -12.01 3.53 -31.30
N VAL D 567 -10.85 3.13 -30.80
CA VAL D 567 -9.61 3.73 -31.26
C VAL D 567 -9.24 3.21 -32.64
N LEU D 568 -9.42 1.91 -32.87
CA LEU D 568 -9.27 1.39 -34.23
C LEU D 568 -10.25 2.05 -35.17
N LEU D 569 -11.47 2.32 -34.70
CA LEU D 569 -12.45 3.02 -35.50
C LEU D 569 -11.95 4.41 -35.84
N ALA D 570 -11.27 5.06 -34.90
CA ALA D 570 -10.74 6.40 -35.14
C ALA D 570 -9.54 6.40 -36.06
N CYS D 571 -8.76 5.31 -36.08
CA CYS D 571 -7.68 5.19 -37.06
C CYS D 571 -8.26 5.13 -38.46
N LEU D 572 -9.33 4.34 -38.64
CA LEU D 572 -10.06 4.37 -39.90
C LEU D 572 -10.68 5.75 -40.12
N GLY D 573 -11.01 6.44 -39.04
CA GLY D 573 -11.53 7.78 -39.13
C GLY D 573 -10.55 8.74 -39.77
N VAL D 574 -9.45 9.02 -39.07
CA VAL D 574 -8.56 10.10 -39.49
C VAL D 574 -7.84 9.76 -40.79
N SER D 575 -7.58 8.48 -41.05
CA SER D 575 -7.02 8.09 -42.33
C SER D 575 -7.97 8.45 -43.46
N CYS D 576 -9.26 8.20 -43.26
CA CYS D 576 -10.24 8.57 -44.26
C CYS D 576 -10.38 10.07 -44.38
N VAL D 577 -10.18 10.80 -43.29
CA VAL D 577 -10.39 12.24 -43.32
C VAL D 577 -9.16 12.96 -43.84
N LEU D 578 -7.98 12.51 -43.42
CA LEU D 578 -6.73 13.05 -43.95
C LEU D 578 -6.71 12.99 -45.46
N PHE D 579 -7.22 11.88 -46.00
CA PHE D 579 -7.42 11.69 -47.42
C PHE D 579 -8.28 12.80 -48.02
N VAL D 580 -9.39 13.13 -47.37
CA VAL D 580 -10.29 14.16 -47.88
C VAL D 580 -9.60 15.52 -47.83
N ILE D 581 -9.12 15.89 -46.65
CA ILE D 581 -8.62 17.24 -46.40
C ILE D 581 -7.43 17.54 -47.29
N ALA D 582 -6.43 16.66 -47.23
CA ALA D 582 -5.16 16.83 -47.92
C ALA D 582 -5.36 17.13 -49.38
N ARG D 583 -6.22 16.34 -50.02
CA ARG D 583 -6.43 16.40 -51.45
C ARG D 583 -7.14 17.68 -51.88
N PHE D 584 -8.28 17.95 -51.28
CA PHE D 584 -9.00 19.18 -51.54
C PHE D 584 -8.19 20.43 -51.21
N SER D 585 -7.18 20.29 -50.35
CA SER D 585 -6.29 21.38 -50.03
C SER D 585 -5.36 21.63 -51.22
N PRO D 586 -5.14 22.91 -51.61
CA PRO D 586 -4.18 23.14 -52.70
C PRO D 586 -2.73 22.95 -52.30
N TYR D 587 -2.38 23.40 -51.09
CA TYR D 587 -1.00 23.49 -50.64
C TYR D 587 -0.37 22.15 -50.36
N GLU D 588 -1.19 21.12 -50.10
CA GLU D 588 -0.64 19.78 -49.96
C GLU D 588 0.08 19.37 -51.23
N TRP D 589 -0.38 19.86 -52.37
CA TRP D 589 0.24 19.48 -53.62
C TRP D 589 1.58 20.19 -53.74
N TYR D 590 2.60 19.52 -53.23
CA TYR D 590 3.96 19.71 -53.71
C TYR D 590 4.01 19.25 -55.16
N ASN D 591 5.17 19.39 -55.75
CA ASN D 591 5.51 18.95 -57.04
C ASN D 591 6.86 18.39 -56.62
N PRO D 592 7.26 17.17 -57.06
CA PRO D 592 8.51 16.63 -56.53
C PRO D 592 9.67 17.56 -56.83
N HIS D 593 10.00 17.70 -58.13
CA HIS D 593 11.09 18.49 -58.70
C HIS D 593 12.27 18.59 -57.73
N PRO D 594 12.72 17.50 -57.13
CA PRO D 594 13.81 17.68 -56.16
C PRO D 594 15.08 18.07 -56.90
N CYS D 595 15.52 17.20 -57.82
CA CYS D 595 16.76 17.37 -58.55
C CYS D 595 16.78 18.69 -59.30
N ASN D 596 15.65 19.00 -59.91
CA ASN D 596 15.54 20.09 -60.86
C ASN D 596 14.45 21.08 -60.45
N PRO D 597 14.43 22.26 -61.03
CA PRO D 597 13.17 22.99 -61.24
C PRO D 597 12.49 22.43 -62.49
N ASP D 598 11.66 23.18 -63.22
CA ASP D 598 10.48 22.82 -64.04
C ASP D 598 10.36 21.40 -64.63
N SER D 599 9.19 21.07 -65.22
CA SER D 599 8.38 19.87 -64.99
C SER D 599 7.32 20.09 -63.91
N ASP D 600 6.28 20.82 -64.31
CA ASP D 600 5.09 21.18 -63.55
C ASP D 600 4.15 20.00 -63.23
N VAL D 601 4.60 18.76 -63.43
CA VAL D 601 3.90 17.57 -62.96
C VAL D 601 3.52 17.73 -61.50
N VAL D 602 2.46 17.07 -61.05
CA VAL D 602 1.99 17.22 -59.68
C VAL D 602 1.82 15.86 -59.02
N GLU D 603 1.94 15.82 -57.69
CA GLU D 603 1.72 14.60 -56.92
C GLU D 603 0.98 14.91 -55.63
N ASN D 604 0.53 13.87 -54.92
CA ASN D 604 -0.46 14.03 -53.86
C ASN D 604 -0.19 13.11 -52.68
N ASN D 605 1.08 12.88 -52.30
CA ASN D 605 1.58 11.62 -51.75
C ASN D 605 0.55 10.82 -50.98
N PHE D 606 -0.20 11.51 -50.13
CA PHE D 606 -1.30 10.88 -49.42
C PHE D 606 -2.30 10.33 -50.43
N THR D 607 -2.28 9.02 -50.60
CA THR D 607 -3.38 8.26 -51.14
C THR D 607 -4.28 7.85 -49.99
N LEU D 608 -5.25 7.00 -50.29
CA LEU D 608 -6.03 6.41 -49.22
C LEU D 608 -5.19 5.41 -48.44
N LEU D 609 -4.47 4.54 -49.12
CA LEU D 609 -3.66 3.54 -48.44
C LEU D 609 -2.54 4.18 -47.66
N ASN D 610 -1.83 5.13 -48.26
CA ASN D 610 -0.80 5.88 -47.56
C ASN D 610 -1.33 6.64 -46.35
N SER D 611 -2.64 6.86 -46.25
CA SER D 611 -3.20 7.62 -45.15
C SER D 611 -3.40 6.76 -43.91
N PHE D 612 -3.73 5.47 -44.09
CA PHE D 612 -3.75 4.54 -42.98
C PHE D 612 -2.39 4.58 -42.30
N TRP D 613 -1.37 4.46 -43.14
CA TRP D 613 0.02 4.29 -42.74
C TRP D 613 0.45 5.35 -41.75
N PHE D 614 0.16 6.60 -42.07
CA PHE D 614 0.32 7.70 -41.13
C PHE D 614 -0.45 7.39 -39.85
N GLY D 615 -1.72 7.02 -40.01
CA GLY D 615 -2.58 6.76 -38.88
C GLY D 615 -2.08 5.62 -38.01
N VAL D 616 -1.86 4.46 -38.62
CA VAL D 616 -1.37 3.30 -37.87
C VAL D 616 0.01 3.59 -37.32
N GLY D 617 0.92 4.07 -38.18
CA GLY D 617 2.30 4.24 -37.77
C GLY D 617 2.45 5.27 -36.68
N ALA D 618 1.66 6.34 -36.73
CA ALA D 618 1.70 7.33 -35.69
C ALA D 618 1.22 6.74 -34.37
N LEU D 619 0.22 5.87 -34.44
CA LEU D 619 -0.41 5.35 -33.24
C LEU D 619 0.52 4.43 -32.47
N MET D 620 1.43 3.77 -33.18
CA MET D 620 2.43 2.92 -32.55
C MET D 620 3.76 3.64 -32.34
N GLN D 621 3.81 4.94 -32.62
CA GLN D 621 4.88 5.84 -32.20
C GLN D 621 6.18 5.64 -32.94
N GLN D 622 6.28 4.64 -33.80
CA GLN D 622 7.50 4.49 -34.59
C GLN D 622 7.65 5.63 -35.57
N GLY D 623 6.56 6.30 -35.88
CA GLY D 623 6.62 7.44 -36.79
C GLY D 623 6.87 6.99 -38.20
N SER D 624 6.54 7.85 -39.16
CA SER D 624 6.64 7.50 -40.56
C SER D 624 7.08 8.72 -41.36
N GLU D 625 7.52 8.46 -42.58
CA GLU D 625 7.47 9.41 -43.66
C GLU D 625 6.00 9.65 -44.00
N LEU D 626 5.76 10.46 -45.03
CA LEU D 626 4.48 11.11 -45.29
C LEU D 626 4.28 12.14 -44.18
N MET D 627 5.35 12.77 -43.73
CA MET D 627 5.23 13.82 -42.74
C MET D 627 4.34 14.89 -43.36
N PRO D 628 3.28 15.33 -42.71
CA PRO D 628 2.39 16.27 -43.39
C PRO D 628 3.03 17.59 -43.71
N LYS D 629 2.22 18.45 -44.31
CA LYS D 629 2.63 19.70 -44.93
C LYS D 629 1.33 20.45 -45.08
N ALA D 630 1.36 21.72 -45.48
CA ALA D 630 0.12 22.33 -45.97
C ALA D 630 -0.97 22.39 -44.92
N LEU D 631 -0.89 23.39 -44.04
CA LEU D 631 -1.47 23.45 -42.70
C LEU D 631 -2.69 22.58 -42.41
N SER D 632 -3.64 22.52 -43.35
CA SER D 632 -4.88 21.78 -43.13
C SER D 632 -4.63 20.34 -42.70
N THR D 633 -3.58 19.72 -43.23
CA THR D 633 -3.18 18.41 -42.73
C THR D 633 -2.55 18.48 -41.35
N ARG D 634 -1.86 19.58 -41.04
CA ARG D 634 -1.01 19.61 -39.86
C ARG D 634 -1.82 19.68 -38.57
N ILE D 635 -2.99 20.31 -38.59
CA ILE D 635 -3.86 20.27 -37.43
C ILE D 635 -4.25 18.84 -37.19
N VAL D 636 -4.57 18.12 -38.27
CA VAL D 636 -5.06 16.75 -38.13
C VAL D 636 -4.01 15.87 -37.48
N GLY D 637 -2.80 15.88 -38.03
CA GLY D 637 -1.75 15.03 -37.48
C GLY D 637 -1.37 15.43 -36.07
N GLY D 638 -1.44 16.71 -35.76
CA GLY D 638 -1.12 17.15 -34.40
C GLY D 638 -2.08 16.59 -33.39
N ILE D 639 -3.38 16.73 -33.66
CA ILE D 639 -4.38 16.24 -32.71
C ILE D 639 -4.33 14.72 -32.66
N TRP D 640 -4.02 14.07 -33.77
CA TRP D 640 -3.85 12.63 -33.73
C TRP D 640 -2.70 12.24 -32.83
N TRP D 641 -1.55 12.88 -33.02
CA TRP D 641 -0.38 12.61 -32.18
C TRP D 641 -0.70 12.82 -30.71
N PHE D 642 -1.50 13.84 -30.40
CA PHE D 642 -1.96 14.00 -29.03
C PHE D 642 -2.90 12.87 -28.64
N PHE D 643 -3.68 12.38 -29.59
CA PHE D 643 -4.55 11.23 -29.32
C PHE D 643 -3.72 9.98 -29.09
N THR D 644 -2.56 9.89 -29.75
CA THR D 644 -1.73 8.69 -29.58
C THR D 644 -1.16 8.63 -28.18
N LEU D 645 -0.64 9.76 -27.70
CA LEU D 645 0.19 9.76 -26.50
C LEU D 645 -0.62 9.42 -25.27
N ILE D 646 -1.82 10.00 -25.16
CA ILE D 646 -2.65 9.81 -23.99
C ILE D 646 -3.04 8.34 -23.86
N ILE D 647 -3.30 7.70 -24.99
CA ILE D 647 -3.76 6.32 -24.98
C ILE D 647 -2.64 5.40 -24.52
N ILE D 648 -1.45 5.60 -25.07
CA ILE D 648 -0.31 4.76 -24.70
C ILE D 648 0.06 5.02 -23.25
N SER D 649 0.15 6.30 -22.87
CA SER D 649 0.48 6.64 -21.50
C SER D 649 -0.55 6.10 -20.53
N SER D 650 -1.83 6.13 -20.93
CA SER D 650 -2.88 5.58 -20.08
C SER D 650 -2.77 4.07 -20.02
N TYR D 651 -2.47 3.43 -21.15
CA TYR D 651 -2.25 1.99 -21.15
C TYR D 651 -1.09 1.63 -20.24
N THR D 652 0.01 2.37 -20.35
CA THR D 652 1.18 2.09 -19.54
C THR D 652 0.89 2.30 -18.06
N ALA D 653 0.22 3.39 -17.73
CA ALA D 653 -0.05 3.73 -16.34
C ALA D 653 -0.93 2.68 -15.67
N ASN D 654 -1.74 1.97 -16.44
CA ASN D 654 -2.69 1.02 -15.89
C ASN D 654 -2.09 -0.36 -15.74
N LEU D 655 -1.34 -0.82 -16.74
CA LEU D 655 -0.61 -2.07 -16.62
C LEU D 655 0.38 -2.00 -15.46
N ALA D 656 0.84 -0.80 -15.14
CA ALA D 656 1.58 -0.60 -13.89
C ALA D 656 0.69 -0.92 -12.69
N ALA D 657 -0.51 -0.34 -12.68
CA ALA D 657 -1.37 -0.49 -11.51
C ALA D 657 -1.89 -1.91 -11.37
N PHE D 658 -2.28 -2.55 -12.49
CA PHE D 658 -2.76 -3.91 -12.40
C PHE D 658 -1.67 -4.88 -11.95
N LEU D 659 -0.40 -4.54 -12.17
CA LEU D 659 0.71 -5.37 -11.78
C LEU D 659 1.33 -4.94 -10.46
N THR D 660 0.96 -3.76 -9.96
CA THR D 660 1.27 -3.38 -8.58
C THR D 660 0.23 -3.94 -7.62
N VAL D 661 -1.04 -3.62 -7.88
CA VAL D 661 -2.14 -3.93 -6.97
C VAL D 661 -2.96 -5.02 -7.65
N GLU D 662 -2.87 -6.23 -7.11
CA GLU D 662 -3.56 -7.39 -7.67
C GLU D 662 -4.89 -7.57 -6.93
N ARG D 663 -5.96 -7.00 -7.49
CA ARG D 663 -7.31 -7.24 -6.97
C ARG D 663 -7.86 -8.52 -7.60
N MET D 664 -7.20 -9.61 -7.25
CA MET D 664 -7.52 -10.93 -7.73
C MET D 664 -8.96 -11.30 -7.38
N GLU D 665 -9.78 -11.49 -8.42
CA GLU D 665 -11.21 -11.70 -8.28
C GLU D 665 -11.49 -13.20 -8.16
N SER D 666 -12.77 -13.56 -8.07
CA SER D 666 -13.20 -14.94 -7.89
C SER D 666 -14.26 -15.27 -8.93
N PRO D 667 -14.33 -16.54 -9.40
CA PRO D 667 -15.33 -16.89 -10.43
C PRO D 667 -16.76 -16.67 -9.97
N ILE D 668 -17.14 -17.30 -8.87
CA ILE D 668 -18.51 -17.25 -8.35
C ILE D 668 -18.52 -16.44 -7.06
N ASP D 669 -19.71 -16.00 -6.64
CA ASP D 669 -19.85 -15.27 -5.39
C ASP D 669 -21.11 -15.66 -4.64
N SER D 670 -21.71 -16.80 -4.99
CA SER D 670 -22.95 -17.24 -4.36
C SER D 670 -23.38 -18.60 -4.86
N ALA D 671 -24.40 -19.17 -4.22
CA ALA D 671 -25.01 -20.37 -4.75
C ALA D 671 -25.67 -20.10 -6.09
N ASP D 672 -26.30 -18.94 -6.25
CA ASP D 672 -26.89 -18.57 -7.53
C ASP D 672 -25.84 -18.54 -8.62
N ASP D 673 -24.73 -17.85 -8.37
CA ASP D 673 -23.64 -17.80 -9.33
C ASP D 673 -23.08 -19.20 -9.57
N LEU D 674 -23.01 -20.00 -8.51
CA LEU D 674 -22.53 -21.38 -8.62
C LEU D 674 -23.56 -22.21 -9.36
N ALA D 675 -24.83 -21.90 -9.16
CA ALA D 675 -25.92 -22.71 -9.70
C ALA D 675 -25.97 -22.64 -11.22
N LYS D 676 -25.87 -21.44 -11.78
CA LYS D 676 -25.95 -21.27 -13.22
C LYS D 676 -24.76 -21.87 -13.95
N GLN D 677 -23.71 -22.22 -13.22
CA GLN D 677 -22.48 -22.71 -13.83
C GLN D 677 -22.50 -24.23 -13.90
N THR D 678 -21.75 -24.78 -14.85
CA THR D 678 -21.62 -26.24 -15.00
C THR D 678 -20.17 -26.66 -15.21
N LYS D 679 -19.30 -25.71 -15.53
CA LYS D 679 -17.87 -25.98 -15.53
C LYS D 679 -17.43 -26.45 -14.16
N ILE D 680 -17.94 -25.81 -13.11
CA ILE D 680 -17.65 -26.15 -11.73
C ILE D 680 -18.76 -27.05 -11.24
N GLU D 681 -18.39 -28.07 -10.46
CA GLU D 681 -19.38 -28.97 -9.86
C GLU D 681 -19.71 -28.52 -8.45
N TYR D 682 -20.93 -28.80 -8.01
CA TYR D 682 -21.35 -28.35 -6.69
C TYR D 682 -20.51 -29.00 -5.59
N GLY D 683 -20.76 -30.26 -5.29
CA GLY D 683 -20.17 -30.91 -4.13
C GLY D 683 -21.11 -30.86 -2.94
N ALA D 684 -20.94 -31.85 -2.06
CA ALA D 684 -21.68 -31.96 -0.81
C ALA D 684 -21.18 -33.23 -0.12
N VAL D 685 -21.56 -33.49 1.14
CA VAL D 685 -20.96 -34.65 1.78
C VAL D 685 -21.59 -35.91 1.20
N GLU D 686 -22.66 -36.39 1.83
CA GLU D 686 -23.39 -37.62 1.46
C GLU D 686 -24.31 -37.87 2.65
N ASP D 687 -25.52 -38.41 2.42
CA ASP D 687 -26.46 -38.89 3.44
C ASP D 687 -26.41 -38.14 4.77
N GLY D 688 -26.42 -36.81 4.72
CA GLY D 688 -26.15 -36.02 5.91
C GLY D 688 -26.87 -34.70 6.00
N ALA D 689 -26.35 -33.83 6.87
CA ALA D 689 -26.95 -32.54 7.18
C ALA D 689 -27.16 -31.70 5.92
N THR D 690 -26.06 -31.42 5.23
CA THR D 690 -26.11 -30.60 4.03
C THR D 690 -26.99 -31.25 2.96
N MET D 691 -26.78 -32.54 2.72
CA MET D 691 -27.48 -33.27 1.66
C MET D 691 -28.97 -33.28 1.92
N THR D 692 -29.35 -33.57 3.17
CA THR D 692 -30.75 -33.66 3.55
C THR D 692 -31.52 -32.38 3.21
N PHE D 693 -30.89 -31.23 3.47
CA PHE D 693 -31.51 -29.94 3.28
C PHE D 693 -31.93 -29.71 1.83
N PHE D 694 -30.97 -29.80 0.92
CA PHE D 694 -31.21 -29.46 -0.48
C PHE D 694 -32.22 -30.40 -1.12
N LYS D 695 -32.25 -31.66 -0.69
CA LYS D 695 -33.33 -32.56 -1.09
C LYS D 695 -34.65 -31.97 -0.64
N LYS D 696 -34.76 -31.75 0.66
CA LYS D 696 -36.01 -31.30 1.26
C LYS D 696 -36.27 -29.84 0.96
N SER D 697 -35.27 -29.12 0.47
CA SER D 697 -35.45 -27.71 0.14
C SER D 697 -36.42 -27.57 -1.01
N LYS D 698 -37.01 -26.38 -1.16
CA LYS D 698 -38.05 -26.13 -2.15
C LYS D 698 -37.86 -24.76 -2.81
N ILE D 699 -36.68 -24.16 -2.67
CA ILE D 699 -36.35 -22.91 -3.33
C ILE D 699 -35.73 -23.24 -4.67
N SER D 700 -35.85 -22.31 -5.61
CA SER D 700 -35.44 -22.53 -7.00
C SER D 700 -33.99 -22.95 -7.09
N THR D 701 -33.08 -22.08 -6.64
CA THR D 701 -31.65 -22.33 -6.75
C THR D 701 -31.27 -23.64 -6.07
N TYR D 702 -31.93 -23.96 -4.97
CA TYR D 702 -31.54 -25.11 -4.18
C TYR D 702 -32.24 -26.38 -4.63
N ASP D 703 -33.30 -26.24 -5.44
CA ASP D 703 -33.88 -27.40 -6.11
C ASP D 703 -33.10 -27.74 -7.38
N LYS D 704 -32.60 -26.72 -8.07
CA LYS D 704 -31.82 -26.95 -9.29
C LYS D 704 -30.56 -27.75 -9.01
N MET D 705 -29.98 -27.57 -7.84
CA MET D 705 -28.68 -28.15 -7.55
C MET D 705 -28.79 -29.59 -7.10
N TRP D 706 -29.88 -29.94 -6.42
CA TRP D 706 -30.12 -31.33 -6.11
C TRP D 706 -30.22 -32.17 -7.38
N ALA D 707 -30.69 -31.57 -8.46
CA ALA D 707 -30.80 -32.25 -9.74
C ALA D 707 -29.43 -32.63 -10.27
N PHE D 708 -28.58 -31.62 -10.47
CA PHE D 708 -27.18 -31.85 -10.83
C PHE D 708 -26.53 -32.83 -9.88
N MET D 709 -26.77 -32.64 -8.57
CA MET D 709 -26.15 -33.49 -7.57
C MET D 709 -26.72 -34.91 -7.64
N SER D 710 -28.01 -35.03 -7.89
CA SER D 710 -28.65 -36.33 -8.07
C SER D 710 -28.14 -37.00 -9.34
N SER D 711 -27.96 -36.21 -10.40
CA SER D 711 -27.59 -36.68 -11.73
C SER D 711 -26.39 -37.62 -11.66
N ARG D 712 -25.25 -37.10 -11.22
CA ARG D 712 -24.10 -37.91 -10.84
C ARG D 712 -23.99 -38.06 -9.33
N ARG D 713 -24.79 -38.92 -8.73
CA ARG D 713 -24.68 -39.20 -7.30
C ARG D 713 -23.61 -40.26 -7.06
N GLN D 714 -22.45 -40.13 -7.70
CA GLN D 714 -21.33 -41.03 -7.46
C GLN D 714 -19.97 -40.32 -7.53
N SER D 715 -19.93 -39.05 -7.92
CA SER D 715 -18.67 -38.34 -8.09
C SER D 715 -18.68 -36.89 -7.62
N VAL D 716 -19.84 -36.37 -7.21
CA VAL D 716 -19.92 -35.09 -6.52
C VAL D 716 -20.28 -35.25 -5.06
N LEU D 717 -20.31 -36.47 -4.55
CA LEU D 717 -20.63 -36.73 -3.15
C LEU D 717 -19.56 -37.65 -2.57
N VAL D 718 -18.57 -37.03 -1.96
CA VAL D 718 -17.56 -37.70 -1.18
C VAL D 718 -18.24 -38.40 -0.01
N LYS D 719 -17.58 -39.36 0.61
CA LYS D 719 -18.14 -40.11 1.73
C LYS D 719 -17.42 -39.75 3.02
N SER D 720 -16.84 -38.54 3.06
CA SER D 720 -16.16 -38.03 4.24
C SER D 720 -15.78 -36.58 4.02
N ASN D 721 -15.81 -35.77 5.07
CA ASN D 721 -15.50 -34.36 4.92
C ASN D 721 -14.02 -34.13 4.60
N GLU D 722 -13.13 -34.97 5.13
CA GLU D 722 -11.70 -34.82 4.85
C GLU D 722 -11.42 -34.96 3.37
N GLU D 723 -11.86 -36.07 2.78
CA GLU D 723 -11.73 -36.24 1.34
C GLU D 723 -12.49 -35.16 0.59
N GLY D 724 -13.54 -34.61 1.18
CA GLY D 724 -14.28 -33.54 0.55
C GLY D 724 -13.43 -32.30 0.37
N ILE D 725 -12.61 -32.02 1.37
CA ILE D 725 -11.66 -30.91 1.31
C ILE D 725 -10.75 -31.18 0.13
N GLN D 726 -10.28 -32.42 0.01
CA GLN D 726 -9.26 -32.81 -0.97
C GLN D 726 -9.68 -32.45 -2.39
N ARG D 727 -10.91 -32.83 -2.76
CA ARG D 727 -11.42 -32.62 -4.11
C ARG D 727 -11.33 -31.17 -4.54
N VAL D 728 -11.47 -30.24 -3.59
CA VAL D 728 -11.32 -28.83 -3.88
C VAL D 728 -9.86 -28.55 -4.23
N LEU D 729 -8.95 -29.01 -3.37
CA LEU D 729 -7.52 -28.74 -3.54
C LEU D 729 -7.01 -29.29 -4.87
N THR D 730 -7.17 -30.59 -5.09
CA THR D 730 -6.63 -31.20 -6.29
C THR D 730 -7.47 -30.84 -7.52
N SER D 731 -8.77 -31.11 -7.49
CA SER D 731 -9.62 -30.87 -8.66
C SER D 731 -10.32 -29.52 -8.58
N ASP D 732 -11.25 -29.30 -9.50
CA ASP D 732 -12.16 -28.16 -9.45
C ASP D 732 -13.50 -28.61 -8.90
N TYR D 733 -13.94 -27.95 -7.83
CA TYR D 733 -14.98 -28.49 -6.95
C TYR D 733 -15.32 -27.41 -5.92
N ALA D 734 -16.50 -27.45 -5.31
CA ALA D 734 -16.89 -26.41 -4.37
C ALA D 734 -17.74 -26.97 -3.23
N PHE D 735 -17.07 -27.45 -2.18
CA PHE D 735 -17.67 -28.32 -1.19
C PHE D 735 -18.63 -27.56 -0.30
N LEU D 736 -19.67 -28.26 0.16
CA LEU D 736 -20.75 -27.71 0.97
C LEU D 736 -20.73 -28.39 2.33
N MET D 737 -20.49 -27.59 3.36
CA MET D 737 -20.50 -28.08 4.73
C MET D 737 -21.07 -26.99 5.64
N GLU D 738 -20.83 -27.17 6.93
CA GLU D 738 -21.23 -26.21 7.95
C GLU D 738 -20.18 -25.10 8.10
N SER D 739 -20.66 -23.90 8.44
CA SER D 739 -19.80 -22.71 8.42
C SER D 739 -18.61 -22.81 9.37
N THR D 740 -18.72 -23.60 10.43
CA THR D 740 -17.69 -23.59 11.45
C THR D 740 -16.47 -24.39 11.03
N THR D 741 -16.69 -25.58 10.50
CA THR D 741 -15.61 -26.39 9.98
C THR D 741 -14.85 -25.65 8.87
N ILE D 742 -15.55 -24.81 8.12
CA ILE D 742 -14.95 -24.05 7.04
C ILE D 742 -13.96 -23.07 7.65
N GLU D 743 -14.43 -22.34 8.65
CA GLU D 743 -13.59 -21.35 9.33
C GLU D 743 -12.32 -22.00 9.87
N PHE D 744 -12.42 -23.24 10.34
CA PHE D 744 -11.27 -23.95 10.83
C PHE D 744 -10.32 -24.29 9.70
N VAL D 745 -10.84 -24.95 8.67
CA VAL D 745 -10.07 -25.35 7.50
C VAL D 745 -9.49 -24.10 6.84
N THR D 746 -10.29 -23.04 6.80
CA THR D 746 -9.89 -21.76 6.23
C THR D 746 -8.58 -21.26 6.80
N GLN D 747 -8.47 -21.23 8.13
CA GLN D 747 -7.32 -20.63 8.79
C GLN D 747 -6.09 -21.53 8.65
N ARG D 748 -6.27 -22.83 8.86
CA ARG D 748 -5.15 -23.76 8.87
C ARG D 748 -4.43 -23.76 7.52
N ASN D 749 -5.15 -23.99 6.43
CA ASN D 749 -4.58 -23.84 5.11
C ASN D 749 -4.67 -22.36 4.74
N CYS D 750 -4.27 -21.98 3.52
CA CYS D 750 -4.27 -20.58 3.11
C CYS D 750 -5.03 -20.39 1.80
N ASN D 751 -5.43 -21.49 1.16
CA ASN D 751 -6.00 -21.46 -0.19
C ASN D 751 -7.48 -21.76 -0.22
N LEU D 752 -8.09 -22.02 0.94
CA LEU D 752 -9.50 -22.36 1.04
C LEU D 752 -10.25 -21.22 1.71
N THR D 753 -11.40 -20.87 1.15
CA THR D 753 -12.09 -19.64 1.54
C THR D 753 -13.60 -19.87 1.49
N GLN D 754 -14.31 -18.91 2.09
CA GLN D 754 -15.75 -19.01 2.31
C GLN D 754 -16.48 -18.16 1.26
N ILE D 755 -16.74 -18.79 0.12
CA ILE D 755 -17.37 -18.12 -1.00
C ILE D 755 -18.85 -17.93 -0.66
N GLY D 756 -19.23 -16.70 -0.32
CA GLY D 756 -20.62 -16.34 -0.14
C GLY D 756 -20.97 -16.01 1.29
N GLY D 757 -22.13 -16.49 1.73
CA GLY D 757 -22.61 -16.26 3.07
C GLY D 757 -23.15 -17.52 3.70
N LEU D 758 -24.19 -17.37 4.52
CA LEU D 758 -24.78 -18.47 5.27
C LEU D 758 -26.16 -18.79 4.72
N ILE D 759 -26.28 -19.94 4.09
CA ILE D 759 -27.52 -20.35 3.44
C ILE D 759 -28.57 -20.67 4.49
N ASP D 760 -28.31 -21.71 5.27
CA ASP D 760 -29.26 -22.22 6.24
C ASP D 760 -28.99 -21.51 7.55
N SER D 761 -29.69 -21.91 8.61
CA SER D 761 -29.32 -21.48 9.95
C SER D 761 -29.61 -22.60 10.94
N LYS D 762 -28.67 -22.81 11.85
CA LYS D 762 -28.76 -23.86 12.84
C LYS D 762 -28.13 -23.33 14.11
N GLY D 763 -27.94 -24.18 15.09
CA GLY D 763 -27.21 -23.80 16.28
C GLY D 763 -26.87 -25.01 17.12
N TYR D 764 -25.61 -25.13 17.49
CA TYR D 764 -25.22 -26.18 18.40
C TYR D 764 -25.75 -25.89 19.79
N GLY D 765 -26.04 -26.93 20.54
CA GLY D 765 -26.59 -26.78 21.87
C GLY D 765 -26.33 -27.98 22.75
N VAL D 766 -26.15 -27.71 24.04
CA VAL D 766 -25.77 -28.75 24.99
C VAL D 766 -26.94 -29.69 25.21
N GLY D 767 -26.67 -30.99 25.17
CA GLY D 767 -27.70 -31.98 25.36
C GLY D 767 -28.16 -32.05 26.79
N THR D 768 -29.35 -32.60 27.00
CA THR D 768 -29.91 -32.74 28.34
C THR D 768 -31.04 -33.75 28.27
N PRO D 769 -31.19 -34.66 29.23
CA PRO D 769 -32.34 -35.57 29.19
C PRO D 769 -33.65 -34.81 29.37
N MET D 770 -34.74 -35.49 29.02
CA MET D 770 -36.05 -34.88 29.08
C MET D 770 -36.44 -34.57 30.54
N GLY D 771 -36.93 -33.35 30.74
CA GLY D 771 -37.45 -32.96 32.03
C GLY D 771 -36.41 -32.46 33.01
N SER D 772 -35.15 -32.83 32.79
CA SER D 772 -34.06 -32.50 33.67
C SER D 772 -33.94 -30.99 33.86
N PRO D 773 -33.71 -30.49 35.09
CA PRO D 773 -33.57 -29.05 35.26
C PRO D 773 -32.26 -28.50 34.70
N TYR D 774 -31.29 -29.36 34.39
CA TYR D 774 -29.99 -28.88 33.94
C TYR D 774 -30.06 -28.13 32.62
N ARG D 775 -31.18 -28.23 31.89
CA ARG D 775 -31.39 -27.38 30.73
C ARG D 775 -31.43 -25.92 31.15
N ASP D 776 -32.43 -25.56 31.96
CA ASP D 776 -32.62 -24.16 32.35
C ASP D 776 -31.45 -23.64 33.16
N LYS D 777 -30.73 -24.53 33.84
CA LYS D 777 -29.62 -24.13 34.69
C LYS D 777 -28.47 -23.67 33.81
N ILE D 778 -28.26 -24.36 32.69
CA ILE D 778 -27.24 -24.00 31.71
C ILE D 778 -27.73 -22.83 30.88
N THR D 779 -29.04 -22.75 30.67
CA THR D 779 -29.64 -21.74 29.83
C THR D 779 -29.24 -20.34 30.29
N ILE D 780 -29.32 -20.09 31.59
CA ILE D 780 -28.83 -18.82 32.14
C ILE D 780 -27.33 -18.74 32.03
N ALA D 781 -26.65 -19.88 32.09
CA ALA D 781 -25.20 -19.91 32.08
C ALA D 781 -24.65 -19.39 30.76
N ILE D 782 -25.19 -19.89 29.66
CA ILE D 782 -24.67 -19.52 28.35
C ILE D 782 -25.01 -18.06 28.05
N LEU D 783 -26.22 -17.64 28.41
CA LEU D 783 -26.59 -16.24 28.28
C LEU D 783 -25.65 -15.36 29.09
N GLN D 784 -25.39 -15.75 30.33
CA GLN D 784 -24.49 -15.00 31.19
C GLN D 784 -23.10 -14.94 30.60
N LEU D 785 -22.57 -16.10 30.22
CA LEU D 785 -21.18 -16.22 29.81
C LEU D 785 -20.89 -15.42 28.54
N GLN D 786 -21.92 -15.20 27.71
CA GLN D 786 -21.75 -14.38 26.52
C GLN D 786 -21.67 -12.91 26.87
N GLU D 787 -22.63 -12.43 27.67
CA GLU D 787 -22.71 -11.01 28.04
C GLU D 787 -21.39 -10.55 28.63
N GLU D 788 -20.73 -11.44 29.36
CA GLU D 788 -19.33 -11.24 29.70
C GLU D 788 -18.50 -11.04 28.44
N GLY D 789 -18.55 -12.01 27.52
CA GLY D 789 -17.84 -11.97 26.27
C GLY D 789 -16.99 -13.19 26.02
N LYS D 790 -17.11 -14.20 26.89
CA LYS D 790 -16.15 -15.30 26.88
C LYS D 790 -16.29 -16.20 25.67
N LEU D 791 -17.51 -16.48 25.21
CA LEU D 791 -17.69 -17.36 24.06
C LEU D 791 -16.97 -16.81 22.85
N HIS D 792 -17.04 -15.51 22.65
CA HIS D 792 -16.26 -14.87 21.60
C HIS D 792 -14.76 -15.02 21.87
N MET D 793 -14.34 -14.76 23.10
CA MET D 793 -12.94 -14.96 23.45
C MET D 793 -12.54 -16.42 23.22
N MET D 794 -13.37 -17.35 23.68
CA MET D 794 -13.17 -18.77 23.40
C MET D 794 -13.15 -19.02 21.91
N LYS D 795 -13.98 -18.30 21.15
CA LYS D 795 -14.01 -18.50 19.71
C LYS D 795 -12.66 -18.12 19.13
N GLU D 796 -12.13 -16.99 19.54
CA GLU D 796 -10.86 -16.53 19.00
C GLU D 796 -9.75 -17.52 19.37
N LYS D 797 -9.92 -18.24 20.46
CA LYS D 797 -8.88 -19.14 20.95
C LYS D 797 -8.60 -20.28 19.98
N TRP D 798 -9.58 -21.15 19.78
CA TRP D 798 -9.32 -22.47 19.22
C TRP D 798 -9.58 -22.58 17.72
N TRP D 799 -10.18 -21.56 17.11
CA TRP D 799 -10.40 -21.53 15.67
C TRP D 799 -9.24 -20.84 14.97
N ARG D 800 -8.82 -19.66 15.45
CA ARG D 800 -7.65 -18.99 14.90
C ARG D 800 -6.45 -19.92 15.03
N GLY D 801 -5.54 -19.84 14.06
CA GLY D 801 -4.36 -20.68 14.04
C GLY D 801 -3.11 -19.89 13.72
N ASN D 802 -2.41 -20.29 12.67
CA ASN D 802 -1.35 -19.49 12.09
C ASN D 802 -1.86 -18.08 11.81
N GLY D 803 -3.09 -17.97 11.34
CA GLY D 803 -3.70 -16.72 10.99
C GLY D 803 -3.45 -16.30 9.57
N CYS D 804 -2.99 -17.24 8.72
CA CYS D 804 -2.23 -16.99 7.49
C CYS D 804 -2.84 -15.90 6.62
N PRO D 805 -2.30 -14.66 6.68
CA PRO D 805 -2.88 -13.56 5.92
C PRO D 805 -2.10 -13.17 4.68
N GLU D 806 -1.12 -13.98 4.24
CA GLU D 806 0.20 -13.49 3.84
C GLU D 806 0.21 -12.08 3.24
N GLU D 807 -0.45 -11.89 2.10
CA GLU D 807 -0.63 -10.58 1.46
C GLU D 807 0.64 -9.74 1.47
N GLU D 808 1.77 -10.38 1.17
CA GLU D 808 3.08 -9.75 1.32
C GLU D 808 3.38 -8.91 0.08
N SER D 809 2.47 -7.97 -0.19
CA SER D 809 2.59 -7.04 -1.31
C SER D 809 2.55 -7.73 -2.68
N LYS D 810 2.32 -9.04 -2.73
CA LYS D 810 2.43 -9.80 -3.97
C LYS D 810 3.79 -9.56 -4.63
N GLU D 811 4.81 -10.18 -4.01
CA GLU D 811 6.20 -10.04 -4.42
C GLU D 811 6.28 -10.16 -5.94
N ALA D 812 6.66 -9.05 -6.58
CA ALA D 812 6.28 -8.82 -7.97
C ALA D 812 6.90 -9.86 -8.88
N SER D 813 6.20 -10.19 -9.96
CA SER D 813 6.47 -11.39 -10.73
C SER D 813 7.07 -11.01 -12.08
N ALA D 814 8.08 -11.76 -12.48
CA ALA D 814 8.70 -11.62 -13.78
C ALA D 814 7.65 -11.96 -14.83
N LEU D 815 7.22 -10.94 -15.58
CA LEU D 815 6.22 -11.13 -16.62
C LEU D 815 6.67 -12.19 -17.60
N GLY D 816 5.75 -13.05 -18.02
CA GLY D 816 6.12 -14.25 -18.74
C GLY D 816 5.09 -14.70 -19.75
N VAL D 817 5.21 -15.98 -20.11
CA VAL D 817 4.48 -16.59 -21.22
C VAL D 817 2.98 -16.48 -20.95
N GLN D 818 2.59 -16.64 -19.69
CA GLN D 818 1.18 -16.65 -19.35
C GLN D 818 0.62 -15.25 -19.53
N ASN D 819 1.11 -14.33 -18.71
CA ASN D 819 0.55 -12.99 -18.61
C ASN D 819 0.57 -12.26 -19.94
N ILE D 820 1.59 -12.51 -20.77
CA ILE D 820 1.57 -12.15 -22.17
C ILE D 820 2.04 -13.33 -23.00
N GLY D 821 1.14 -13.85 -23.81
CA GLY D 821 1.50 -14.74 -24.90
C GLY D 821 0.86 -14.32 -26.20
N GLY D 822 -0.22 -13.57 -26.13
CA GLY D 822 -1.00 -13.25 -27.31
C GLY D 822 -0.32 -12.28 -28.24
N ILE D 823 0.58 -11.45 -27.69
CA ILE D 823 1.38 -10.57 -28.53
C ILE D 823 2.25 -11.37 -29.49
N PHE D 824 2.66 -12.58 -29.07
CA PHE D 824 3.31 -13.48 -30.00
C PHE D 824 2.32 -14.09 -30.98
N ILE D 825 1.06 -14.18 -30.59
CA ILE D 825 0.04 -14.82 -31.42
C ILE D 825 -0.46 -13.86 -32.49
N VAL D 826 -0.76 -12.62 -32.10
CA VAL D 826 -1.13 -11.61 -33.10
C VAL D 826 0.01 -11.39 -34.07
N LEU D 827 1.25 -11.57 -33.60
CA LEU D 827 2.40 -11.51 -34.50
C LEU D 827 2.30 -12.59 -35.55
N ALA D 828 2.35 -13.86 -35.13
CA ALA D 828 2.27 -14.97 -36.07
C ALA D 828 0.96 -14.95 -36.85
N ALA D 829 -0.08 -14.33 -36.31
CA ALA D 829 -1.30 -14.11 -37.07
C ALA D 829 -1.02 -13.20 -38.27
N GLY D 830 -0.43 -12.04 -38.01
CA GLY D 830 -0.23 -11.07 -39.07
C GLY D 830 0.77 -11.53 -40.11
N LEU D 831 1.82 -12.23 -39.67
CA LEU D 831 2.82 -12.71 -40.61
C LEU D 831 2.21 -13.66 -41.63
N VAL D 832 1.29 -14.51 -41.18
CA VAL D 832 0.59 -15.40 -42.09
C VAL D 832 -0.33 -14.60 -43.00
N LEU D 833 -0.96 -13.56 -42.45
CA LEU D 833 -1.80 -12.69 -43.28
C LEU D 833 -0.97 -11.94 -44.30
N SER D 834 0.31 -11.71 -44.01
CA SER D 834 1.16 -10.98 -44.95
C SER D 834 1.54 -11.86 -46.13
N VAL D 835 1.74 -13.15 -45.89
CA VAL D 835 2.12 -14.07 -46.96
C VAL D 835 0.94 -14.19 -47.91
N PHE D 836 -0.28 -14.28 -47.37
CA PHE D 836 -1.46 -14.54 -48.19
C PHE D 836 -1.79 -13.33 -49.07
N VAL D 837 -1.59 -12.12 -48.55
CA VAL D 837 -1.81 -10.92 -49.35
C VAL D 837 -0.66 -10.77 -50.33
N ALA D 838 0.53 -11.21 -49.93
CA ALA D 838 1.71 -11.03 -50.77
C ALA D 838 1.63 -11.89 -52.02
N VAL D 839 1.28 -13.16 -51.84
CA VAL D 839 1.00 -14.03 -52.99
C VAL D 839 -0.18 -13.41 -53.75
N GLY D 840 -1.12 -12.82 -53.01
CA GLY D 840 -2.22 -12.10 -53.62
C GLY D 840 -1.75 -10.97 -54.51
N GLU D 841 -0.87 -10.12 -53.99
CA GLU D 841 -0.26 -9.07 -54.80
C GLU D 841 0.39 -9.63 -56.05
N PHE D 842 1.17 -10.69 -55.87
CA PHE D 842 1.94 -11.32 -56.93
C PHE D 842 1.04 -11.72 -58.10
N LEU D 843 -0.05 -12.41 -57.80
CA LEU D 843 -0.98 -12.83 -58.84
C LEU D 843 -1.67 -11.65 -59.50
N TYR D 844 -2.13 -10.70 -58.69
CA TYR D 844 -2.94 -9.58 -59.18
C TYR D 844 -2.22 -8.79 -60.26
N LYS D 845 -1.04 -8.25 -59.93
CA LYS D 845 -0.29 -7.49 -60.93
C LYS D 845 0.26 -8.37 -62.02
N SER D 846 0.58 -9.63 -61.72
CA SER D 846 1.04 -10.55 -62.76
C SER D 846 -0.04 -10.79 -63.81
N LYS D 847 -1.31 -10.61 -63.43
CA LYS D 847 -2.40 -10.66 -64.41
C LYS D 847 -2.69 -9.30 -64.99
N LYS D 848 -2.31 -8.22 -64.29
CA LYS D 848 -2.35 -6.89 -64.91
C LYS D 848 -1.13 -6.65 -65.78
N ASN D 849 -0.10 -7.48 -65.65
CA ASN D 849 0.89 -7.57 -66.72
C ASN D 849 0.17 -8.04 -67.97
N ALA D 850 -0.51 -9.18 -67.86
CA ALA D 850 -1.13 -9.89 -68.98
C ALA D 850 -2.03 -9.02 -69.84
N GLN D 851 -2.59 -7.96 -69.25
CA GLN D 851 -3.36 -6.97 -69.99
C GLN D 851 -2.54 -6.43 -71.15
N LEU D 852 -1.34 -5.90 -70.85
CA LEU D 852 -0.42 -5.45 -71.89
C LEU D 852 0.50 -6.58 -72.33
N GLU D 853 0.83 -7.48 -71.41
CA GLU D 853 1.82 -8.54 -71.62
C GLU D 853 1.16 -9.74 -72.30
N LYS D 854 1.91 -10.83 -72.51
CA LYS D 854 1.41 -12.07 -73.07
C LYS D 854 0.55 -12.83 -72.05
N ARG D 855 0.26 -14.11 -72.30
CA ARG D 855 -1.01 -14.71 -71.91
C ARG D 855 -1.31 -14.72 -70.41
N SER D 856 -0.87 -15.74 -69.65
CA SER D 856 -1.00 -15.72 -68.20
C SER D 856 0.23 -16.24 -67.46
N PHE D 857 0.56 -17.51 -67.71
CA PHE D 857 1.62 -18.19 -66.97
C PHE D 857 3.00 -17.82 -67.51
N CYS D 858 3.07 -17.14 -68.64
CA CYS D 858 4.28 -16.46 -69.06
C CYS D 858 4.75 -15.54 -67.94
N SER D 859 3.92 -14.54 -67.61
CA SER D 859 4.25 -13.53 -66.61
C SER D 859 4.57 -14.17 -65.26
N ALA D 860 3.96 -15.34 -64.98
CA ALA D 860 4.28 -16.09 -63.77
C ALA D 860 5.76 -16.44 -63.76
N MET D 861 6.22 -17.23 -64.73
CA MET D 861 7.59 -17.69 -64.76
C MET D 861 8.56 -16.53 -64.92
N VAL D 862 8.15 -15.48 -65.63
CA VAL D 862 8.98 -14.30 -65.80
C VAL D 862 9.27 -13.70 -64.43
N GLU D 863 8.21 -13.47 -63.65
CA GLU D 863 8.39 -12.80 -62.36
C GLU D 863 8.87 -13.76 -61.27
N GLU D 864 8.51 -15.04 -61.35
CA GLU D 864 9.06 -16.01 -60.41
C GLU D 864 10.57 -16.11 -60.56
N LEU D 865 11.06 -16.18 -61.81
CA LEU D 865 12.49 -16.17 -62.07
C LEU D 865 13.08 -14.76 -62.04
N ARG D 866 12.24 -13.71 -62.04
CA ARG D 866 12.75 -12.38 -61.76
C ARG D 866 13.33 -12.31 -60.35
N MET D 867 12.79 -13.12 -59.44
CA MET D 867 13.34 -13.22 -58.10
C MET D 867 14.61 -14.04 -58.11
N SER D 868 14.72 -14.98 -59.05
CA SER D 868 15.89 -15.85 -59.11
C SER D 868 17.09 -15.20 -59.79
N LEU D 869 17.03 -13.92 -60.12
CA LEU D 869 18.22 -13.22 -60.61
C LEU D 869 19.29 -13.21 -59.52
N LYS D 870 18.85 -13.13 -58.25
CA LYS D 870 19.74 -13.21 -57.10
C LYS D 870 20.74 -12.06 -57.10
N CYS D 871 20.25 -10.82 -57.21
CA CYS D 871 21.09 -9.65 -57.03
C CYS D 871 20.21 -8.41 -56.88
N GLN D 872 20.81 -7.23 -56.87
CA GLN D 872 20.09 -5.97 -56.67
C GLN D 872 19.78 -5.31 -58.01
N ARG D 873 19.60 -6.11 -59.06
CA ARG D 873 19.39 -5.55 -60.39
C ARG D 873 18.47 -6.47 -61.19
N ARG D 874 17.28 -5.97 -61.50
CA ARG D 874 16.26 -6.65 -62.29
C ARG D 874 16.10 -8.14 -61.99
#